data_9E9J
#
_entry.id   9E9J
#
_cell.length_a   61.002
_cell.length_b   130.364
_cell.length_c   164.195
_cell.angle_alpha   90.00
_cell.angle_beta   90.00
_cell.angle_gamma   90.00
#
_symmetry.space_group_name_H-M   'P 21 21 21'
#
loop_
_entity.id
_entity.type
_entity.pdbx_description
1 polymer 'L-allo-threonine aldolase'
2 non-polymer 'CALCIUM ION'
3 non-polymer DI(HYDROXYETHYL)ETHER
4 water water
#
_entity_poly.entity_id   1
_entity_poly.type   'polypeptide(L)'
_entity_poly.pdbx_seq_one_letter_code
;MIDLRSDTVTKPTEEMRKAMAQAEVGDDVYGEDPTINELERLAAETFGKEAALFVPSGTMGNQVSIMAHTQRGDEVILEA
DSHIFWAEVGAMAVLSGVMPHPVPGKNGAMDPDDVRKAIRDGNIHFPRTSLIAIENTHNRSGGRVVPLENIKEICTIAKE
HGINVHIDGARIFNASIASGVPVKEYAGYADSVMFCLS(LLP)GLCAPVGSVVVGDRDFIERARKARKMLGGGMRQAGVL
AAAGIIALTKMVDRLKEDHENARFLALKLKEIGYSVNPEDVKTNMVILRTDNLKVNAHGFIEALRNSGVLAEAVSDTEIR
LVTHKDVSRNDIEEALNIFEKLFSQVQHHHHHH
;
_entity_poly.pdbx_strand_id   A,B,C,D
#
loop_
_chem_comp.id
_chem_comp.type
_chem_comp.name
_chem_comp.formula
CA non-polymer 'CALCIUM ION' 'Ca 2'
PEG non-polymer DI(HYDROXYETHYL)ETHER 'C4 H10 O3'
#
# COMPACT_ATOMS: atom_id res chain seq x y z
N MET A 1 -34.04 16.92 23.70
CA MET A 1 -33.19 15.75 23.51
C MET A 1 -32.12 15.65 24.61
N ILE A 2 -31.71 14.44 24.94
CA ILE A 2 -30.55 14.21 25.80
C ILE A 2 -29.62 13.26 25.07
N ASP A 3 -28.37 13.69 24.87
CA ASP A 3 -27.45 13.03 23.96
C ASP A 3 -26.39 12.25 24.76
N LEU A 4 -26.59 10.94 24.88
CA LEU A 4 -25.63 10.08 25.56
C LEU A 4 -24.89 9.14 24.61
N ARG A 5 -24.86 9.45 23.31
CA ARG A 5 -24.16 8.63 22.33
C ARG A 5 -22.65 8.63 22.54
N SER A 6 -22.08 9.80 22.78
CA SER A 6 -20.62 9.92 22.87
C SER A 6 -20.30 11.25 23.54
N ASP A 7 -19.07 11.37 24.04
CA ASP A 7 -18.60 12.69 24.47
C ASP A 7 -18.05 13.52 23.32
N THR A 8 -18.04 13.00 22.08
CA THR A 8 -17.67 13.85 20.95
C THR A 8 -18.70 14.94 20.70
N VAL A 9 -19.93 14.80 21.19
CA VAL A 9 -20.98 15.78 20.94
C VAL A 9 -20.80 17.06 21.74
N THR A 10 -19.77 17.15 22.57
CA THR A 10 -19.56 18.34 23.38
C THR A 10 -19.38 19.57 22.50
N LYS A 11 -20.05 20.68 22.91
CA LYS A 11 -19.99 21.98 22.25
C LYS A 11 -18.98 22.90 22.93
N PRO A 12 -18.36 23.83 22.20
CA PRO A 12 -17.38 24.72 22.83
C PRO A 12 -17.99 25.55 23.94
N THR A 13 -17.21 25.77 25.00
CA THR A 13 -17.64 26.70 26.05
C THR A 13 -17.47 28.15 25.58
N GLU A 14 -18.19 29.05 26.25
CA GLU A 14 -18.13 30.47 25.91
C GLU A 14 -16.68 30.96 25.89
N GLU A 15 -15.89 30.57 26.89
CA GLU A 15 -14.46 30.85 26.87
C GLU A 15 -13.81 30.39 25.58
N MET A 16 -14.14 29.17 25.11
CA MET A 16 -13.56 28.67 23.86
C MET A 16 -14.01 29.53 22.67
N ARG A 17 -15.31 29.81 22.58
CA ARG A 17 -15.79 30.62 21.46
C ARG A 17 -15.08 31.97 21.41
N LYS A 18 -14.86 32.59 22.58
CA LYS A 18 -14.11 33.84 22.65
C LYS A 18 -12.68 33.65 22.15
N ALA A 19 -12.01 32.59 22.61
CA ALA A 19 -10.62 32.34 22.24
C ALA A 19 -10.48 32.14 20.72
N MET A 20 -11.33 31.29 20.14
CA MET A 20 -11.32 31.11 18.68
C MET A 20 -11.53 32.43 17.96
N ALA A 21 -12.35 33.31 18.53
CA ALA A 21 -12.69 34.55 17.86
C ALA A 21 -11.45 35.42 17.63
N GLN A 22 -10.55 35.48 18.61
CA GLN A 22 -9.38 36.31 18.45
C GLN A 22 -8.10 35.51 18.61
N ALA A 23 -8.08 34.29 18.08
CA ALA A 23 -6.84 33.53 17.99
C ALA A 23 -5.84 34.30 17.14
N GLU A 24 -4.59 34.36 17.61
CA GLU A 24 -3.52 34.88 16.77
C GLU A 24 -3.02 33.73 15.90
N VAL A 25 -3.13 33.88 14.58
CA VAL A 25 -2.93 32.77 13.65
C VAL A 25 -1.80 33.10 12.68
N GLY A 26 -1.34 32.06 12.00
CA GLY A 26 -0.42 32.13 10.88
C GLY A 26 -0.52 30.84 10.12
N ASP A 27 0.37 30.67 9.14
CA ASP A 27 0.34 29.52 8.23
C ASP A 27 1.11 28.37 8.89
N ASP A 28 0.36 27.37 9.37
CA ASP A 28 0.99 26.23 10.05
C ASP A 28 1.86 25.39 9.13
N VAL A 29 1.76 25.56 7.81
CA VAL A 29 2.66 24.80 6.95
C VAL A 29 4.06 25.38 7.02
N TYR A 30 4.22 26.67 7.37
CA TYR A 30 5.54 27.21 7.68
C TYR A 30 5.85 27.16 9.16
N GLY A 31 5.06 26.41 9.94
CA GLY A 31 5.20 26.48 11.38
C GLY A 31 5.04 27.87 11.97
N GLU A 32 4.24 28.74 11.32
CA GLU A 32 4.13 30.14 11.73
C GLU A 32 2.83 30.45 12.46
N ASP A 33 2.06 29.45 12.86
CA ASP A 33 0.84 29.76 13.62
C ASP A 33 1.17 29.80 15.10
N PRO A 34 1.16 30.98 15.73
CA PRO A 34 1.64 31.07 17.12
C PRO A 34 0.75 30.36 18.12
N THR A 35 -0.52 30.16 17.78
CA THR A 35 -1.45 29.49 18.70
C THR A 35 -1.30 27.97 18.62
N ILE A 36 -1.13 27.42 17.40
CA ILE A 36 -0.75 26.02 17.25
C ILE A 36 0.54 25.75 18.02
N ASN A 37 1.54 26.61 17.83
CA ASN A 37 2.84 26.37 18.43
C ASN A 37 2.74 26.33 19.95
N GLU A 38 1.98 27.26 20.52
CA GLU A 38 1.76 27.25 21.97
C GLU A 38 1.04 25.98 22.40
N LEU A 39 -0.01 25.57 21.66
CA LEU A 39 -0.73 24.36 22.02
C LEU A 39 0.20 23.15 22.03
N GLU A 40 1.05 23.04 21.02
CA GLU A 40 2.00 21.93 20.97
C GLU A 40 2.98 22.01 22.14
N ARG A 41 3.48 23.22 22.44
CA ARG A 41 4.42 23.37 23.54
C ARG A 41 3.80 22.95 24.86
N LEU A 42 2.57 23.40 25.12
CA LEU A 42 1.87 23.02 26.35
C LEU A 42 1.60 21.52 26.39
N ALA A 43 1.21 20.93 25.26
CA ALA A 43 0.97 19.48 25.19
C ALA A 43 2.24 18.71 25.51
N ALA A 44 3.36 19.06 24.86
CA ALA A 44 4.64 18.42 25.16
C ALA A 44 4.99 18.54 26.63
N GLU A 45 4.87 19.77 27.17
CA GLU A 45 5.17 20.00 28.56
C GLU A 45 4.26 19.18 29.47
N THR A 46 2.96 19.12 29.14
CA THR A 46 2.02 18.40 30.00
C THR A 46 2.35 16.92 30.07
N PHE A 47 2.83 16.34 28.98
CA PHE A 47 3.15 14.93 28.94
C PHE A 47 4.65 14.65 29.11
N GLY A 48 5.47 15.68 29.33
CA GLY A 48 6.88 15.41 29.55
C GLY A 48 7.63 14.93 28.32
N LYS A 49 7.27 15.41 27.15
CA LYS A 49 7.90 14.98 25.91
C LYS A 49 8.58 16.15 25.21
N GLU A 50 9.49 15.82 24.30
CA GLU A 50 10.19 16.86 23.57
C GLU A 50 9.28 17.66 22.64
N ALA A 51 8.27 17.03 22.03
CA ALA A 51 7.52 17.75 21.00
C ALA A 51 6.11 17.19 20.87
N ALA A 52 5.30 17.89 20.07
CA ALA A 52 3.90 17.56 19.92
C ALA A 52 3.45 17.99 18.53
N LEU A 53 2.33 17.43 18.09
CA LEU A 53 1.80 17.67 16.75
C LEU A 53 0.29 17.69 16.81
N PHE A 54 -0.30 18.85 16.48
CA PHE A 54 -1.75 18.99 16.40
C PHE A 54 -2.27 18.33 15.13
N VAL A 55 -3.36 17.58 15.26
CA VAL A 55 -3.98 16.89 14.13
C VAL A 55 -5.48 17.11 14.18
N PRO A 56 -6.15 17.09 13.03
CA PRO A 56 -7.59 17.35 13.01
C PRO A 56 -8.46 16.23 13.57
N SER A 57 -7.89 15.07 13.93
CA SER A 57 -8.70 13.99 14.51
C SER A 57 -7.79 13.02 15.24
N GLY A 58 -8.39 12.30 16.19
CA GLY A 58 -7.67 11.24 16.86
C GLY A 58 -7.30 10.12 15.91
N THR A 59 -8.19 9.80 14.97
CA THR A 59 -7.83 8.82 13.94
C THR A 59 -6.53 9.25 13.24
N MET A 60 -6.42 10.52 12.85
CA MET A 60 -5.17 10.93 12.20
C MET A 60 -4.01 10.83 13.17
N GLY A 61 -4.26 11.11 14.45
CA GLY A 61 -3.20 11.04 15.44
C GLY A 61 -2.62 9.64 15.54
N ASN A 62 -3.49 8.63 15.64
CA ASN A 62 -3.00 7.25 15.70
C ASN A 62 -2.28 6.88 14.41
N GLN A 63 -2.85 7.23 13.25
CA GLN A 63 -2.28 6.72 12.00
C GLN A 63 -0.98 7.43 11.63
N VAL A 64 -0.80 8.71 11.99
CA VAL A 64 0.53 9.27 11.73
C VAL A 64 1.52 8.70 12.72
N SER A 65 1.06 8.35 13.93
CA SER A 65 1.95 7.69 14.88
C SER A 65 2.43 6.35 14.31
N ILE A 66 1.50 5.56 13.75
CA ILE A 66 1.83 4.25 13.21
C ILE A 66 2.79 4.39 12.03
N MET A 67 2.48 5.32 11.11
CA MET A 67 3.36 5.57 9.97
C MET A 67 4.79 5.91 10.42
N ALA A 68 4.90 6.79 11.40
CA ALA A 68 6.21 7.27 11.85
C ALA A 68 6.94 6.22 12.67
N HIS A 69 6.24 5.23 13.20
CA HIS A 69 6.85 4.21 14.03
C HIS A 69 7.31 3.01 13.23
N THR A 70 6.92 2.89 11.96
CA THR A 70 6.97 1.60 11.26
C THR A 70 7.51 1.75 9.85
N GLN A 71 7.87 0.60 9.26
CA GLN A 71 8.11 0.48 7.84
C GLN A 71 7.11 -0.51 7.28
N ARG A 72 7.03 -0.57 5.96
CA ARG A 72 6.08 -1.49 5.34
C ARG A 72 6.36 -2.92 5.79
N GLY A 73 5.30 -3.70 5.98
CA GLY A 73 5.47 -5.08 6.36
C GLY A 73 5.56 -5.35 7.85
N ASP A 74 5.80 -4.33 8.68
CA ASP A 74 5.90 -4.56 10.11
C ASP A 74 4.57 -5.03 10.68
N GLU A 75 4.64 -5.65 11.86
CA GLU A 75 3.46 -5.98 12.65
C GLU A 75 3.33 -4.99 13.80
N VAL A 76 2.08 -4.64 14.14
CA VAL A 76 1.73 -3.83 15.30
C VAL A 76 0.86 -4.67 16.23
N ILE A 77 1.35 -4.92 17.43
CA ILE A 77 0.56 -5.57 18.46
C ILE A 77 -0.41 -4.55 19.06
N LEU A 78 -1.68 -4.95 19.17
CA LEU A 78 -2.69 -4.06 19.74
CA LEU A 78 -2.70 -4.06 19.72
C LEU A 78 -3.80 -4.92 20.33
N GLU A 79 -4.53 -4.33 21.27
CA GLU A 79 -5.59 -5.06 21.96
C GLU A 79 -6.72 -5.37 20.98
N ALA A 80 -7.26 -6.60 21.08
CA ALA A 80 -8.17 -7.10 20.04
C ALA A 80 -9.45 -6.29 19.91
N ASP A 81 -9.80 -5.49 20.92
CA ASP A 81 -10.99 -4.66 20.86
C ASP A 81 -10.66 -3.17 20.87
N SER A 82 -9.45 -2.82 20.48
CA SER A 82 -9.03 -1.43 20.49
C SER A 82 -9.53 -0.68 19.27
N HIS A 83 -9.71 0.63 19.44
CA HIS A 83 -10.22 1.50 18.39
C HIS A 83 -9.40 1.41 17.10
N ILE A 84 -8.07 1.36 17.21
CA ILE A 84 -7.19 1.34 16.03
C ILE A 84 -7.56 0.18 15.12
N PHE A 85 -7.87 -0.97 15.71
CA PHE A 85 -8.27 -2.15 14.94
C PHE A 85 -9.74 -2.09 14.51
N TRP A 86 -10.63 -1.68 15.40
CA TRP A 86 -12.06 -1.85 15.13
CA TRP A 86 -12.06 -1.86 15.13
C TRP A 86 -12.70 -0.66 14.42
N ALA A 87 -12.26 0.56 14.72
CA ALA A 87 -13.02 1.73 14.31
C ALA A 87 -12.21 2.76 13.51
N GLU A 88 -11.09 2.35 12.90
CA GLU A 88 -10.27 3.26 12.13
C GLU A 88 -10.10 2.75 10.70
N VAL A 89 -11.19 2.19 10.16
CA VAL A 89 -11.40 1.98 8.72
C VAL A 89 -10.30 1.11 8.11
N GLY A 90 -9.60 0.33 8.93
CA GLY A 90 -8.48 -0.43 8.42
C GLY A 90 -7.33 0.42 7.91
N ALA A 91 -7.24 1.65 8.41
CA ALA A 91 -6.27 2.61 7.88
C ALA A 91 -4.84 2.11 8.01
N MET A 92 -4.51 1.43 9.12
CA MET A 92 -3.13 0.99 9.34
C MET A 92 -2.68 0.05 8.23
N ALA A 93 -3.58 -0.78 7.71
CA ALA A 93 -3.21 -1.65 6.60
C ALA A 93 -3.12 -0.86 5.30
N VAL A 94 -4.06 0.05 5.07
CA VAL A 94 -4.05 0.75 3.78
C VAL A 94 -2.94 1.78 3.73
N LEU A 95 -2.76 2.53 4.82
CA LEU A 95 -1.89 3.70 4.80
CA LEU A 95 -1.88 3.70 4.81
C LEU A 95 -0.43 3.31 5.05
N SER A 96 -0.18 2.48 6.06
CA SER A 96 1.18 2.12 6.43
C SER A 96 1.59 0.76 5.92
N GLY A 97 0.66 -0.01 5.37
CA GLY A 97 0.96 -1.39 4.99
C GLY A 97 1.48 -2.22 6.15
N VAL A 98 0.86 -2.11 7.32
CA VAL A 98 1.32 -2.84 8.49
C VAL A 98 0.25 -3.82 8.94
N MET A 99 0.69 -4.94 9.48
CA MET A 99 -0.20 -6.01 9.93
C MET A 99 -0.61 -5.76 11.37
N PRO A 100 -1.89 -5.69 11.68
CA PRO A 100 -2.30 -5.77 13.08
C PRO A 100 -2.04 -7.18 13.60
N HIS A 101 -1.60 -7.25 14.86
CA HIS A 101 -1.51 -8.51 15.60
C HIS A 101 -2.38 -8.39 16.85
N PRO A 102 -3.67 -8.68 16.74
CA PRO A 102 -4.58 -8.51 17.88
C PRO A 102 -4.27 -9.46 19.04
N VAL A 103 -4.29 -8.89 20.25
CA VAL A 103 -4.08 -9.67 21.47
C VAL A 103 -5.26 -9.42 22.40
N PRO A 104 -6.05 -10.43 22.73
CA PRO A 104 -7.20 -10.21 23.63
C PRO A 104 -6.73 -9.77 25.00
N GLY A 105 -7.44 -8.79 25.57
CA GLY A 105 -7.13 -8.28 26.88
C GLY A 105 -8.33 -8.39 27.80
N LYS A 106 -8.11 -8.05 29.06
CA LYS A 106 -9.18 -7.91 30.05
C LYS A 106 -9.40 -6.41 30.28
N ASN A 107 -10.51 -5.90 29.78
CA ASN A 107 -10.84 -4.48 29.92
C ASN A 107 -9.69 -3.59 29.46
N GLY A 108 -9.11 -3.96 28.31
CA GLY A 108 -8.04 -3.23 27.69
C GLY A 108 -6.64 -3.74 28.01
N ALA A 109 -6.48 -4.48 29.10
CA ALA A 109 -5.16 -4.92 29.55
C ALA A 109 -4.78 -6.23 28.88
N MET A 110 -3.86 -6.16 27.92
CA MET A 110 -3.25 -7.37 27.36
C MET A 110 -2.30 -7.98 28.38
N ASP A 111 -2.43 -9.30 28.58
CA ASP A 111 -1.50 -10.01 29.44
C ASP A 111 -0.10 -9.84 28.85
N PRO A 112 0.84 -9.25 29.58
CA PRO A 112 2.19 -9.04 29.05
C PRO A 112 2.84 -10.31 28.49
N ASP A 113 2.54 -11.47 29.08
CA ASP A 113 3.11 -12.69 28.51
C ASP A 113 2.50 -13.03 27.15
N ASP A 114 1.26 -12.58 26.89
CA ASP A 114 0.74 -12.77 25.54
C ASP A 114 1.38 -11.79 24.58
N VAL A 115 1.64 -10.56 25.03
CA VAL A 115 2.39 -9.59 24.24
C VAL A 115 3.74 -10.15 23.86
N ARG A 116 4.52 -10.59 24.87
CA ARG A 116 5.83 -11.17 24.60
C ARG A 116 5.76 -12.34 23.64
N LYS A 117 4.68 -13.13 23.69
CA LYS A 117 4.53 -14.25 22.77
C LYS A 117 4.13 -13.80 21.37
N ALA A 118 3.49 -12.64 21.25
CA ALA A 118 3.07 -12.11 19.96
C ALA A 118 4.21 -11.46 19.18
N ILE A 119 5.34 -11.19 19.83
CA ILE A 119 6.49 -10.58 19.18
C ILE A 119 7.14 -11.60 18.25
N ARG A 120 7.44 -11.18 17.03
CA ARG A 120 8.00 -12.10 16.05
C ARG A 120 9.49 -12.29 16.26
N ASP A 121 9.94 -13.52 16.04
CA ASP A 121 11.36 -13.86 15.97
C ASP A 121 11.95 -13.41 14.63
N GLY A 122 13.27 -13.38 14.57
CA GLY A 122 13.92 -13.16 13.30
C GLY A 122 13.80 -14.36 12.37
N ASN A 123 12.76 -14.38 11.54
CA ASN A 123 12.59 -15.38 10.50
C ASN A 123 12.03 -14.71 9.26
N ILE A 124 12.42 -15.23 8.10
CA ILE A 124 12.03 -14.64 6.81
C ILE A 124 10.53 -14.72 6.60
N HIS A 125 9.85 -15.70 7.21
CA HIS A 125 8.40 -15.80 7.07
C HIS A 125 7.66 -14.69 7.82
N PHE A 126 8.34 -14.01 8.74
CA PHE A 126 7.66 -13.21 9.75
C PHE A 126 7.87 -11.72 9.54
N PRO A 127 6.83 -10.91 9.73
CA PRO A 127 7.03 -9.47 9.84
C PRO A 127 7.93 -9.16 11.04
N ARG A 128 8.58 -8.01 10.98
CA ARG A 128 9.23 -7.46 12.16
C ARG A 128 8.19 -6.78 13.03
N THR A 129 8.15 -7.11 14.31
CA THR A 129 7.31 -6.39 15.24
C THR A 129 8.00 -5.08 15.61
N SER A 130 7.38 -3.95 15.29
CA SER A 130 7.97 -2.66 15.60
C SER A 130 7.16 -1.78 16.54
N LEU A 131 5.91 -2.15 16.86
CA LEU A 131 5.07 -1.28 17.67
C LEU A 131 4.11 -2.11 18.50
N ILE A 132 3.87 -1.64 19.73
CA ILE A 132 2.81 -2.12 20.60
C ILE A 132 1.94 -0.91 20.96
N ALA A 133 0.64 -1.03 20.75
CA ALA A 133 -0.32 0.04 21.05
C ALA A 133 -1.18 -0.38 22.23
N ILE A 134 -1.31 0.54 23.20
CA ILE A 134 -2.15 0.36 24.38
C ILE A 134 -3.15 1.50 24.42
N GLU A 135 -4.43 1.17 24.66
CA GLU A 135 -5.50 2.16 24.66
C GLU A 135 -5.97 2.43 26.09
N ASN A 136 -6.05 3.70 26.48
CA ASN A 136 -6.36 4.04 27.88
C ASN A 136 -6.94 5.45 27.96
N THR A 137 -8.20 5.58 28.39
CA THR A 137 -9.11 4.45 28.70
C THR A 137 -9.44 3.59 27.49
N HIS A 138 -9.94 2.39 27.77
CA HIS A 138 -10.35 1.45 26.73
C HIS A 138 -11.83 1.67 26.44
N ASN A 139 -12.10 2.06 25.19
CA ASN A 139 -13.42 2.47 24.78
C ASN A 139 -14.41 1.30 24.82
N ARG A 140 -14.07 0.20 24.15
CA ARG A 140 -15.04 -0.86 23.88
C ARG A 140 -15.42 -1.64 25.12
N SER A 141 -14.52 -1.73 26.10
CA SER A 141 -14.88 -2.39 27.34
C SER A 141 -15.71 -1.49 28.26
N GLY A 142 -15.98 -0.25 27.85
CA GLY A 142 -16.79 0.66 28.64
C GLY A 142 -16.03 1.72 29.43
N GLY A 143 -14.98 2.29 28.85
CA GLY A 143 -14.25 3.33 29.55
C GLY A 143 -13.41 2.79 30.69
N ARG A 144 -12.88 1.59 30.55
CA ARG A 144 -12.10 0.95 31.60
C ARG A 144 -10.68 1.47 31.64
N VAL A 145 -10.11 1.49 32.84
CA VAL A 145 -8.78 2.03 33.09
C VAL A 145 -7.77 0.89 33.01
N VAL A 146 -6.77 1.04 32.16
CA VAL A 146 -5.68 0.08 32.13
C VAL A 146 -4.77 0.36 33.33
N PRO A 147 -4.47 -0.64 34.17
CA PRO A 147 -3.61 -0.40 35.33
C PRO A 147 -2.21 -0.01 34.91
N LEU A 148 -1.64 0.96 35.62
CA LEU A 148 -0.31 1.45 35.30
C LEU A 148 0.72 0.33 35.28
N GLU A 149 0.56 -0.69 36.13
CA GLU A 149 1.49 -1.81 36.15
C GLU A 149 1.52 -2.53 34.81
N ASN A 150 0.35 -2.69 34.18
CA ASN A 150 0.30 -3.34 32.87
C ASN A 150 1.08 -2.55 31.84
N ILE A 151 0.96 -1.23 31.87
CA ILE A 151 1.71 -0.38 30.94
C ILE A 151 3.21 -0.51 31.20
N LYS A 152 3.61 -0.45 32.48
CA LYS A 152 5.02 -0.59 32.81
C LYS A 152 5.60 -1.90 32.28
N GLU A 153 4.91 -3.00 32.55
CA GLU A 153 5.49 -4.29 32.17
C GLU A 153 5.58 -4.42 30.65
N ILE A 154 4.56 -3.94 29.94
CA ILE A 154 4.59 -3.98 28.48
C ILE A 154 5.68 -3.05 27.94
N CYS A 155 5.88 -1.91 28.60
CA CYS A 155 6.98 -1.02 28.21
C CYS A 155 8.32 -1.72 28.34
N THR A 156 8.49 -2.46 29.44
CA THR A 156 9.75 -3.16 29.66
C THR A 156 9.98 -4.24 28.60
N ILE A 157 8.94 -5.02 28.31
CA ILE A 157 9.08 -6.01 27.24
C ILE A 157 9.47 -5.31 25.95
N ALA A 158 8.87 -4.16 25.68
CA ALA A 158 9.12 -3.46 24.42
C ALA A 158 10.57 -3.00 24.33
N LYS A 159 11.09 -2.39 25.40
CA LYS A 159 12.44 -1.85 25.33
C LYS A 159 13.45 -2.96 25.10
N GLU A 160 13.24 -4.12 25.74
CA GLU A 160 14.15 -5.23 25.60
C GLU A 160 14.10 -5.90 24.23
N HIS A 161 13.07 -5.64 23.42
CA HIS A 161 13.04 -6.20 22.07
C HIS A 161 13.24 -5.16 20.98
N GLY A 162 13.48 -3.91 21.36
CA GLY A 162 13.63 -2.84 20.39
C GLY A 162 12.33 -2.36 19.77
N ILE A 163 11.21 -2.44 20.50
CA ILE A 163 9.89 -2.15 19.96
C ILE A 163 9.37 -0.86 20.57
N ASN A 164 8.67 -0.06 19.77
CA ASN A 164 8.08 1.17 20.23
C ASN A 164 6.72 0.92 20.87
N VAL A 165 6.32 1.84 21.74
CA VAL A 165 5.02 1.79 22.39
C VAL A 165 4.28 3.09 22.08
N HIS A 166 3.06 2.97 21.61
CA HIS A 166 2.16 4.11 21.42
C HIS A 166 0.95 3.90 22.32
N ILE A 167 0.61 4.94 23.09
CA ILE A 167 -0.60 4.93 23.89
C ILE A 167 -1.71 5.62 23.11
N ASP A 168 -2.77 4.90 22.82
CA ASP A 168 -3.97 5.56 22.32
C ASP A 168 -4.64 6.18 23.53
N GLY A 169 -4.28 7.42 23.82
CA GLY A 169 -4.84 8.08 24.99
C GLY A 169 -5.92 9.05 24.58
N ALA A 170 -6.77 8.64 23.64
CA ALA A 170 -7.94 9.44 23.29
C ALA A 170 -8.67 9.93 24.54
N ARG A 171 -8.85 9.05 25.52
CA ARG A 171 -9.40 9.53 26.78
C ARG A 171 -8.42 9.26 27.92
N ILE A 172 -7.17 9.70 27.75
CA ILE A 172 -6.16 9.50 28.79
C ILE A 172 -6.47 10.35 30.02
N PHE A 173 -7.09 11.52 29.86
CA PHE A 173 -7.33 12.32 31.06
C PHE A 173 -8.45 11.74 31.90
N ASN A 174 -9.40 11.03 31.29
CA ASN A 174 -10.39 10.30 32.09
C ASN A 174 -9.74 9.20 32.88
N ALA A 175 -8.75 8.52 32.30
CA ALA A 175 -8.01 7.48 33.03
C ALA A 175 -7.23 8.08 34.19
N SER A 176 -6.58 9.21 33.94
CA SER A 176 -5.78 9.87 34.98
C SER A 176 -6.64 10.33 36.14
N ILE A 177 -7.83 10.86 35.85
CA ILE A 177 -8.75 11.29 36.90
C ILE A 177 -9.22 10.09 37.73
N ALA A 178 -9.39 8.92 37.11
CA ALA A 178 -9.99 7.80 37.81
C ALA A 178 -8.97 7.04 38.64
N SER A 179 -7.75 6.91 38.13
CA SER A 179 -6.70 6.18 38.82
C SER A 179 -5.83 7.06 39.68
N GLY A 180 -5.89 8.39 39.52
CA GLY A 180 -4.96 9.30 40.13
C GLY A 180 -3.57 9.31 39.51
N VAL A 181 -3.34 8.54 38.44
CA VAL A 181 -2.03 8.50 37.80
C VAL A 181 -1.91 9.72 36.89
N PRO A 182 -0.93 10.59 37.08
CA PRO A 182 -0.82 11.77 36.20
C PRO A 182 -0.40 11.36 34.80
N VAL A 183 -0.84 12.15 33.80
CA VAL A 183 -0.61 11.73 32.43
C VAL A 183 0.89 11.62 32.12
N LYS A 184 1.72 12.44 32.77
CA LYS A 184 3.16 12.32 32.51
C LYS A 184 3.68 10.95 32.90
N GLU A 185 3.11 10.36 33.94
CA GLU A 185 3.59 9.06 34.39
C GLU A 185 3.22 7.98 33.41
N TYR A 186 1.96 7.99 32.93
CA TYR A 186 1.57 7.10 31.83
C TYR A 186 2.53 7.26 30.65
N ALA A 187 2.80 8.52 30.29
CA ALA A 187 3.55 8.85 29.08
C ALA A 187 5.02 8.54 29.22
N GLY A 188 5.51 8.33 30.44
CA GLY A 188 6.88 7.92 30.60
C GLY A 188 7.15 6.50 30.15
N TYR A 189 6.11 5.67 30.02
CA TYR A 189 6.26 4.29 29.54
C TYR A 189 5.87 4.12 28.08
N ALA A 190 5.74 5.21 27.35
CA ALA A 190 5.41 5.16 25.93
C ALA A 190 6.40 6.01 25.14
N ASP A 191 6.58 5.66 23.88
CA ASP A 191 7.29 6.54 22.97
C ASP A 191 6.38 7.61 22.40
N SER A 192 5.08 7.33 22.26
CA SER A 192 4.17 8.36 21.80
C SER A 192 2.82 8.22 22.49
N VAL A 193 2.12 9.34 22.59
CA VAL A 193 0.75 9.37 23.11
C VAL A 193 -0.08 10.22 22.18
N MET A 194 -1.21 9.67 21.72
CA MET A 194 -2.26 10.47 21.09
C MET A 194 -3.32 10.72 22.16
N PHE A 195 -3.77 11.97 22.30
CA PHE A 195 -4.92 12.27 23.15
C PHE A 195 -5.85 13.24 22.45
N CYS A 196 -7.16 13.09 22.72
CA CYS A 196 -8.18 13.86 22.03
C CYS A 196 -8.51 15.14 22.80
N LEU A 197 -8.71 16.22 22.04
CA LEU A 197 -9.21 17.47 22.59
C LEU A 197 -10.71 17.63 22.39
N SER A 198 -11.27 16.87 21.45
CA SER A 198 -12.64 17.05 20.98
C SER A 198 -13.68 16.13 21.64
N1 LLP A 199 -9.15 5.97 19.96
C2 LLP A 199 -10.10 6.01 20.88
C2' LLP A 199 -10.03 5.09 22.14
C3 LLP A 199 -11.17 6.92 20.74
O3 LLP A 199 -12.13 6.93 21.76
C4 LLP A 199 -11.25 7.78 19.64
C4' LLP A 199 -12.52 8.78 19.56
C5 LLP A 199 -10.27 7.73 18.68
C6 LLP A 199 -9.23 6.81 18.85
C5' LLP A 199 -10.24 8.59 17.38
OP4 LLP A 199 -10.46 9.96 17.54
P LLP A 199 -11.37 10.67 16.52
OP1 LLP A 199 -10.94 10.27 15.08
OP2 LLP A 199 -11.29 12.16 16.74
OP3 LLP A 199 -12.80 10.22 16.67
N LLP A 199 -13.31 15.43 22.71
CA LLP A 199 -14.32 14.60 23.40
CB LLP A 199 -13.82 13.17 23.54
CG LLP A 199 -13.71 12.56 22.12
CD LLP A 199 -13.04 11.16 22.10
CE LLP A 199 -13.71 10.28 21.00
NZ LLP A 199 -13.01 9.00 20.89
C LLP A 199 -14.62 15.28 24.71
O LLP A 199 -15.21 16.35 24.72
N GLY A 200 -14.18 14.69 25.81
CA GLY A 200 -14.54 15.16 27.15
C GLY A 200 -14.04 16.55 27.50
N LEU A 201 -12.89 16.94 26.94
CA LEU A 201 -12.32 18.27 27.14
C LEU A 201 -13.01 19.35 26.31
N CYS A 202 -13.98 19.00 25.44
CA CYS A 202 -14.95 19.90 24.80
C CYS A 202 -14.39 20.83 23.74
N ALA A 203 -13.18 20.62 23.22
CA ALA A 203 -12.80 21.36 22.03
C ALA A 203 -13.65 20.88 20.85
N PRO A 204 -13.84 21.74 19.82
CA PRO A 204 -14.65 21.32 18.67
C PRO A 204 -13.91 20.45 17.65
N VAL A 205 -12.59 20.55 17.56
CA VAL A 205 -11.87 19.78 16.55
C VAL A 205 -10.46 19.42 17.04
N GLY A 206 -10.08 18.14 16.96
CA GLY A 206 -8.65 17.99 17.08
C GLY A 206 -8.23 17.05 18.22
N SER A 207 -7.02 16.55 18.05
CA SER A 207 -6.27 15.79 19.01
C SER A 207 -4.82 16.22 18.85
N VAL A 208 -3.95 15.69 19.70
CA VAL A 208 -2.53 16.00 19.70
C VAL A 208 -1.78 14.70 19.89
N VAL A 209 -0.61 14.57 19.24
CA VAL A 209 0.33 13.47 19.47
C VAL A 209 1.57 14.05 20.15
N VAL A 210 2.11 13.34 21.15
CA VAL A 210 3.32 13.80 21.82
C VAL A 210 4.38 12.71 21.73
N GLY A 211 5.65 13.11 21.78
CA GLY A 211 6.74 12.15 21.65
C GLY A 211 8.06 12.87 21.41
N ASP A 212 9.04 12.08 21.01
CA ASP A 212 10.36 12.61 20.70
C ASP A 212 10.33 13.47 19.45
N ARG A 213 11.32 14.38 19.35
CA ARG A 213 11.34 15.35 18.25
C ARG A 213 11.51 14.66 16.90
N ASP A 214 12.31 13.59 16.84
CA ASP A 214 12.52 12.92 15.56
C ASP A 214 11.26 12.22 15.09
N PHE A 215 10.64 11.43 15.98
CA PHE A 215 9.33 10.84 15.70
C PHE A 215 8.31 11.92 15.31
N ILE A 216 8.24 13.01 16.07
CA ILE A 216 7.25 14.05 15.78
C ILE A 216 7.50 14.64 14.40
N GLU A 217 8.78 14.88 14.07
CA GLU A 217 9.17 15.31 12.73
C GLU A 217 8.65 14.34 11.67
N ARG A 218 8.85 13.04 11.89
CA ARG A 218 8.31 12.07 10.93
C ARG A 218 6.79 12.14 10.86
N ALA A 219 6.12 12.23 12.03
CA ALA A 219 4.66 12.22 12.02
C ALA A 219 4.10 13.48 11.38
N ARG A 220 4.83 14.58 11.45
CA ARG A 220 4.38 15.81 10.79
C ARG A 220 4.35 15.61 9.27
N LYS A 221 5.36 14.89 8.74
CA LYS A 221 5.38 14.63 7.32
C LYS A 221 4.30 13.63 6.92
N ALA A 222 4.05 12.61 7.76
CA ALA A 222 2.88 11.76 7.56
C ALA A 222 1.59 12.56 7.58
N ARG A 223 1.51 13.56 8.48
CA ARG A 223 0.31 14.39 8.53
C ARG A 223 0.10 15.11 7.21
N LYS A 224 1.18 15.67 6.65
CA LYS A 224 1.10 16.36 5.37
C LYS A 224 0.58 15.41 4.30
N MET A 225 1.12 14.18 4.27
CA MET A 225 0.71 13.20 3.29
C MET A 225 -0.77 12.83 3.44
N LEU A 226 -1.26 12.72 4.68
CA LEU A 226 -2.63 12.26 4.90
C LEU A 226 -3.67 13.37 4.73
N GLY A 227 -3.25 14.63 4.72
CA GLY A 227 -4.16 15.73 4.48
C GLY A 227 -4.42 16.60 5.69
N GLY A 228 -3.62 16.46 6.75
CA GLY A 228 -3.79 17.19 7.97
C GLY A 228 -2.91 18.41 8.13
N GLY A 229 -2.20 18.82 7.09
CA GLY A 229 -1.42 20.06 7.15
C GLY A 229 -2.27 21.28 6.84
N MET A 230 -2.80 21.91 7.89
CA MET A 230 -3.74 23.00 7.71
C MET A 230 -3.01 24.35 7.69
N ARG A 231 -3.77 25.45 7.56
CA ARG A 231 -3.18 26.77 7.46
C ARG A 231 -3.35 27.50 8.78
N GLN A 232 -4.30 28.44 8.89
CA GLN A 232 -4.45 29.26 10.09
C GLN A 232 -5.24 28.50 11.15
N ALA A 233 -4.73 27.32 11.49
CA ALA A 233 -5.45 26.42 12.38
C ALA A 233 -5.39 26.87 13.84
N GLY A 234 -4.66 27.94 14.15
CA GLY A 234 -4.69 28.54 15.47
C GLY A 234 -6.09 28.84 15.98
N VAL A 235 -7.05 28.99 15.05
CA VAL A 235 -8.45 29.16 15.43
C VAL A 235 -8.93 27.94 16.23
N LEU A 236 -8.52 26.74 15.83
CA LEU A 236 -8.90 25.55 16.56
C LEU A 236 -8.01 25.33 17.78
N ALA A 237 -6.71 25.61 17.63
CA ALA A 237 -5.77 25.41 18.72
C ALA A 237 -6.09 26.29 19.91
N ALA A 238 -6.69 27.46 19.67
CA ALA A 238 -7.09 28.32 20.78
C ALA A 238 -8.10 27.61 21.68
N ALA A 239 -9.11 26.96 21.08
CA ALA A 239 -10.00 26.12 21.86
C ALA A 239 -9.24 24.97 22.50
N GLY A 240 -8.27 24.41 21.79
CA GLY A 240 -7.56 23.25 22.31
C GLY A 240 -6.70 23.56 23.51
N ILE A 241 -6.15 24.77 23.58
CA ILE A 241 -5.40 25.15 24.77
C ILE A 241 -6.32 25.21 25.99
N ILE A 242 -7.53 25.73 25.83
CA ILE A 242 -8.44 25.75 26.99
C ILE A 242 -8.87 24.34 27.36
N ALA A 243 -9.12 23.50 26.34
CA ALA A 243 -9.49 22.11 26.61
C ALA A 243 -8.42 21.41 27.41
N LEU A 244 -7.15 21.65 27.06
CA LEU A 244 -6.06 20.89 27.68
C LEU A 244 -5.81 21.34 29.12
N THR A 245 -5.79 22.63 29.37
CA THR A 245 -5.33 23.17 30.65
C THR A 245 -6.46 23.36 31.66
N LYS A 246 -7.69 23.54 31.20
CA LYS A 246 -8.79 23.95 32.07
C LYS A 246 -9.97 22.99 32.13
N MET A 247 -10.06 21.98 31.25
CA MET A 247 -11.24 21.13 31.18
C MET A 247 -11.01 19.74 31.75
N VAL A 248 -9.85 19.48 32.32
CA VAL A 248 -9.49 18.15 32.77
C VAL A 248 -10.14 17.82 34.11
N ASP A 249 -10.07 18.75 35.06
CA ASP A 249 -10.45 18.42 36.42
C ASP A 249 -11.95 18.19 36.56
N ARG A 250 -12.76 18.91 35.78
CA ARG A 250 -14.21 18.71 35.83
C ARG A 250 -14.66 17.39 35.20
N LEU A 251 -13.75 16.63 34.58
CA LEU A 251 -14.12 15.30 34.12
C LEU A 251 -14.66 14.43 35.24
N LYS A 252 -14.31 14.73 36.50
CA LYS A 252 -14.84 13.96 37.62
C LYS A 252 -16.36 14.08 37.72
N GLU A 253 -16.92 15.23 37.33
CA GLU A 253 -18.37 15.35 37.25
C GLU A 253 -18.95 14.29 36.33
N ASP A 254 -18.37 14.15 35.12
CA ASP A 254 -18.86 13.19 34.14
C ASP A 254 -18.81 11.77 34.68
N HIS A 255 -17.76 11.43 35.45
CA HIS A 255 -17.68 10.13 36.10
C HIS A 255 -18.75 9.98 37.19
N GLU A 256 -18.93 11.02 38.01
CA GLU A 256 -20.02 10.98 39.00
C GLU A 256 -21.37 10.87 38.31
N ASN A 257 -21.58 11.62 37.24
CA ASN A 257 -22.84 11.50 36.51
C ASN A 257 -23.00 10.13 35.86
N ALA A 258 -21.90 9.53 35.39
CA ALA A 258 -22.01 8.22 34.77
C ALA A 258 -22.39 7.17 35.80
N ARG A 259 -21.82 7.25 36.99
CA ARG A 259 -22.10 6.24 38.00
C ARG A 259 -23.48 6.44 38.61
N PHE A 260 -23.88 7.70 38.81
CA PHE A 260 -25.24 8.01 39.20
C PHE A 260 -26.23 7.42 38.20
N LEU A 261 -25.99 7.65 36.91
CA LEU A 261 -26.82 7.09 35.86
C LEU A 261 -26.85 5.57 35.94
N ALA A 262 -25.69 4.94 36.14
CA ALA A 262 -25.62 3.49 36.13
C ALA A 262 -26.28 2.88 37.36
N LEU A 263 -26.19 3.55 38.51
CA LEU A 263 -26.83 3.03 39.71
C LEU A 263 -28.33 3.14 39.61
N LYS A 264 -28.84 4.25 39.06
CA LYS A 264 -30.28 4.39 38.91
C LYS A 264 -30.82 3.48 37.81
N LEU A 265 -30.06 3.26 36.74
CA LEU A 265 -30.53 2.33 35.70
C LEU A 265 -30.72 0.93 36.27
N LYS A 266 -29.75 0.43 37.06
CA LYS A 266 -29.89 -0.89 37.67
C LYS A 266 -31.06 -0.95 38.64
N GLU A 267 -31.16 0.02 39.53
CA GLU A 267 -32.30 0.13 40.41
C GLU A 267 -33.62 -0.02 39.66
N ILE A 268 -33.74 0.68 38.53
CA ILE A 268 -34.95 0.57 37.69
C ILE A 268 -35.18 -0.86 37.23
N GLY A 269 -34.11 -1.63 37.05
CA GLY A 269 -34.19 -3.00 36.55
C GLY A 269 -33.43 -3.27 35.28
N TYR A 270 -32.69 -2.29 34.73
CA TYR A 270 -31.94 -2.56 33.52
C TYR A 270 -30.72 -3.41 33.82
N SER A 271 -30.24 -4.10 32.78
CA SER A 271 -29.09 -5.00 32.92
C SER A 271 -27.81 -4.17 32.72
N VAL A 272 -27.42 -3.50 33.81
CA VAL A 272 -26.18 -2.75 33.88
C VAL A 272 -25.45 -3.23 35.12
N ASN A 273 -24.14 -2.96 35.17
CA ASN A 273 -23.29 -3.37 36.29
C ASN A 273 -22.56 -2.14 36.79
N PRO A 274 -23.12 -1.42 37.78
CA PRO A 274 -22.55 -0.12 38.16
C PRO A 274 -21.14 -0.19 38.73
N GLU A 275 -20.75 -1.35 39.27
CA GLU A 275 -19.37 -1.55 39.72
C GLU A 275 -18.38 -1.54 38.56
N ASP A 276 -18.84 -1.69 37.32
CA ASP A 276 -17.96 -1.63 36.17
C ASP A 276 -17.74 -0.22 35.66
N VAL A 277 -18.43 0.76 36.21
CA VAL A 277 -18.44 2.12 35.69
C VAL A 277 -17.35 2.90 36.42
N LYS A 278 -16.24 3.15 35.73
CA LYS A 278 -15.07 3.80 36.28
C LYS A 278 -14.82 5.20 35.75
N THR A 279 -15.26 5.47 34.50
CA THR A 279 -15.14 6.79 33.91
C THR A 279 -16.51 7.25 33.42
N ASN A 280 -16.63 7.70 32.16
CA ASN A 280 -17.85 8.37 31.74
C ASN A 280 -18.75 7.49 30.87
N MET A 281 -18.65 6.17 31.00
CA MET A 281 -19.36 5.25 30.13
C MET A 281 -20.09 4.19 30.93
N VAL A 282 -21.30 3.87 30.49
CA VAL A 282 -22.14 2.82 31.06
C VAL A 282 -22.58 1.91 29.94
N ILE A 283 -22.40 0.61 30.11
CA ILE A 283 -22.87 -0.37 29.13
C ILE A 283 -24.12 -1.04 29.66
N LEU A 284 -25.19 -0.99 28.86
CA LEU A 284 -26.49 -1.54 29.20
C LEU A 284 -26.78 -2.72 28.27
N ARG A 285 -27.08 -3.88 28.85
CA ARG A 285 -27.42 -5.10 28.11
C ARG A 285 -28.92 -5.20 27.90
N THR A 286 -29.33 -5.72 26.73
CA THR A 286 -30.74 -5.91 26.38
C THR A 286 -31.22 -7.35 26.56
N ASP A 287 -30.56 -8.13 27.42
CA ASP A 287 -30.93 -9.53 27.61
C ASP A 287 -32.32 -9.66 28.20
N ASN A 288 -32.61 -8.88 29.24
CA ASN A 288 -33.89 -8.92 29.93
C ASN A 288 -34.96 -8.07 29.27
N LEU A 289 -34.74 -7.61 28.04
CA LEU A 289 -35.67 -6.69 27.39
C LEU A 289 -36.34 -7.36 26.19
N LYS A 290 -37.54 -6.86 25.87
CA LYS A 290 -38.27 -7.35 24.71
C LYS A 290 -37.57 -7.03 23.41
N VAL A 291 -36.67 -6.05 23.40
CA VAL A 291 -35.99 -5.63 22.19
C VAL A 291 -34.52 -5.97 22.31
N ASN A 292 -33.82 -5.81 21.19
CA ASN A 292 -32.37 -5.87 21.14
C ASN A 292 -31.82 -4.45 21.23
N ALA A 293 -30.50 -4.32 21.11
CA ALA A 293 -29.86 -3.01 21.16
C ALA A 293 -30.51 -2.02 20.19
N HIS A 294 -30.56 -2.39 18.91
CA HIS A 294 -31.08 -1.50 17.90
C HIS A 294 -32.55 -1.15 18.15
N GLY A 295 -33.33 -2.11 18.64
CA GLY A 295 -34.70 -1.82 19.02
C GLY A 295 -34.80 -0.85 20.19
N PHE A 296 -33.95 -1.04 21.19
CA PHE A 296 -33.96 -0.14 22.34
C PHE A 296 -33.56 1.29 21.95
N ILE A 297 -32.54 1.41 21.07
CA ILE A 297 -32.10 2.72 20.60
C ILE A 297 -33.23 3.46 19.90
N GLU A 298 -34.04 2.75 19.11
CA GLU A 298 -35.16 3.40 18.41
C GLU A 298 -36.19 3.91 19.41
N ALA A 299 -36.50 3.11 20.43
CA ALA A 299 -37.45 3.54 21.43
C ALA A 299 -36.90 4.71 22.23
N LEU A 300 -35.64 4.62 22.65
CA LEU A 300 -35.02 5.74 23.36
C LEU A 300 -35.06 7.01 22.53
N ARG A 301 -34.66 6.91 21.25
CA ARG A 301 -34.66 8.09 20.39
C ARG A 301 -36.05 8.69 20.26
N ASN A 302 -37.06 7.83 20.06
CA ASN A 302 -38.44 8.29 19.97
C ASN A 302 -38.91 8.95 21.25
N SER A 303 -38.22 8.73 22.38
CA SER A 303 -38.57 9.34 23.66
C SER A 303 -37.62 10.46 24.05
N GLY A 304 -36.72 10.87 23.16
CA GLY A 304 -35.86 12.01 23.40
C GLY A 304 -34.48 11.73 23.95
N VAL A 305 -34.07 10.47 24.04
CA VAL A 305 -32.75 10.11 24.56
C VAL A 305 -31.99 9.41 23.44
N LEU A 306 -30.85 10.00 23.05
CA LEU A 306 -29.99 9.43 22.02
C LEU A 306 -28.93 8.55 22.67
N ALA A 307 -28.85 7.31 22.25
CA ALA A 307 -27.79 6.41 22.69
C ALA A 307 -27.22 5.72 21.45
N GLU A 308 -26.29 4.79 21.67
CA GLU A 308 -25.61 4.11 20.58
C GLU A 308 -25.42 2.65 20.91
N ALA A 309 -25.91 1.78 20.03
CA ALA A 309 -25.64 0.35 20.15
C ALA A 309 -24.18 0.05 19.86
N VAL A 310 -23.58 -0.86 20.64
CA VAL A 310 -22.22 -1.29 20.40
C VAL A 310 -22.13 -2.78 20.09
N SER A 311 -23.25 -3.49 20.10
CA SER A 311 -23.37 -4.85 19.59
C SER A 311 -24.87 -5.10 19.38
N ASP A 312 -25.22 -6.35 19.07
CA ASP A 312 -26.63 -6.69 18.94
C ASP A 312 -27.38 -6.53 20.25
N THR A 313 -26.70 -6.76 21.37
CA THR A 313 -27.35 -6.79 22.68
C THR A 313 -26.83 -5.77 23.66
N GLU A 314 -25.75 -5.06 23.35
CA GLU A 314 -25.17 -4.05 24.23
C GLU A 314 -25.39 -2.65 23.66
N ILE A 315 -25.71 -1.70 24.55
CA ILE A 315 -25.77 -0.28 24.23
CA ILE A 315 -25.74 -0.29 24.21
C ILE A 315 -24.82 0.46 25.15
N ARG A 316 -24.33 1.61 24.68
CA ARG A 316 -23.40 2.45 25.43
C ARG A 316 -24.05 3.79 25.75
N LEU A 317 -23.88 4.25 26.99
CA LEU A 317 -24.25 5.60 27.39
C LEU A 317 -22.98 6.31 27.82
N VAL A 318 -22.78 7.52 27.32
CA VAL A 318 -21.59 8.30 27.60
C VAL A 318 -22.02 9.66 28.14
N THR A 319 -21.47 10.04 29.29
CA THR A 319 -21.72 11.35 29.91
C THR A 319 -20.61 12.33 29.52
N HIS A 320 -20.91 13.62 29.61
CA HIS A 320 -20.02 14.67 29.13
C HIS A 320 -20.49 16.01 29.69
N LYS A 321 -19.75 17.07 29.35
CA LYS A 321 -20.01 18.38 29.90
C LYS A 321 -21.44 18.87 29.64
N ASP A 322 -22.00 18.51 28.48
CA ASP A 322 -23.31 19.02 28.08
C ASP A 322 -24.45 18.18 28.62
N VAL A 323 -24.17 17.28 29.55
CA VAL A 323 -25.18 16.47 30.21
C VAL A 323 -25.02 16.73 31.70
N SER A 324 -25.83 17.62 32.24
CA SER A 324 -25.77 17.98 33.65
C SER A 324 -26.39 16.88 34.51
N ARG A 325 -26.26 17.04 35.84
CA ARG A 325 -26.98 16.15 36.74
C ARG A 325 -28.47 16.25 36.50
N ASN A 326 -28.96 17.45 36.19
CA ASN A 326 -30.37 17.62 35.85
C ASN A 326 -30.73 16.85 34.59
N ASP A 327 -29.89 16.96 33.54
CA ASP A 327 -30.14 16.20 32.31
C ASP A 327 -30.21 14.70 32.60
N ILE A 328 -29.36 14.21 33.49
CA ILE A 328 -29.36 12.78 33.81
C ILE A 328 -30.66 12.38 34.49
N GLU A 329 -31.08 13.16 35.49
CA GLU A 329 -32.30 12.84 36.22
C GLU A 329 -33.51 12.80 35.28
N GLU A 330 -33.56 13.71 34.32
CA GLU A 330 -34.62 13.61 33.32
C GLU A 330 -34.49 12.35 32.47
N ALA A 331 -33.29 12.07 31.94
CA ALA A 331 -33.11 10.86 31.14
C ALA A 331 -33.51 9.63 31.93
N LEU A 332 -33.26 9.62 33.24
CA LEU A 332 -33.66 8.48 34.05
C LEU A 332 -35.16 8.33 34.12
N ASN A 333 -35.91 9.45 34.09
CA ASN A 333 -37.36 9.35 34.06
C ASN A 333 -37.85 8.73 32.77
N ILE A 334 -37.26 9.14 31.64
CA ILE A 334 -37.58 8.50 30.36
C ILE A 334 -37.20 7.02 30.40
N PHE A 335 -36.08 6.69 31.05
CA PHE A 335 -35.70 5.28 31.20
C PHE A 335 -36.68 4.53 32.09
N GLU A 336 -37.31 5.22 33.04
CA GLU A 336 -38.32 4.57 33.88
C GLU A 336 -39.57 4.24 33.09
N LYS A 337 -40.20 5.26 32.49
CA LYS A 337 -41.36 5.03 31.63
C LYS A 337 -41.09 3.88 30.67
N LEU A 338 -39.93 3.91 30.02
CA LEU A 338 -39.64 2.95 28.97
C LEU A 338 -39.48 1.54 29.52
N PHE A 339 -39.05 1.39 30.78
CA PHE A 339 -38.75 0.05 31.26
C PHE A 339 -39.99 -0.84 31.32
N SER A 340 -41.09 -0.31 31.86
CA SER A 340 -42.33 -1.07 31.90
C SER A 340 -42.77 -1.46 30.49
N GLN A 341 -42.70 -0.51 29.57
CA GLN A 341 -43.10 -0.73 28.19
C GLN A 341 -42.21 -1.74 27.46
N VAL A 342 -40.98 -1.98 27.91
CA VAL A 342 -40.04 -2.81 27.17
C VAL A 342 -39.53 -4.02 27.95
N GLN A 343 -39.84 -4.15 29.23
CA GLN A 343 -39.42 -5.36 29.93
C GLN A 343 -40.16 -6.59 29.39
N MET B 1 7.82 43.57 6.61
CA MET B 1 7.56 42.23 6.08
C MET B 1 6.40 42.24 5.09
N ILE B 2 6.70 42.05 3.81
CA ILE B 2 5.69 41.83 2.79
C ILE B 2 5.77 40.37 2.35
N ASP B 3 4.65 39.65 2.48
CA ASP B 3 4.61 38.20 2.25
C ASP B 3 4.03 37.90 0.89
N LEU B 4 4.89 37.51 -0.06
CA LEU B 4 4.47 37.09 -1.39
C LEU B 4 4.75 35.60 -1.64
N ARG B 5 4.94 34.81 -0.58
CA ARG B 5 5.19 33.38 -0.75
C ARG B 5 3.99 32.66 -1.34
N SER B 6 2.79 32.98 -0.85
CA SER B 6 1.61 32.21 -1.21
C SER B 6 0.36 32.96 -0.77
N ASP B 7 -0.75 32.68 -1.46
CA ASP B 7 -2.04 33.15 -0.96
C ASP B 7 -2.56 32.32 0.21
N THR B 8 -1.87 31.23 0.59
CA THR B 8 -2.29 30.51 1.80
C THR B 8 -2.16 31.35 3.06
N VAL B 9 -1.32 32.39 3.03
CA VAL B 9 -1.06 33.17 4.26
C VAL B 9 -2.14 34.18 4.57
N THR B 10 -3.19 34.27 3.76
CA THR B 10 -4.30 35.17 4.10
C THR B 10 -4.88 34.84 5.48
N LYS B 11 -5.15 35.94 6.27
CA LYS B 11 -5.73 35.85 7.60
C LYS B 11 -7.22 36.13 7.53
N PRO B 12 -7.99 35.58 8.48
CA PRO B 12 -9.45 35.72 8.42
C PRO B 12 -9.90 37.16 8.63
N THR B 13 -10.95 37.55 7.93
CA THR B 13 -11.56 38.85 8.15
C THR B 13 -12.29 38.87 9.48
N GLU B 14 -12.47 40.10 10.02
CA GLU B 14 -13.18 40.25 11.29
C GLU B 14 -14.56 39.62 11.21
N GLU B 15 -15.23 39.76 10.06
CA GLU B 15 -16.49 39.06 9.80
C GLU B 15 -16.33 37.55 9.96
N MET B 16 -15.24 36.99 9.43
CA MET B 16 -14.95 35.57 9.61
C MET B 16 -14.75 35.23 11.08
N ARG B 17 -13.97 36.06 11.79
CA ARG B 17 -13.71 35.80 13.20
C ARG B 17 -15.01 35.80 13.99
N LYS B 18 -15.90 36.75 13.71
CA LYS B 18 -17.18 36.78 14.43
C LYS B 18 -18.01 35.54 14.11
N ALA B 19 -18.08 35.16 12.84
CA ALA B 19 -18.92 34.02 12.47
C ALA B 19 -18.39 32.73 13.11
N MET B 20 -17.07 32.58 13.19
CA MET B 20 -16.48 31.40 13.82
C MET B 20 -16.84 31.34 15.30
N ALA B 21 -16.76 32.48 16.00
CA ALA B 21 -17.12 32.52 17.42
C ALA B 21 -18.59 32.21 17.66
N GLN B 22 -19.46 32.45 16.68
CA GLN B 22 -20.89 32.29 16.85
C GLN B 22 -21.44 31.06 16.14
N ALA B 23 -20.58 30.25 15.53
CA ALA B 23 -21.05 29.20 14.64
C ALA B 23 -21.96 28.20 15.36
N GLU B 24 -23.05 27.84 14.69
CA GLU B 24 -23.90 26.76 15.18
C GLU B 24 -23.31 25.43 14.72
N VAL B 25 -23.03 24.54 15.68
CA VAL B 25 -22.19 23.39 15.43
C VAL B 25 -22.87 22.11 15.88
N GLY B 26 -22.47 20.99 15.28
CA GLY B 26 -22.86 19.67 15.74
C GLY B 26 -21.71 18.70 15.51
N ASP B 27 -21.91 17.41 15.73
CA ASP B 27 -20.86 16.42 15.49
C ASP B 27 -20.95 15.99 14.02
N ASP B 28 -19.96 16.41 13.22
CA ASP B 28 -19.98 16.12 11.78
C ASP B 28 -19.89 14.63 11.49
N VAL B 29 -19.44 13.82 12.44
CA VAL B 29 -19.34 12.40 12.14
C VAL B 29 -20.73 11.78 12.05
N TYR B 30 -21.71 12.35 12.76
CA TYR B 30 -23.11 11.98 12.54
C TYR B 30 -23.79 12.87 11.51
N GLY B 31 -23.03 13.73 10.82
CA GLY B 31 -23.64 14.66 9.87
C GLY B 31 -24.56 15.70 10.49
N GLU B 32 -24.34 16.07 11.75
CA GLU B 32 -25.25 16.97 12.47
C GLU B 32 -24.68 18.36 12.65
N ASP B 33 -23.55 18.69 12.04
CA ASP B 33 -23.11 20.08 12.13
C ASP B 33 -23.85 20.90 11.08
N PRO B 34 -24.70 21.87 11.49
CA PRO B 34 -25.52 22.60 10.50
C PRO B 34 -24.74 23.58 9.66
N THR B 35 -23.59 24.06 10.15
CA THR B 35 -22.81 25.00 9.38
C THR B 35 -22.00 24.27 8.30
N ILE B 36 -21.43 23.11 8.67
CA ILE B 36 -20.87 22.20 7.66
C ILE B 36 -21.91 21.90 6.59
N ASN B 37 -23.11 21.49 7.03
CA ASN B 37 -24.13 21.05 6.08
C ASN B 37 -24.50 22.17 5.13
N GLU B 38 -24.53 23.40 5.61
CA GLU B 38 -24.91 24.52 4.76
C GLU B 38 -23.78 24.88 3.79
N LEU B 39 -22.52 24.81 4.23
CA LEU B 39 -21.40 25.04 3.32
C LEU B 39 -21.39 24.03 2.19
N GLU B 40 -21.60 22.75 2.51
CA GLU B 40 -21.60 21.72 1.46
C GLU B 40 -22.79 21.90 0.53
N ARG B 41 -23.97 22.26 1.06
CA ARG B 41 -25.09 22.56 0.19
C ARG B 41 -24.76 23.71 -0.74
N LEU B 42 -24.13 24.76 -0.20
CA LEU B 42 -23.76 25.91 -1.03
C LEU B 42 -22.70 25.54 -2.06
N ALA B 43 -21.71 24.74 -1.65
CA ALA B 43 -20.65 24.34 -2.58
C ALA B 43 -21.18 23.46 -3.70
N ALA B 44 -22.03 22.47 -3.38
CA ALA B 44 -22.64 21.67 -4.45
C ALA B 44 -23.43 22.55 -5.42
N GLU B 45 -24.21 23.49 -4.86
CA GLU B 45 -25.06 24.37 -5.66
C GLU B 45 -24.24 25.29 -6.54
N THR B 46 -23.21 25.92 -5.97
CA THR B 46 -22.32 26.77 -6.74
C THR B 46 -21.69 26.02 -7.91
N PHE B 47 -21.31 24.76 -7.70
CA PHE B 47 -20.58 24.04 -8.73
C PHE B 47 -21.47 23.15 -9.59
N GLY B 48 -22.77 23.21 -9.40
CA GLY B 48 -23.66 22.36 -10.18
C GLY B 48 -23.63 20.88 -9.84
N LYS B 49 -23.24 20.50 -8.62
CA LYS B 49 -23.08 19.08 -8.31
C LYS B 49 -24.08 18.65 -7.25
N GLU B 50 -24.33 17.33 -7.20
CA GLU B 50 -25.30 16.77 -6.26
C GLU B 50 -24.89 16.94 -4.80
N ALA B 51 -23.61 17.07 -4.50
CA ALA B 51 -23.13 16.83 -3.13
C ALA B 51 -21.69 17.34 -3.02
N ALA B 52 -21.26 17.56 -1.78
CA ALA B 52 -19.96 18.15 -1.49
C ALA B 52 -19.49 17.66 -0.13
N LEU B 53 -18.17 17.73 0.08
CA LEU B 53 -17.54 17.20 1.29
C LEU B 53 -16.46 18.17 1.74
N PHE B 54 -16.59 18.68 2.96
CA PHE B 54 -15.57 19.54 3.54
C PHE B 54 -14.39 18.70 4.01
N VAL B 55 -13.18 19.18 3.74
CA VAL B 55 -11.95 18.49 4.14
C VAL B 55 -11.01 19.50 4.76
N PRO B 56 -10.11 19.08 5.66
CA PRO B 56 -9.22 20.04 6.35
C PRO B 56 -8.18 20.66 5.46
N SER B 57 -7.94 20.12 4.25
CA SER B 57 -6.87 20.62 3.37
C SER B 57 -7.19 20.23 1.94
N GLY B 58 -6.63 21.03 1.01
CA GLY B 58 -6.72 20.67 -0.40
C GLY B 58 -6.03 19.35 -0.72
N THR B 59 -4.86 19.10 -0.11
CA THR B 59 -4.23 17.79 -0.24
C THR B 59 -5.19 16.66 0.13
N MET B 60 -5.90 16.78 1.26
CA MET B 60 -6.89 15.74 1.54
C MET B 60 -8.02 15.73 0.52
N GLY B 61 -8.39 16.91 0.01
CA GLY B 61 -9.40 16.94 -1.04
C GLY B 61 -8.99 16.10 -2.23
N ASN B 62 -7.75 16.28 -2.69
CA ASN B 62 -7.28 15.52 -3.84
C ASN B 62 -7.16 14.03 -3.51
N GLN B 63 -6.65 13.70 -2.33
CA GLN B 63 -6.36 12.28 -2.05
C GLN B 63 -7.63 11.48 -1.76
N VAL B 64 -8.66 12.07 -1.15
CA VAL B 64 -9.89 11.30 -1.01
C VAL B 64 -10.57 11.15 -2.36
N SER B 65 -10.41 12.14 -3.26
CA SER B 65 -10.95 12.00 -4.61
C SER B 65 -10.29 10.84 -5.35
N ILE B 66 -8.95 10.76 -5.28
CA ILE B 66 -8.23 9.68 -5.94
C ILE B 66 -8.66 8.33 -5.38
N MET B 67 -8.72 8.21 -4.05
CA MET B 67 -9.18 6.98 -3.42
C MET B 67 -10.58 6.57 -3.87
N ALA B 68 -11.48 7.54 -3.97
CA ALA B 68 -12.85 7.25 -4.33
C ALA B 68 -13.01 6.95 -5.81
N HIS B 69 -12.07 7.39 -6.65
CA HIS B 69 -12.16 7.14 -8.09
C HIS B 69 -11.47 5.86 -8.53
N THR B 70 -10.66 5.21 -7.68
CA THR B 70 -9.71 4.21 -8.14
C THR B 70 -9.76 2.94 -7.30
N GLN B 71 -9.24 1.87 -7.88
CA GLN B 71 -8.86 0.64 -7.18
C GLN B 71 -7.33 0.52 -7.14
N ARG B 72 -6.83 -0.35 -6.25
CA ARG B 72 -5.39 -0.56 -6.15
C ARG B 72 -4.84 -0.95 -7.51
N GLY B 73 -3.66 -0.43 -7.85
CA GLY B 73 -3.07 -0.77 -9.12
C GLY B 73 -3.55 0.03 -10.33
N ASP B 74 -4.52 0.93 -10.18
CA ASP B 74 -4.88 1.76 -11.32
C ASP B 74 -3.80 2.80 -11.60
N GLU B 75 -3.78 3.30 -12.84
CA GLU B 75 -2.98 4.47 -13.20
C GLU B 75 -3.86 5.72 -13.24
N VAL B 76 -3.27 6.85 -12.83
CA VAL B 76 -3.90 8.16 -12.88
C VAL B 76 -3.09 9.04 -13.82
N ILE B 77 -3.72 9.50 -14.88
CA ILE B 77 -3.10 10.46 -15.78
C ILE B 77 -3.20 11.87 -15.18
N LEU B 78 -2.05 12.54 -15.04
CA LEU B 78 -2.02 13.88 -14.48
CA LEU B 78 -2.02 13.88 -14.47
C LEU B 78 -0.87 14.65 -15.10
N GLU B 79 -0.92 15.97 -14.98
CA GLU B 79 0.08 16.82 -15.63
C GLU B 79 1.40 16.75 -14.86
N ALA B 80 2.51 16.75 -15.61
CA ALA B 80 3.81 16.41 -15.03
C ALA B 80 4.31 17.43 -14.01
N ASP B 81 3.74 18.64 -13.94
CA ASP B 81 4.09 19.58 -12.89
C ASP B 81 2.91 19.90 -11.97
N SER B 82 1.88 19.06 -11.98
CA SER B 82 0.70 19.34 -11.20
C SER B 82 0.97 19.09 -9.71
N HIS B 83 0.16 19.75 -8.87
CA HIS B 83 0.35 19.66 -7.42
C HIS B 83 0.26 18.22 -6.91
N ILE B 84 -0.71 17.45 -7.42
CA ILE B 84 -0.89 16.08 -6.97
C ILE B 84 0.39 15.26 -7.14
N PHE B 85 1.10 15.47 -8.25
CA PHE B 85 2.32 14.71 -8.46
C PHE B 85 3.52 15.35 -7.76
N TRP B 86 3.60 16.68 -7.74
CA TRP B 86 4.84 17.30 -7.30
CA TRP B 86 4.81 17.37 -7.33
C TRP B 86 4.86 17.65 -5.83
N ALA B 87 3.71 17.94 -5.21
CA ALA B 87 3.75 18.53 -3.88
C ALA B 87 2.77 17.90 -2.90
N GLU B 88 2.46 16.63 -3.07
CA GLU B 88 1.55 15.98 -2.15
C GLU B 88 2.15 14.67 -1.60
N VAL B 89 3.47 14.68 -1.37
CA VAL B 89 4.18 13.75 -0.49
C VAL B 89 4.07 12.32 -1.03
N GLY B 90 3.77 12.17 -2.31
CA GLY B 90 3.61 10.83 -2.84
C GLY B 90 2.40 10.11 -2.32
N ALA B 91 1.43 10.86 -1.78
CA ALA B 91 0.28 10.26 -1.12
C ALA B 91 -0.50 9.32 -2.04
N MET B 92 -0.61 9.67 -3.34
CA MET B 92 -1.43 8.82 -4.22
C MET B 92 -0.90 7.41 -4.30
N ALA B 93 0.44 7.23 -4.24
CA ALA B 93 1.02 5.88 -4.27
C ALA B 93 0.90 5.19 -2.91
N VAL B 94 1.18 5.92 -1.83
CA VAL B 94 1.15 5.31 -0.51
C VAL B 94 -0.29 4.96 -0.10
N LEU B 95 -1.19 5.93 -0.27
CA LEU B 95 -2.55 5.82 0.27
CA LEU B 95 -2.54 5.81 0.27
C LEU B 95 -3.45 5.05 -0.67
N SER B 96 -3.37 5.30 -1.97
CA SER B 96 -4.27 4.64 -2.91
C SER B 96 -3.61 3.49 -3.68
N GLY B 97 -2.30 3.29 -3.56
CA GLY B 97 -1.65 2.25 -4.35
C GLY B 97 -1.84 2.44 -5.84
N VAL B 98 -1.86 3.68 -6.31
CA VAL B 98 -2.07 3.96 -7.73
C VAL B 98 -0.80 4.56 -8.32
N MET B 99 -0.62 4.29 -9.62
CA MET B 99 0.54 4.74 -10.36
C MET B 99 0.24 6.07 -11.03
N PRO B 100 1.01 7.11 -10.77
CA PRO B 100 0.88 8.31 -11.58
C PRO B 100 1.48 8.07 -12.96
N HIS B 101 0.85 8.65 -13.97
CA HIS B 101 1.31 8.62 -15.34
C HIS B 101 1.43 10.08 -15.80
N PRO B 102 2.55 10.72 -15.49
CA PRO B 102 2.66 12.16 -15.79
C PRO B 102 2.69 12.41 -17.29
N VAL B 103 2.04 13.49 -17.69
CA VAL B 103 2.03 13.93 -19.08
C VAL B 103 2.50 15.38 -19.06
N PRO B 104 3.67 15.69 -19.62
CA PRO B 104 4.10 17.09 -19.68
C PRO B 104 3.10 17.91 -20.49
N GLY B 105 2.65 19.01 -19.91
CA GLY B 105 1.70 19.89 -20.55
C GLY B 105 2.34 21.24 -20.89
N LYS B 106 1.53 22.09 -21.49
CA LYS B 106 1.91 23.47 -21.79
C LYS B 106 1.11 24.34 -20.84
N ASN B 107 1.79 24.94 -19.86
CA ASN B 107 1.15 25.83 -18.92
C ASN B 107 -0.05 25.15 -18.25
N GLY B 108 0.13 23.88 -17.90
CA GLY B 108 -0.90 23.09 -17.27
C GLY B 108 -1.82 22.38 -18.22
N ALA B 109 -1.78 22.70 -19.51
CA ALA B 109 -2.67 22.11 -20.48
C ALA B 109 -1.97 20.91 -21.11
N MET B 110 -2.40 19.70 -20.74
CA MET B 110 -1.90 18.50 -21.39
C MET B 110 -2.50 18.39 -22.79
N ASP B 111 -1.67 18.07 -23.78
CA ASP B 111 -2.20 17.89 -25.13
C ASP B 111 -3.17 16.72 -25.12
N PRO B 112 -4.42 16.89 -25.57
CA PRO B 112 -5.40 15.81 -25.40
C PRO B 112 -5.00 14.53 -26.11
N ASP B 113 -4.33 14.63 -27.26
CA ASP B 113 -3.82 13.43 -27.91
C ASP B 113 -2.74 12.76 -27.06
N ASP B 114 -1.94 13.55 -26.33
CA ASP B 114 -0.99 12.94 -25.40
C ASP B 114 -1.70 12.23 -24.26
N VAL B 115 -2.84 12.78 -23.82
CA VAL B 115 -3.67 12.11 -22.82
C VAL B 115 -4.22 10.80 -23.37
N ARG B 116 -4.76 10.85 -24.60
CA ARG B 116 -5.23 9.62 -25.23
C ARG B 116 -4.11 8.60 -25.36
N LYS B 117 -2.91 9.04 -25.75
CA LYS B 117 -1.83 8.06 -25.92
C LYS B 117 -1.39 7.46 -24.60
N ALA B 118 -1.69 8.12 -23.48
CA ALA B 118 -1.29 7.63 -22.16
C ALA B 118 -2.27 6.61 -21.59
N ILE B 119 -3.48 6.52 -22.14
CA ILE B 119 -4.47 5.57 -21.64
C ILE B 119 -4.02 4.16 -21.99
N ARG B 120 -4.08 3.26 -21.01
CA ARG B 120 -3.53 1.92 -21.19
C ARG B 120 -4.51 1.03 -21.94
N ASP B 121 -3.95 0.21 -22.84
CA ASP B 121 -4.64 -0.94 -23.42
C ASP B 121 -5.01 -1.96 -22.35
N GLY B 122 -6.00 -2.77 -22.66
CA GLY B 122 -6.18 -3.97 -21.86
C GLY B 122 -5.08 -4.97 -22.15
N ASN B 123 -4.09 -5.04 -21.28
CA ASN B 123 -3.01 -6.00 -21.41
C ASN B 123 -2.51 -6.31 -20.00
N ILE B 124 -2.07 -7.56 -19.80
CA ILE B 124 -1.75 -8.01 -18.44
C ILE B 124 -0.58 -7.23 -17.86
N HIS B 125 0.34 -6.73 -18.71
CA HIS B 125 1.46 -5.96 -18.22
C HIS B 125 1.04 -4.59 -17.69
N PHE B 126 -0.19 -4.13 -18.02
CA PHE B 126 -0.61 -2.72 -17.93
C PHE B 126 -1.61 -2.48 -16.81
N PRO B 127 -1.39 -1.48 -15.96
CA PRO B 127 -2.48 -1.02 -15.09
C PRO B 127 -3.68 -0.53 -15.88
N ARG B 128 -4.82 -0.47 -15.20
CA ARG B 128 -6.03 0.13 -15.73
C ARG B 128 -6.02 1.64 -15.47
N THR B 129 -6.20 2.43 -16.51
CA THR B 129 -6.33 3.88 -16.38
C THR B 129 -7.74 4.22 -15.92
N SER B 130 -7.90 4.76 -14.72
CA SER B 130 -9.24 5.05 -14.22
C SER B 130 -9.49 6.52 -13.90
N LEU B 131 -8.48 7.38 -14.01
CA LEU B 131 -8.65 8.79 -13.66
C LEU B 131 -7.70 9.64 -14.50
N ILE B 132 -8.17 10.83 -14.84
CA ILE B 132 -7.37 11.90 -15.44
C ILE B 132 -7.60 13.10 -14.55
N ALA B 133 -6.53 13.67 -14.01
CA ALA B 133 -6.66 14.86 -13.18
C ALA B 133 -6.19 16.06 -13.99
N ILE B 134 -6.88 17.18 -13.80
CA ILE B 134 -6.54 18.46 -14.41
C ILE B 134 -6.48 19.51 -13.32
N GLU B 135 -5.51 20.43 -13.42
CA GLU B 135 -5.31 21.47 -12.43
C GLU B 135 -5.61 22.84 -13.04
N ASN B 136 -6.50 23.61 -12.39
CA ASN B 136 -6.88 24.94 -12.90
C ASN B 136 -7.25 25.85 -11.73
N THR B 137 -6.54 26.96 -11.56
CA THR B 137 -5.32 27.31 -12.30
C THR B 137 -4.16 26.34 -12.05
N HIS B 138 -3.21 26.30 -12.97
CA HIS B 138 -2.01 25.48 -12.81
C HIS B 138 -0.98 26.28 -12.03
N ASN B 139 -0.63 25.79 -10.85
CA ASN B 139 0.26 26.43 -9.88
C ASN B 139 1.64 26.69 -10.48
N ARG B 140 2.40 25.61 -10.71
CA ARG B 140 3.82 25.72 -11.03
C ARG B 140 4.09 26.52 -12.28
N SER B 141 3.20 26.48 -13.26
CA SER B 141 3.49 27.27 -14.46
C SER B 141 3.27 28.76 -14.25
N GLY B 142 2.88 29.19 -13.04
CA GLY B 142 2.59 30.58 -12.78
C GLY B 142 1.12 30.97 -12.60
N GLY B 143 0.31 30.07 -12.08
CA GLY B 143 -1.12 30.37 -11.97
C GLY B 143 -1.76 30.54 -13.33
N ARG B 144 -1.43 29.66 -14.27
CA ARG B 144 -1.94 29.76 -15.62
C ARG B 144 -3.33 29.15 -15.73
N VAL B 145 -4.10 29.65 -16.69
CA VAL B 145 -5.50 29.25 -16.88
C VAL B 145 -5.53 28.16 -17.96
N VAL B 146 -6.02 26.97 -17.61
CA VAL B 146 -6.16 25.92 -18.62
C VAL B 146 -7.36 26.28 -19.49
N PRO B 147 -7.19 26.44 -20.79
CA PRO B 147 -8.32 26.75 -21.67
C PRO B 147 -9.45 25.76 -21.47
N LEU B 148 -10.66 26.28 -21.29
CA LEU B 148 -11.84 25.43 -21.17
C LEU B 148 -11.91 24.40 -22.30
N GLU B 149 -11.55 24.80 -23.51
CA GLU B 149 -11.60 23.85 -24.63
C GLU B 149 -10.69 22.65 -24.39
N ASN B 150 -9.52 22.87 -23.76
CA ASN B 150 -8.66 21.75 -23.39
C ASN B 150 -9.36 20.81 -22.42
N ILE B 151 -10.04 21.37 -21.42
CA ILE B 151 -10.77 20.56 -20.46
C ILE B 151 -11.92 19.82 -21.16
N LYS B 152 -12.60 20.49 -22.10
CA LYS B 152 -13.68 19.89 -22.84
C LYS B 152 -13.21 18.66 -23.63
N GLU B 153 -12.12 18.81 -24.37
CA GLU B 153 -11.63 17.72 -25.20
C GLU B 153 -11.13 16.55 -24.37
N ILE B 154 -10.61 16.82 -23.18
CA ILE B 154 -10.12 15.75 -22.33
C ILE B 154 -11.29 15.06 -21.63
N CYS B 155 -12.33 15.81 -21.28
CA CYS B 155 -13.53 15.15 -20.77
C CYS B 155 -14.16 14.26 -21.84
N THR B 156 -14.13 14.70 -23.11
CA THR B 156 -14.62 13.87 -24.20
C THR B 156 -13.84 12.56 -24.28
N ILE B 157 -12.51 12.66 -24.26
CA ILE B 157 -11.65 11.48 -24.34
C ILE B 157 -11.95 10.53 -23.19
N ALA B 158 -12.07 11.06 -21.98
CA ALA B 158 -12.25 10.20 -20.82
C ALA B 158 -13.54 9.43 -20.91
N LYS B 159 -14.61 10.08 -21.39
CA LYS B 159 -15.91 9.43 -21.43
C LYS B 159 -15.94 8.30 -22.44
N GLU B 160 -15.28 8.48 -23.59
CA GLU B 160 -15.18 7.40 -24.57
C GLU B 160 -14.59 6.13 -23.97
N HIS B 161 -13.81 6.25 -22.90
CA HIS B 161 -13.04 5.15 -22.32
C HIS B 161 -13.53 4.73 -20.95
N GLY B 162 -14.54 5.41 -20.41
CA GLY B 162 -15.04 5.10 -19.08
C GLY B 162 -14.13 5.57 -17.96
N ILE B 163 -13.40 6.66 -18.15
CA ILE B 163 -12.43 7.16 -17.18
C ILE B 163 -13.03 8.34 -16.42
N ASN B 164 -12.73 8.44 -15.14
CA ASN B 164 -13.18 9.58 -14.36
C ASN B 164 -12.26 10.78 -14.57
N VAL B 165 -12.81 11.98 -14.34
CA VAL B 165 -12.06 13.22 -14.50
C VAL B 165 -12.14 14.00 -13.20
N HIS B 166 -10.99 14.31 -12.61
CA HIS B 166 -10.90 15.17 -11.43
C HIS B 166 -10.27 16.50 -11.83
N ILE B 167 -10.91 17.60 -11.49
CA ILE B 167 -10.27 18.91 -11.58
C ILE B 167 -9.72 19.26 -10.21
N ASP B 168 -8.41 19.46 -10.14
CA ASP B 168 -7.79 20.08 -8.96
C ASP B 168 -8.05 21.57 -9.11
N GLY B 169 -9.19 22.02 -8.61
CA GLY B 169 -9.48 23.43 -8.76
C GLY B 169 -9.12 24.21 -7.52
N ALA B 170 -7.96 23.94 -6.93
CA ALA B 170 -7.54 24.66 -5.73
C ALA B 170 -7.71 26.17 -5.89
N ARG B 171 -7.42 26.69 -7.08
CA ARG B 171 -7.58 28.10 -7.41
C ARG B 171 -8.57 28.30 -8.56
N ILE B 172 -9.65 27.52 -8.57
CA ILE B 172 -10.56 27.55 -9.71
C ILE B 172 -11.29 28.88 -9.81
N PHE B 173 -11.48 29.58 -8.69
CA PHE B 173 -12.15 30.88 -8.75
C PHE B 173 -11.24 31.94 -9.34
N ASN B 174 -9.92 31.86 -9.11
CA ASN B 174 -9.00 32.74 -9.82
C ASN B 174 -9.07 32.48 -11.32
N ALA B 175 -9.20 31.22 -11.71
CA ALA B 175 -9.33 30.89 -13.13
C ALA B 175 -10.62 31.45 -13.70
N SER B 176 -11.72 31.36 -12.93
CA SER B 176 -13.01 31.84 -13.40
C SER B 176 -13.01 33.36 -13.55
N ILE B 177 -12.42 34.07 -12.59
CA ILE B 177 -12.38 35.54 -12.66
C ILE B 177 -11.63 35.99 -13.92
N ALA B 178 -10.58 35.25 -14.30
CA ALA B 178 -9.74 35.68 -15.42
C ALA B 178 -10.25 35.19 -16.77
N SER B 179 -10.97 34.07 -16.79
CA SER B 179 -11.43 33.48 -18.05
C SER B 179 -12.86 33.85 -18.38
N GLY B 180 -13.65 34.23 -17.38
CA GLY B 180 -15.08 34.40 -17.55
C GLY B 180 -15.89 33.14 -17.43
N VAL B 181 -15.25 31.97 -17.43
CA VAL B 181 -15.97 30.70 -17.32
C VAL B 181 -16.51 30.57 -15.90
N PRO B 182 -17.84 30.45 -15.70
CA PRO B 182 -18.34 30.16 -14.35
C PRO B 182 -17.79 28.83 -13.88
N VAL B 183 -17.50 28.72 -12.59
CA VAL B 183 -16.99 27.45 -12.07
C VAL B 183 -17.95 26.33 -12.38
N LYS B 184 -19.26 26.61 -12.41
CA LYS B 184 -20.24 25.60 -12.73
C LYS B 184 -19.97 25.00 -14.11
N GLU B 185 -19.47 25.81 -15.04
CA GLU B 185 -19.23 25.33 -16.39
C GLU B 185 -17.96 24.48 -16.46
N TYR B 186 -16.90 24.86 -15.75
CA TYR B 186 -15.76 23.95 -15.62
C TYR B 186 -16.19 22.61 -15.03
N ALA B 187 -16.97 22.68 -13.95
CA ALA B 187 -17.38 21.50 -13.20
C ALA B 187 -18.25 20.55 -14.01
N GLY B 188 -18.93 21.06 -15.04
CA GLY B 188 -19.72 20.18 -15.88
C GLY B 188 -18.91 19.14 -16.62
N TYR B 189 -17.63 19.41 -16.85
CA TYR B 189 -16.74 18.52 -17.58
C TYR B 189 -15.94 17.60 -16.67
N ALA B 190 -16.30 17.52 -15.40
CA ALA B 190 -15.53 16.77 -14.42
C ALA B 190 -16.47 15.91 -13.58
N ASP B 191 -15.94 14.79 -13.11
CA ASP B 191 -16.70 14.01 -12.15
C ASP B 191 -16.57 14.59 -10.76
N SER B 192 -15.44 15.21 -10.46
CA SER B 192 -15.21 15.79 -9.13
C SER B 192 -14.37 17.04 -9.28
N VAL B 193 -14.58 17.98 -8.38
CA VAL B 193 -13.74 19.17 -8.31
C VAL B 193 -13.37 19.38 -6.86
N MET B 194 -12.08 19.58 -6.60
CA MET B 194 -11.64 20.10 -5.31
C MET B 194 -11.35 21.58 -5.48
N PHE B 195 -11.74 22.38 -4.51
CA PHE B 195 -11.32 23.77 -4.52
C PHE B 195 -11.01 24.19 -3.08
N CYS B 196 -10.09 25.14 -2.95
CA CYS B 196 -9.66 25.59 -1.64
C CYS B 196 -10.46 26.79 -1.17
N LEU B 197 -10.80 26.80 0.11
CA LEU B 197 -11.27 28.00 0.80
C LEU B 197 -10.13 28.80 1.39
N SER B 198 -9.00 28.16 1.66
CA SER B 198 -8.02 28.69 2.58
C SER B 198 -6.92 29.45 1.86
N1 LLP B 199 -3.55 21.81 -5.55
C2 LLP B 199 -3.14 23.04 -5.82
C2' LLP B 199 -3.08 23.58 -7.28
C3 LLP B 199 -2.75 23.89 -4.76
O3 LLP B 199 -2.34 25.18 -5.07
C4 LLP B 199 -2.79 23.46 -3.44
C4' LLP B 199 -2.35 24.51 -2.30
C5 LLP B 199 -3.22 22.19 -3.16
C6 LLP B 199 -3.60 21.35 -4.21
C5' LLP B 199 -3.27 21.61 -1.70
OP4 LLP B 199 -3.97 22.41 -0.78
P LLP B 199 -3.49 22.44 0.70
OP1 LLP B 199 -3.18 21.01 1.21
OP2 LLP B 199 -4.59 23.09 1.48
OP3 LLP B 199 -2.21 23.20 0.81
N LLP B 199 -7.11 29.69 0.56
CA LLP B 199 -6.08 30.39 -0.23
CB LLP B 199 -5.76 29.65 -1.52
CG LLP B 199 -4.91 28.43 -1.15
CD LLP B 199 -4.42 27.62 -2.38
CE LLP B 199 -3.65 26.42 -1.80
NZ LLP B 199 -2.68 25.84 -2.73
C LLP B 199 -6.57 31.78 -0.47
O LLP B 199 -6.63 32.57 0.47
N GLY B 200 -6.92 32.11 -1.71
CA GLY B 200 -7.31 33.46 -2.04
C GLY B 200 -8.58 33.93 -1.34
N LEU B 201 -9.45 32.96 -1.00
CA LEU B 201 -10.74 33.28 -0.39
C LEU B 201 -10.65 33.51 1.11
N CYS B 202 -9.47 33.40 1.70
CA CYS B 202 -9.11 33.89 3.02
C CYS B 202 -9.68 33.09 4.20
N ALA B 203 -10.33 31.94 3.97
CA ALA B 203 -10.70 31.12 5.11
C ALA B 203 -9.43 30.62 5.80
N PRO B 204 -9.50 30.35 7.11
CA PRO B 204 -8.30 29.85 7.82
C PRO B 204 -7.99 28.40 7.52
N VAL B 205 -8.98 27.57 7.21
CA VAL B 205 -8.73 26.13 7.11
C VAL B 205 -9.69 25.51 6.10
N GLY B 206 -9.16 24.71 5.19
CA GLY B 206 -10.09 23.81 4.53
C GLY B 206 -10.29 24.05 3.05
N SER B 207 -10.83 23.00 2.45
CA SER B 207 -11.16 22.92 1.05
C SER B 207 -12.44 22.10 0.96
N VAL B 208 -13.01 22.04 -0.23
CA VAL B 208 -14.24 21.29 -0.45
C VAL B 208 -14.04 20.44 -1.71
N VAL B 209 -14.63 19.24 -1.71
CA VAL B 209 -14.75 18.41 -2.92
C VAL B 209 -16.21 18.36 -3.31
N VAL B 210 -16.51 18.56 -4.60
CA VAL B 210 -17.87 18.45 -5.08
C VAL B 210 -17.95 17.30 -6.08
N GLY B 211 -19.09 16.62 -6.10
CA GLY B 211 -19.30 15.57 -7.06
C GLY B 211 -20.63 14.86 -6.85
N ASP B 212 -20.71 13.67 -7.45
CA ASP B 212 -21.88 12.80 -7.34
C ASP B 212 -22.07 12.29 -5.92
N ARG B 213 -23.33 12.00 -5.58
CA ARG B 213 -23.65 11.48 -4.24
C ARG B 213 -22.87 10.22 -3.91
N ASP B 214 -22.81 9.27 -4.83
CA ASP B 214 -22.09 8.02 -4.59
C ASP B 214 -20.61 8.26 -4.36
N PHE B 215 -19.98 9.07 -5.23
CA PHE B 215 -18.57 9.38 -5.10
C PHE B 215 -18.29 10.12 -3.78
N ILE B 216 -19.11 11.14 -3.48
CA ILE B 216 -18.93 11.87 -2.23
C ILE B 216 -19.05 10.92 -1.04
N GLU B 217 -19.98 9.98 -1.13
CA GLU B 217 -20.11 8.97 -0.07
C GLU B 217 -18.86 8.12 0.03
N ARG B 218 -18.30 7.68 -1.11
CA ARG B 218 -17.02 6.97 -1.05
C ARG B 218 -15.93 7.89 -0.51
N ALA B 219 -15.89 9.15 -0.94
CA ALA B 219 -14.85 10.09 -0.51
C ALA B 219 -14.93 10.40 0.97
N ARG B 220 -16.15 10.39 1.54
CA ARG B 220 -16.30 10.62 2.98
C ARG B 220 -15.67 9.49 3.78
N LYS B 221 -15.85 8.24 3.34
CA LYS B 221 -15.21 7.13 4.02
C LYS B 221 -13.69 7.17 3.85
N ALA B 222 -13.21 7.58 2.68
CA ALA B 222 -11.78 7.87 2.52
C ALA B 222 -11.33 8.95 3.51
N ARG B 223 -12.12 10.02 3.63
CA ARG B 223 -11.82 11.05 4.63
C ARG B 223 -11.71 10.45 6.03
N LYS B 224 -12.67 9.60 6.42
CA LYS B 224 -12.60 8.97 7.73
C LYS B 224 -11.31 8.16 7.88
N MET B 225 -10.97 7.37 6.85
CA MET B 225 -9.73 6.60 6.89
C MET B 225 -8.51 7.51 7.03
N LEU B 226 -8.43 8.57 6.21
CA LEU B 226 -7.23 9.41 6.27
C LEU B 226 -7.18 10.30 7.51
N GLY B 227 -8.26 10.41 8.27
CA GLY B 227 -8.24 11.21 9.47
C GLY B 227 -8.88 12.58 9.37
N GLY B 228 -9.62 12.86 8.31
CA GLY B 228 -10.31 14.12 8.18
C GLY B 228 -11.71 14.14 8.75
N GLY B 229 -12.13 13.11 9.50
CA GLY B 229 -13.45 13.13 10.14
C GLY B 229 -13.46 13.90 11.44
N MET B 230 -13.81 15.18 11.38
CA MET B 230 -13.76 16.06 12.54
C MET B 230 -15.14 16.12 13.18
N ARG B 231 -15.27 16.90 14.27
CA ARG B 231 -16.52 16.90 15.01
C ARG B 231 -17.24 18.20 14.75
N GLN B 232 -17.08 19.22 15.60
CA GLN B 232 -17.78 20.49 15.45
C GLN B 232 -16.98 21.42 14.51
N ALA B 233 -16.79 20.92 13.29
CA ALA B 233 -16.06 21.67 12.29
C ALA B 233 -16.87 22.83 11.72
N GLY B 234 -18.13 23.01 12.15
CA GLY B 234 -18.90 24.18 11.77
C GLY B 234 -18.22 25.49 12.11
N VAL B 235 -17.32 25.48 13.08
CA VAL B 235 -16.52 26.67 13.37
C VAL B 235 -15.71 27.08 12.14
N LEU B 236 -15.16 26.11 11.42
CA LEU B 236 -14.40 26.40 10.20
C LEU B 236 -15.34 26.68 9.03
N ALA B 237 -16.44 25.95 8.94
CA ALA B 237 -17.37 26.16 7.83
C ALA B 237 -18.00 27.54 7.87
N ALA B 238 -18.13 28.13 9.05
CA ALA B 238 -18.64 29.51 9.14
C ALA B 238 -17.72 30.49 8.39
N ALA B 239 -16.41 30.38 8.59
CA ALA B 239 -15.51 31.17 7.77
C ALA B 239 -15.60 30.78 6.29
N GLY B 240 -15.77 29.49 6.02
CA GLY B 240 -15.78 29.03 4.63
C GLY B 240 -16.98 29.53 3.85
N ILE B 241 -18.15 29.57 4.49
CA ILE B 241 -19.34 30.15 3.87
C ILE B 241 -19.09 31.60 3.47
N ILE B 242 -18.47 32.38 4.36
CA ILE B 242 -18.13 33.75 3.99
C ILE B 242 -17.13 33.74 2.84
N ALA B 243 -16.08 32.90 2.93
CA ALA B 243 -15.08 32.83 1.87
C ALA B 243 -15.71 32.52 0.52
N LEU B 244 -16.63 31.56 0.48
CA LEU B 244 -17.25 31.16 -0.76
C LEU B 244 -18.21 32.21 -1.30
N THR B 245 -18.90 32.92 -0.41
CA THR B 245 -19.98 33.84 -0.82
C THR B 245 -19.58 35.30 -0.81
N LYS B 246 -18.49 35.68 -0.13
CA LYS B 246 -18.16 37.09 -0.03
C LYS B 246 -16.77 37.47 -0.53
N MET B 247 -15.86 36.51 -0.73
CA MET B 247 -14.48 36.84 -1.05
C MET B 247 -14.07 36.54 -2.50
N VAL B 248 -15.00 36.07 -3.34
CA VAL B 248 -14.65 35.67 -4.70
C VAL B 248 -14.42 36.89 -5.59
N ASP B 249 -15.29 37.89 -5.50
CA ASP B 249 -15.22 39.00 -6.44
C ASP B 249 -13.94 39.80 -6.28
N ARG B 250 -13.47 39.99 -5.03
CA ARG B 250 -12.27 40.80 -4.85
C ARG B 250 -11.00 40.08 -5.32
N LEU B 251 -11.12 38.89 -5.89
CA LEU B 251 -9.95 38.23 -6.44
C LEU B 251 -9.36 39.03 -7.60
N LYS B 252 -10.20 39.81 -8.29
CA LYS B 252 -9.71 40.67 -9.37
C LYS B 252 -8.67 41.67 -8.87
N GLU B 253 -8.66 42.01 -7.57
CA GLU B 253 -7.65 42.95 -7.08
C GLU B 253 -6.28 42.30 -7.00
N ASP B 254 -6.23 41.05 -6.51
CA ASP B 254 -4.99 40.27 -6.53
C ASP B 254 -4.46 40.14 -7.95
N HIS B 255 -5.35 39.90 -8.92
CA HIS B 255 -4.91 39.78 -10.32
C HIS B 255 -4.38 41.11 -10.85
N GLU B 256 -5.08 42.21 -10.55
CA GLU B 256 -4.57 43.53 -10.95
C GLU B 256 -3.25 43.84 -10.27
N ASN B 257 -3.14 43.54 -8.98
CA ASN B 257 -1.89 43.77 -8.27
C ASN B 257 -0.77 42.89 -8.83
N ALA B 258 -1.08 41.63 -9.15
CA ALA B 258 -0.06 40.76 -9.74
C ALA B 258 0.40 41.30 -11.07
N ARG B 259 -0.54 41.75 -11.90
CA ARG B 259 -0.17 42.31 -13.20
C ARG B 259 0.68 43.56 -13.01
N PHE B 260 0.26 44.47 -12.15
CA PHE B 260 1.04 45.67 -11.89
C PHE B 260 2.43 45.29 -11.40
N LEU B 261 2.50 44.35 -10.45
CA LEU B 261 3.80 43.92 -9.93
C LEU B 261 4.69 43.39 -11.05
N ALA B 262 4.12 42.62 -11.98
CA ALA B 262 4.94 41.99 -13.01
C ALA B 262 5.41 43.02 -14.05
N LEU B 263 4.51 43.91 -14.49
CA LEU B 263 4.91 44.95 -15.44
C LEU B 263 6.00 45.84 -14.86
N LYS B 264 5.85 46.26 -13.61
CA LYS B 264 6.87 47.10 -12.98
C LYS B 264 8.18 46.34 -12.79
N LEU B 265 8.10 45.07 -12.39
CA LEU B 265 9.32 44.27 -12.22
C LEU B 265 10.07 44.13 -13.53
N LYS B 266 9.34 43.87 -14.62
CA LYS B 266 9.97 43.84 -15.93
C LYS B 266 10.65 45.17 -16.25
N GLU B 267 9.99 46.28 -15.90
CA GLU B 267 10.57 47.59 -16.17
C GLU B 267 11.86 47.80 -15.39
N ILE B 268 11.92 47.33 -14.14
CA ILE B 268 13.15 47.37 -13.37
C ILE B 268 14.26 46.58 -14.06
N GLY B 269 13.91 45.49 -14.75
CA GLY B 269 14.89 44.73 -15.50
C GLY B 269 14.96 43.25 -15.16
N TYR B 270 14.09 42.79 -14.26
CA TYR B 270 14.05 41.38 -13.91
C TYR B 270 13.51 40.55 -15.07
N SER B 271 13.89 39.27 -15.08
CA SER B 271 13.43 38.33 -16.09
C SER B 271 12.02 37.86 -15.70
N VAL B 272 11.03 38.67 -16.08
CA VAL B 272 9.63 38.31 -15.90
C VAL B 272 8.91 38.49 -17.23
N ASN B 273 7.83 37.75 -17.42
CA ASN B 273 7.00 37.84 -18.61
C ASN B 273 5.62 38.34 -18.18
N PRO B 274 5.39 39.64 -18.19
CA PRO B 274 4.08 40.16 -17.76
C PRO B 274 2.91 39.63 -18.58
N GLU B 275 3.16 39.25 -19.84
CA GLU B 275 2.06 38.75 -20.66
C GLU B 275 1.56 37.39 -20.20
N ASP B 276 2.32 36.71 -19.35
CA ASP B 276 1.95 35.40 -18.80
C ASP B 276 1.17 35.50 -17.49
N VAL B 277 1.02 36.70 -16.93
CA VAL B 277 0.39 36.90 -15.64
C VAL B 277 -1.09 37.16 -15.88
N LYS B 278 -1.92 36.13 -15.68
CA LYS B 278 -3.36 36.23 -15.86
C LYS B 278 -4.14 36.15 -14.56
N THR B 279 -3.54 35.58 -13.50
CA THR B 279 -4.16 35.55 -12.18
C THR B 279 -3.24 36.23 -11.17
N ASN B 280 -3.00 35.59 -10.02
CA ASN B 280 -2.34 36.24 -8.89
C ASN B 280 -0.89 35.78 -8.69
N MET B 281 -0.21 35.34 -9.74
CA MET B 281 1.12 34.76 -9.60
C MET B 281 2.07 35.30 -10.66
N VAL B 282 3.32 35.50 -10.24
CA VAL B 282 4.39 36.02 -11.10
C VAL B 282 5.59 35.12 -10.92
N ILE B 283 6.11 34.60 -12.02
CA ILE B 283 7.33 33.83 -12.02
C ILE B 283 8.47 34.73 -12.50
N LEU B 284 9.51 34.82 -11.69
CA LEU B 284 10.71 35.61 -11.96
C LEU B 284 11.88 34.64 -12.12
N ARG B 285 12.57 34.72 -13.27
CA ARG B 285 13.77 33.92 -13.53
C ARG B 285 15.02 34.67 -13.07
N THR B 286 16.04 33.93 -12.63
CA THR B 286 17.28 34.52 -12.17
C THR B 286 18.43 34.35 -13.17
N ASP B 287 18.14 34.09 -14.45
CA ASP B 287 19.22 33.89 -15.41
C ASP B 287 20.04 35.15 -15.63
N ASN B 288 19.50 36.32 -15.30
CA ASN B 288 20.23 37.57 -15.47
C ASN B 288 20.71 38.13 -14.13
N LEU B 289 20.75 37.31 -13.10
CA LEU B 289 21.14 37.74 -11.77
C LEU B 289 22.44 37.06 -11.34
N LYS B 290 23.20 37.76 -10.48
CA LYS B 290 24.35 37.12 -9.85
C LYS B 290 23.93 35.85 -9.12
N VAL B 291 22.75 35.86 -8.50
CA VAL B 291 22.33 34.80 -7.61
C VAL B 291 21.45 33.80 -8.35
N ASN B 292 21.25 32.65 -7.72
CA ASN B 292 20.25 31.69 -8.14
C ASN B 292 18.97 31.97 -7.37
N ALA B 293 17.96 31.13 -7.60
CA ALA B 293 16.67 31.31 -6.93
C ALA B 293 16.83 31.39 -5.42
N HIS B 294 17.62 30.49 -4.83
CA HIS B 294 17.70 30.42 -3.38
C HIS B 294 18.52 31.58 -2.82
N GLY B 295 19.51 32.08 -3.55
CA GLY B 295 20.21 33.27 -3.11
C GLY B 295 19.35 34.51 -3.15
N PHE B 296 18.48 34.62 -4.17
CA PHE B 296 17.61 35.78 -4.24
C PHE B 296 16.61 35.78 -3.10
N ILE B 297 16.00 34.63 -2.80
CA ILE B 297 15.07 34.51 -1.68
C ILE B 297 15.72 35.02 -0.39
N GLU B 298 16.98 34.64 -0.16
CA GLU B 298 17.68 35.09 1.04
C GLU B 298 17.88 36.61 1.01
N ALA B 299 18.31 37.14 -0.13
CA ALA B 299 18.45 38.59 -0.24
C ALA B 299 17.12 39.29 -0.04
N LEU B 300 16.07 38.76 -0.69
CA LEU B 300 14.72 39.33 -0.52
C LEU B 300 14.27 39.27 0.94
N ARG B 301 14.42 38.10 1.57
CA ARG B 301 14.06 37.97 2.97
C ARG B 301 14.80 38.99 3.82
N ASN B 302 16.11 39.10 3.60
CA ASN B 302 16.92 40.12 4.26
C ASN B 302 16.28 41.50 4.13
N SER B 303 15.76 41.83 2.95
CA SER B 303 15.18 43.12 2.70
C SER B 303 13.71 43.19 3.11
N GLY B 304 13.16 42.14 3.72
CA GLY B 304 11.80 42.17 4.21
C GLY B 304 10.74 41.73 3.21
N VAL B 305 11.12 41.10 2.11
CA VAL B 305 10.18 40.55 1.15
C VAL B 305 10.30 39.03 1.19
N LEU B 306 9.22 38.35 1.56
CA LEU B 306 9.18 36.90 1.61
C LEU B 306 8.72 36.35 0.26
N ALA B 307 9.54 35.51 -0.35
CA ALA B 307 9.15 34.81 -1.57
C ALA B 307 9.57 33.36 -1.48
N GLU B 308 9.24 32.60 -2.52
CA GLU B 308 9.50 31.17 -2.55
C GLU B 308 10.03 30.76 -3.90
N ALA B 309 11.07 29.93 -3.89
CA ALA B 309 11.59 29.32 -5.10
C ALA B 309 10.69 28.18 -5.56
N VAL B 310 10.46 28.11 -6.86
CA VAL B 310 9.82 26.95 -7.47
C VAL B 310 10.79 26.07 -8.25
N SER B 311 12.00 26.55 -8.54
CA SER B 311 13.05 25.72 -9.11
C SER B 311 14.39 26.30 -8.66
N ASP B 312 15.48 25.80 -9.24
CA ASP B 312 16.79 26.39 -8.98
C ASP B 312 16.90 27.80 -9.55
N THR B 313 16.11 28.13 -10.57
CA THR B 313 16.25 29.40 -11.30
C THR B 313 14.95 30.20 -11.38
N GLU B 314 13.89 29.79 -10.69
CA GLU B 314 12.61 30.46 -10.75
C GLU B 314 12.03 30.68 -9.37
N ILE B 315 11.59 31.90 -9.11
CA ILE B 315 10.90 32.27 -7.88
CA ILE B 315 10.88 32.22 -7.87
C ILE B 315 9.43 32.54 -8.21
N ARG B 316 8.56 32.34 -7.23
CA ARG B 316 7.14 32.52 -7.38
C ARG B 316 6.69 33.64 -6.45
N LEU B 317 6.05 34.66 -7.01
CA LEU B 317 5.43 35.72 -6.23
C LEU B 317 3.92 35.55 -6.29
N VAL B 318 3.26 35.60 -5.15
CA VAL B 318 1.81 35.43 -5.09
C VAL B 318 1.20 36.61 -4.33
N THR B 319 0.15 37.20 -4.90
CA THR B 319 -0.61 38.26 -4.28
C THR B 319 -1.90 37.70 -3.69
N HIS B 320 -2.46 38.45 -2.74
CA HIS B 320 -3.61 38.01 -1.97
C HIS B 320 -4.15 39.22 -1.20
N LYS B 321 -5.23 38.98 -0.44
CA LYS B 321 -5.95 40.06 0.24
C LYS B 321 -5.06 40.83 1.20
N ASP B 322 -4.08 40.16 1.83
CA ASP B 322 -3.22 40.83 2.80
C ASP B 322 -2.01 41.51 2.15
N VAL B 323 -1.99 41.61 0.82
CA VAL B 323 -1.05 42.47 0.09
C VAL B 323 -1.87 43.60 -0.53
N SER B 324 -1.63 44.83 -0.10
CA SER B 324 -2.33 45.97 -0.66
C SER B 324 -1.54 46.55 -1.84
N ARG B 325 -2.19 47.45 -2.60
CA ARG B 325 -1.45 48.14 -3.66
C ARG B 325 -0.25 48.88 -3.08
N ASN B 326 -0.39 49.43 -1.86
CA ASN B 326 0.75 50.08 -1.22
C ASN B 326 1.85 49.07 -0.89
N ASP B 327 1.46 47.88 -0.41
CA ASP B 327 2.44 46.81 -0.21
C ASP B 327 3.20 46.51 -1.49
N ILE B 328 2.47 46.41 -2.61
CA ILE B 328 3.08 46.12 -3.90
C ILE B 328 4.08 47.22 -4.26
N GLU B 329 3.65 48.47 -4.14
CA GLU B 329 4.52 49.62 -4.41
C GLU B 329 5.74 49.61 -3.51
N GLU B 330 5.55 49.39 -2.21
CA GLU B 330 6.69 49.30 -1.30
C GLU B 330 7.60 48.13 -1.68
N ALA B 331 7.03 46.98 -2.04
CA ALA B 331 7.86 45.84 -2.44
C ALA B 331 8.63 46.14 -3.72
N LEU B 332 8.06 46.94 -4.62
CA LEU B 332 8.76 47.27 -5.85
C LEU B 332 10.01 48.10 -5.60
N ASN B 333 9.95 49.01 -4.62
CA ASN B 333 11.16 49.77 -4.26
C ASN B 333 12.26 48.85 -3.79
N ILE B 334 11.92 47.98 -2.83
CA ILE B 334 12.84 46.93 -2.39
C ILE B 334 13.35 46.15 -3.59
N PHE B 335 12.44 45.70 -4.46
CA PHE B 335 12.89 45.02 -5.68
C PHE B 335 13.78 45.94 -6.53
N GLU B 336 13.53 47.25 -6.49
CA GLU B 336 14.34 48.20 -7.25
C GLU B 336 15.74 48.30 -6.66
N LYS B 337 15.84 48.65 -5.37
CA LYS B 337 17.11 48.62 -4.64
C LYS B 337 17.97 47.42 -5.04
N LEU B 338 17.45 46.22 -4.75
CA LEU B 338 18.26 45.01 -4.85
C LEU B 338 18.62 44.65 -6.28
N PHE B 339 18.10 45.36 -7.29
CA PHE B 339 18.40 44.96 -8.66
C PHE B 339 19.84 45.32 -9.03
N SER B 340 20.30 46.52 -8.66
CA SER B 340 21.68 46.89 -8.98
C SER B 340 22.66 46.00 -8.25
N GLN B 341 22.30 45.51 -7.06
CA GLN B 341 23.16 44.60 -6.32
C GLN B 341 23.21 43.22 -6.97
N VAL B 342 22.08 42.73 -7.48
CA VAL B 342 21.97 41.33 -7.87
C VAL B 342 22.18 41.10 -9.38
N GLN B 343 22.11 42.13 -10.20
CA GLN B 343 22.37 41.95 -11.62
C GLN B 343 23.84 41.62 -11.89
N MET C 1 21.19 -39.17 8.23
CA MET C 1 20.33 -38.00 8.43
C MET C 1 18.88 -38.33 8.09
N ILE C 2 17.95 -37.90 8.95
CA ILE C 2 16.51 -38.10 8.77
C ILE C 2 15.83 -36.75 8.91
N ASP C 3 15.20 -36.28 7.83
CA ASP C 3 14.68 -34.91 7.78
C ASP C 3 13.18 -34.91 8.07
N LEU C 4 12.82 -34.55 9.30
CA LEU C 4 11.42 -34.46 9.71
C LEU C 4 10.94 -33.03 9.92
N ARG C 5 11.63 -32.04 9.35
CA ARG C 5 11.27 -30.65 9.59
C ARG C 5 9.96 -30.27 8.90
N SER C 6 9.69 -30.86 7.73
CA SER C 6 8.55 -30.47 6.91
C SER C 6 8.47 -31.44 5.74
N ASP C 7 7.28 -31.50 5.12
CA ASP C 7 7.14 -32.20 3.84
C ASP C 7 7.55 -31.34 2.65
N THR C 8 7.97 -30.09 2.86
CA THR C 8 8.46 -29.30 1.75
C THR C 8 9.74 -29.87 1.16
N VAL C 9 10.46 -30.71 1.92
CA VAL C 9 11.78 -31.16 1.51
C VAL C 9 11.74 -32.29 0.49
N THR C 10 10.56 -32.80 0.16
CA THR C 10 10.46 -33.88 -0.81
C THR C 10 11.19 -33.52 -2.11
N LYS C 11 11.92 -34.49 -2.62
CA LYS C 11 12.68 -34.36 -3.85
C LYS C 11 11.94 -35.00 -5.01
N PRO C 12 12.20 -34.59 -6.25
CA PRO C 12 11.42 -35.11 -7.38
C PRO C 12 11.63 -36.61 -7.56
N THR C 13 10.56 -37.32 -7.92
CA THR C 13 10.74 -38.72 -8.26
C THR C 13 11.55 -38.86 -9.54
N GLU C 14 11.96 -40.09 -9.84
CA GLU C 14 12.63 -40.34 -11.11
CA GLU C 14 12.63 -40.35 -11.11
C GLU C 14 11.71 -40.00 -12.29
N GLU C 15 10.46 -40.44 -12.22
CA GLU C 15 9.48 -40.09 -13.26
C GLU C 15 9.39 -38.57 -13.44
N MET C 16 9.19 -37.82 -12.35
CA MET C 16 9.15 -36.36 -12.45
C MET C 16 10.36 -35.82 -13.22
N ARG C 17 11.55 -36.32 -12.91
CA ARG C 17 12.78 -35.83 -13.55
C ARG C 17 12.79 -36.13 -15.04
N LYS C 18 12.33 -37.31 -15.45
CA LYS C 18 12.21 -37.62 -16.87
C LYS C 18 11.26 -36.66 -17.57
N ALA C 19 10.05 -36.47 -17.01
CA ALA C 19 9.08 -35.56 -17.60
C ALA C 19 9.63 -34.14 -17.68
N MET C 20 10.36 -33.72 -16.66
CA MET C 20 10.95 -32.37 -16.72
C MET C 20 11.90 -32.26 -17.89
N ALA C 21 12.71 -33.30 -18.12
CA ALA C 21 13.66 -33.27 -19.23
C ALA C 21 12.96 -33.08 -20.56
N GLN C 22 11.81 -33.73 -20.74
CA GLN C 22 11.16 -33.75 -22.04
C GLN C 22 9.84 -32.98 -22.07
N ALA C 23 9.63 -32.06 -21.14
CA ALA C 23 8.40 -31.28 -21.17
C ALA C 23 8.33 -30.42 -22.44
N GLU C 24 7.18 -30.47 -23.11
CA GLU C 24 6.86 -29.47 -24.12
C GLU C 24 6.55 -28.15 -23.41
N VAL C 25 7.21 -27.07 -23.84
CA VAL C 25 7.12 -25.77 -23.19
C VAL C 25 6.72 -24.73 -24.23
N GLY C 26 6.33 -23.55 -23.72
CA GLY C 26 6.04 -22.38 -24.52
C GLY C 26 6.06 -21.20 -23.58
N ASP C 27 5.84 -20.01 -24.12
CA ASP C 27 5.92 -18.81 -23.29
C ASP C 27 4.60 -18.61 -22.55
N ASP C 28 4.62 -18.82 -21.24
CA ASP C 28 3.37 -18.74 -20.48
C ASP C 28 2.83 -17.31 -20.41
N VAL C 29 3.68 -16.29 -20.50
CA VAL C 29 3.14 -14.95 -20.56
C VAL C 29 2.17 -14.82 -21.71
N TYR C 30 2.40 -15.57 -22.79
CA TYR C 30 1.46 -15.61 -23.91
C TYR C 30 0.38 -16.69 -23.78
N GLY C 31 0.29 -17.37 -22.62
CA GLY C 31 -0.65 -18.47 -22.53
C GLY C 31 -0.32 -19.63 -23.46
N GLU C 32 0.95 -19.81 -23.79
CA GLU C 32 1.32 -20.73 -24.86
C GLU C 32 2.11 -21.94 -24.36
N ASP C 33 2.20 -22.17 -23.06
CA ASP C 33 2.90 -23.35 -22.57
C ASP C 33 1.92 -24.49 -22.43
N PRO C 34 2.02 -25.55 -23.27
CA PRO C 34 0.99 -26.58 -23.26
C PRO C 34 1.02 -27.43 -22.00
N THR C 35 2.16 -27.57 -21.34
CA THR C 35 2.20 -28.38 -20.13
C THR C 35 1.64 -27.64 -18.93
N ILE C 36 1.97 -26.34 -18.81
CA ILE C 36 1.21 -25.45 -17.91
C ILE C 36 -0.27 -25.52 -18.22
N ASN C 37 -0.63 -25.34 -19.50
CA ASN C 37 -2.05 -25.29 -19.86
C ASN C 37 -2.75 -26.57 -19.43
N GLU C 38 -2.09 -27.71 -19.59
CA GLU C 38 -2.70 -28.98 -19.24
C GLU C 38 -2.81 -29.15 -17.72
N LEU C 39 -1.76 -28.77 -16.98
CA LEU C 39 -1.80 -28.78 -15.52
C LEU C 39 -2.99 -27.96 -15.00
N GLU C 40 -3.16 -26.74 -15.50
CA GLU C 40 -4.27 -25.93 -15.05
C GLU C 40 -5.62 -26.60 -15.38
N ARG C 41 -5.76 -27.12 -16.60
CA ARG C 41 -6.96 -27.85 -16.97
C ARG C 41 -7.21 -29.03 -16.04
N LEU C 42 -6.16 -29.80 -15.75
CA LEU C 42 -6.29 -30.93 -14.83
C LEU C 42 -6.70 -30.45 -13.43
N ALA C 43 -6.08 -29.36 -12.96
CA ALA C 43 -6.39 -28.84 -11.63
C ALA C 43 -7.82 -28.37 -11.55
N ALA C 44 -8.27 -27.59 -12.54
CA ALA C 44 -9.66 -27.12 -12.53
C ALA C 44 -10.62 -28.31 -12.53
N GLU C 45 -10.31 -29.33 -13.32
CA GLU C 45 -11.18 -30.51 -13.40
C GLU C 45 -11.21 -31.25 -12.08
N THR C 46 -10.04 -31.47 -11.46
CA THR C 46 -10.02 -32.21 -10.19
C THR C 46 -10.80 -31.49 -9.11
N PHE C 47 -10.82 -30.16 -9.13
CA PHE C 47 -11.51 -29.45 -8.06
C PHE C 47 -12.92 -29.05 -8.44
N GLY C 48 -13.31 -29.24 -9.70
CA GLY C 48 -14.66 -28.87 -10.10
C GLY C 48 -14.86 -27.39 -10.29
N LYS C 49 -13.82 -26.66 -10.72
CA LYS C 49 -13.90 -25.22 -10.89
C LYS C 49 -13.68 -24.85 -12.34
N GLU C 50 -13.97 -23.58 -12.64
CA GLU C 50 -13.92 -23.11 -14.02
C GLU C 50 -12.50 -23.03 -14.56
N ALA C 51 -11.54 -22.66 -13.72
CA ALA C 51 -10.23 -22.25 -14.21
C ALA C 51 -9.21 -22.48 -13.12
N ALA C 52 -7.94 -22.44 -13.50
CA ALA C 52 -6.87 -22.60 -12.54
C ALA C 52 -5.70 -21.72 -12.97
N LEU C 53 -4.78 -21.50 -12.04
CA LEU C 53 -3.60 -20.69 -12.29
C LEU C 53 -2.42 -21.31 -11.52
N PHE C 54 -1.38 -21.69 -12.25
CA PHE C 54 -0.13 -22.13 -11.64
C PHE C 54 0.63 -20.94 -11.08
N VAL C 55 1.24 -21.12 -9.91
CA VAL C 55 2.02 -20.07 -9.24
C VAL C 55 3.28 -20.69 -8.63
N PRO C 56 4.33 -19.88 -8.47
CA PRO C 56 5.62 -20.43 -7.98
C PRO C 56 5.62 -20.85 -6.52
N SER C 57 4.60 -20.50 -5.74
CA SER C 57 4.58 -20.85 -4.33
C SER C 57 3.15 -20.76 -3.85
N GLY C 58 2.88 -21.45 -2.74
CA GLY C 58 1.58 -21.33 -2.11
C GLY C 58 1.38 -19.96 -1.50
N THR C 59 2.46 -19.32 -1.05
CA THR C 59 2.34 -17.95 -0.56
C THR C 59 1.79 -17.06 -1.65
N MET C 60 2.35 -17.15 -2.86
CA MET C 60 1.79 -16.34 -3.95
C MET C 60 0.37 -16.77 -4.26
N GLY C 61 0.09 -18.08 -4.17
CA GLY C 61 -1.27 -18.54 -4.39
C GLY C 61 -2.27 -17.88 -3.45
N ASN C 62 -1.93 -17.79 -2.17
CA ASN C 62 -2.85 -17.16 -1.24
C ASN C 62 -2.97 -15.66 -1.48
N GLN C 63 -1.84 -15.00 -1.79
CA GLN C 63 -1.85 -13.54 -1.89
C GLN C 63 -2.53 -13.09 -3.18
N VAL C 64 -2.36 -13.82 -4.29
CA VAL C 64 -3.08 -13.38 -5.49
C VAL C 64 -4.57 -13.64 -5.32
N SER C 65 -4.94 -14.64 -4.52
CA SER C 65 -6.35 -14.88 -4.23
C SER C 65 -6.90 -13.75 -3.39
N ILE C 66 -6.16 -13.33 -2.37
CA ILE C 66 -6.59 -12.19 -1.56
C ILE C 66 -6.73 -10.95 -2.43
N MET C 67 -5.78 -10.72 -3.34
CA MET C 67 -5.87 -9.56 -4.22
C MET C 67 -7.12 -9.64 -5.10
N ALA C 68 -7.37 -10.80 -5.69
CA ALA C 68 -8.49 -10.93 -6.61
C ALA C 68 -9.84 -10.84 -5.90
N HIS C 69 -9.87 -11.10 -4.59
CA HIS C 69 -11.11 -11.15 -3.81
C HIS C 69 -11.45 -9.83 -3.15
N THR C 70 -10.51 -8.89 -3.06
CA THR C 70 -10.64 -7.75 -2.16
C THR C 70 -10.38 -6.44 -2.89
N GLN C 71 -10.87 -5.37 -2.28
CA GLN C 71 -10.42 -4.02 -2.58
C GLN C 71 -9.68 -3.47 -1.39
N ARG C 72 -9.04 -2.32 -1.59
CA ARG C 72 -8.23 -1.74 -0.53
C ARG C 72 -9.12 -1.41 0.66
N GLY C 73 -8.61 -1.68 1.85
CA GLY C 73 -9.36 -1.42 3.06
C GLY C 73 -10.35 -2.48 3.45
N ASP C 74 -10.51 -3.55 2.66
CA ASP C 74 -11.37 -4.66 3.06
C ASP C 74 -10.75 -5.35 4.27
N GLU C 75 -11.57 -6.20 4.90
CA GLU C 75 -11.14 -7.03 6.03
C GLU C 75 -11.27 -8.50 5.62
N VAL C 76 -10.34 -9.31 6.11
CA VAL C 76 -10.30 -10.74 5.80
C VAL C 76 -10.38 -11.52 7.10
N ILE C 77 -11.45 -12.29 7.27
CA ILE C 77 -11.55 -13.16 8.43
C ILE C 77 -10.70 -14.41 8.18
N LEU C 78 -9.89 -14.77 9.15
CA LEU C 78 -9.06 -15.96 9.05
CA LEU C 78 -9.05 -15.96 9.05
C LEU C 78 -8.77 -16.47 10.46
N GLU C 79 -8.34 -17.73 10.53
CA GLU C 79 -8.13 -18.36 11.83
C GLU C 79 -6.83 -17.85 12.45
N ALA C 80 -6.88 -17.57 13.77
CA ALA C 80 -5.82 -16.81 14.43
C ALA C 80 -4.44 -17.44 14.31
N ASP C 81 -4.35 -18.74 13.99
CA ASP C 81 -3.07 -19.44 13.84
C ASP C 81 -2.81 -19.86 12.39
N SER C 82 -3.48 -19.25 11.44
CA SER C 82 -3.40 -19.75 10.08
C SER C 82 -2.13 -19.24 9.40
N HIS C 83 -1.75 -19.92 8.31
CA HIS C 83 -0.50 -19.60 7.62
C HIS C 83 -0.52 -18.19 7.03
N ILE C 84 -1.63 -17.79 6.43
CA ILE C 84 -1.74 -16.45 5.84
C ILE C 84 -1.46 -15.38 6.89
N PHE C 85 -1.85 -15.62 8.12
CA PHE C 85 -1.67 -14.63 9.16
C PHE C 85 -0.28 -14.69 9.79
N TRP C 86 0.25 -15.88 10.05
CA TRP C 86 1.47 -16.04 10.84
CA TRP C 86 1.47 -16.01 10.85
C TRP C 86 2.73 -16.12 9.99
N ALA C 87 2.63 -16.60 8.76
CA ALA C 87 3.84 -17.00 8.06
C ALA C 87 3.89 -16.56 6.59
N GLU C 88 3.18 -15.51 6.22
CA GLU C 88 3.29 -14.96 4.87
C GLU C 88 3.73 -13.49 4.90
N VAL C 89 4.62 -13.17 5.83
CA VAL C 89 5.44 -11.96 5.80
C VAL C 89 4.58 -10.69 5.83
N GLY C 90 3.34 -10.81 6.30
CA GLY C 90 2.47 -9.65 6.34
C GLY C 90 2.02 -9.18 4.97
N ALA C 91 2.08 -10.06 3.98
CA ALA C 91 1.84 -9.69 2.59
C ALA C 91 0.44 -9.15 2.35
N MET C 92 -0.57 -9.71 3.02
CA MET C 92 -1.93 -9.25 2.77
C MET C 92 -2.05 -7.74 3.03
N ALA C 93 -1.32 -7.23 4.03
CA ALA C 93 -1.38 -5.81 4.33
C ALA C 93 -0.63 -4.99 3.28
N VAL C 94 0.60 -5.39 2.95
CA VAL C 94 1.40 -4.61 2.01
C VAL C 94 0.82 -4.68 0.61
N LEU C 95 0.53 -5.91 0.14
CA LEU C 95 0.12 -6.09 -1.25
CA LEU C 95 0.12 -6.11 -1.25
C LEU C 95 -1.32 -5.66 -1.48
N SER C 96 -2.21 -6.00 -0.56
CA SER C 96 -3.63 -5.79 -0.78
C SER C 96 -4.22 -4.67 0.05
N GLY C 97 -3.45 -4.10 0.97
CA GLY C 97 -3.99 -3.10 1.89
C GLY C 97 -5.23 -3.58 2.62
N VAL C 98 -5.23 -4.83 3.08
CA VAL C 98 -6.40 -5.39 3.77
C VAL C 98 -6.00 -5.76 5.18
N MET C 99 -6.97 -5.67 6.09
CA MET C 99 -6.74 -6.07 7.47
C MET C 99 -7.15 -7.52 7.67
N PRO C 100 -6.35 -8.33 8.36
CA PRO C 100 -6.85 -9.62 8.82
C PRO C 100 -7.71 -9.41 10.06
N HIS C 101 -8.69 -10.29 10.22
CA HIS C 101 -9.51 -10.33 11.43
C HIS C 101 -9.35 -11.72 12.02
N PRO C 102 -8.33 -11.94 12.85
CA PRO C 102 -8.09 -13.28 13.40
C PRO C 102 -9.23 -13.72 14.30
N VAL C 103 -9.70 -14.95 14.09
CA VAL C 103 -10.68 -15.60 14.93
C VAL C 103 -10.02 -16.89 15.40
N PRO C 104 -9.82 -17.08 16.71
CA PRO C 104 -9.23 -18.34 17.18
C PRO C 104 -10.13 -19.50 16.83
N GLY C 105 -9.51 -20.66 16.61
CA GLY C 105 -10.23 -21.85 16.27
C GLY C 105 -9.79 -22.97 17.20
N LYS C 106 -10.48 -24.09 17.05
CA LYS C 106 -10.08 -25.34 17.67
C LYS C 106 -9.59 -26.24 16.53
N ASN C 107 -8.29 -26.54 16.54
CA ASN C 107 -7.63 -27.33 15.50
C ASN C 107 -8.03 -26.89 14.11
N GLY C 108 -8.00 -25.56 13.89
CA GLY C 108 -8.28 -24.98 12.58
C GLY C 108 -9.74 -24.65 12.34
N ALA C 109 -10.64 -25.04 13.24
CA ALA C 109 -12.07 -24.84 13.05
C ALA C 109 -12.50 -23.59 13.82
N MET C 110 -12.71 -22.49 13.10
CA MET C 110 -13.34 -21.31 13.70
C MET C 110 -14.77 -21.63 14.08
N ASP C 111 -15.18 -21.22 15.28
CA ASP C 111 -16.60 -21.35 15.64
C ASP C 111 -17.43 -20.52 14.66
N PRO C 112 -18.37 -21.13 13.92
CA PRO C 112 -19.17 -20.33 12.98
C PRO C 112 -19.83 -19.12 13.62
N ASP C 113 -20.23 -19.21 14.88
CA ASP C 113 -20.78 -18.02 15.55
C ASP C 113 -19.72 -16.97 15.78
N ASP C 114 -18.46 -17.36 15.94
CA ASP C 114 -17.38 -16.39 16.04
C ASP C 114 -17.06 -15.76 14.69
N VAL C 115 -17.34 -16.47 13.59
CA VAL C 115 -17.20 -15.87 12.27
C VAL C 115 -18.33 -14.87 12.02
N ARG C 116 -19.55 -15.22 12.45
CA ARG C 116 -20.67 -14.28 12.44
C ARG C 116 -20.29 -12.95 13.11
N LYS C 117 -19.85 -13.02 14.37
CA LYS C 117 -19.63 -11.80 15.14
C LYS C 117 -18.46 -11.00 14.63
N ALA C 118 -17.59 -11.61 13.83
CA ALA C 118 -16.42 -10.92 13.30
C ALA C 118 -16.73 -10.12 12.04
N ILE C 119 -17.86 -10.41 11.38
CA ILE C 119 -18.26 -9.67 10.18
C ILE C 119 -18.63 -8.23 10.54
N ARG C 120 -18.22 -7.29 9.70
CA ARG C 120 -18.46 -5.86 9.96
C ARG C 120 -19.83 -5.42 9.45
N ASP C 121 -20.49 -4.58 10.23
CA ASP C 121 -21.67 -3.91 9.72
C ASP C 121 -21.24 -2.78 8.80
N GLY C 122 -22.18 -2.29 8.01
CA GLY C 122 -21.91 -1.10 7.23
C GLY C 122 -21.89 0.13 8.11
N ASN C 123 -20.71 0.62 8.42
CA ASN C 123 -20.57 1.89 9.11
C ASN C 123 -19.28 2.53 8.63
N ILE C 124 -19.28 3.88 8.59
CA ILE C 124 -18.14 4.62 8.05
C ILE C 124 -16.83 4.28 8.79
N HIS C 125 -16.93 3.82 10.03
CA HIS C 125 -15.75 3.53 10.85
C HIS C 125 -15.09 2.20 10.48
N PHE C 126 -15.82 1.28 9.76
CA PHE C 126 -15.42 -0.12 9.64
C PHE C 126 -14.95 -0.48 8.23
N PRO C 127 -13.94 -1.33 8.10
CA PRO C 127 -13.67 -1.97 6.81
C PRO C 127 -14.86 -2.83 6.39
N ARG C 128 -14.87 -3.20 5.12
CA ARG C 128 -15.86 -4.12 4.60
CA ARG C 128 -15.85 -4.12 4.57
C ARG C 128 -15.28 -5.53 4.62
N THR C 129 -15.95 -6.44 5.33
CA THR C 129 -15.56 -7.84 5.29
C THR C 129 -15.89 -8.40 3.91
N SER C 130 -14.88 -8.83 3.18
CA SER C 130 -15.08 -9.32 1.83
C SER C 130 -14.60 -10.75 1.64
N LEU C 131 -13.90 -11.33 2.61
CA LEU C 131 -13.29 -12.63 2.45
C LEU C 131 -13.19 -13.35 3.79
N ILE C 132 -13.43 -14.67 3.75
CA ILE C 132 -13.14 -15.57 4.86
C ILE C 132 -12.21 -16.66 4.33
N ALA C 133 -11.16 -16.96 5.07
CA ALA C 133 -10.16 -17.94 4.68
C ALA C 133 -10.18 -19.10 5.67
N ILE C 134 -10.23 -20.33 5.15
CA ILE C 134 -10.17 -21.53 5.97
C ILE C 134 -8.97 -22.35 5.52
N GLU C 135 -8.23 -22.92 6.48
CA GLU C 135 -7.00 -23.66 6.17
C GLU C 135 -7.21 -25.15 6.44
N ASN C 136 -6.94 -25.99 5.44
CA ASN C 136 -7.25 -27.42 5.56
C ASN C 136 -6.30 -28.21 4.67
N THR C 137 -5.40 -28.99 5.28
CA THR C 137 -5.29 -29.14 6.73
C THR C 137 -4.72 -27.93 7.44
N HIS C 138 -4.95 -27.85 8.75
CA HIS C 138 -4.47 -26.71 9.53
C HIS C 138 -3.09 -27.04 10.07
N ASN C 139 -2.11 -26.24 9.66
CA ASN C 139 -0.70 -26.57 9.86
C ASN C 139 -0.30 -26.46 11.32
N ARG C 140 -0.52 -25.30 11.94
CA ARG C 140 0.06 -25.02 13.25
C ARG C 140 -0.53 -25.90 14.35
N SER C 141 -1.78 -26.36 14.20
CA SER C 141 -2.32 -27.29 15.18
C SER C 141 -1.81 -28.71 14.98
N GLY C 142 -0.98 -28.95 13.95
CA GLY C 142 -0.42 -30.27 13.73
C GLY C 142 -1.13 -31.05 12.65
N GLY C 143 -1.47 -30.37 11.55
CA GLY C 143 -2.06 -31.04 10.41
C GLY C 143 -3.43 -31.63 10.68
N ARG C 144 -4.23 -30.96 11.51
CA ARG C 144 -5.57 -31.43 11.79
C ARG C 144 -6.48 -31.16 10.61
N VAL C 145 -7.57 -31.92 10.54
CA VAL C 145 -8.53 -31.81 9.45
C VAL C 145 -9.70 -30.95 9.93
N VAL C 146 -10.01 -29.90 9.19
CA VAL C 146 -11.18 -29.08 9.49
C VAL C 146 -12.42 -29.86 9.09
N PRO C 147 -13.37 -30.11 10.00
CA PRO C 147 -14.59 -30.85 9.61
C PRO C 147 -15.32 -30.18 8.45
N LEU C 148 -15.75 -31.00 7.49
CA LEU C 148 -16.52 -30.49 6.35
C LEU C 148 -17.77 -29.72 6.81
N GLU C 149 -18.30 -30.07 7.98
CA GLU C 149 -19.49 -29.39 8.48
C GLU C 149 -19.16 -27.97 8.93
N ASN C 150 -17.98 -27.78 9.50
CA ASN C 150 -17.49 -26.44 9.79
C ASN C 150 -17.34 -25.62 8.51
N ILE C 151 -16.81 -26.24 7.45
CA ILE C 151 -16.64 -25.55 6.18
C ILE C 151 -18.01 -25.19 5.57
N LYS C 152 -18.96 -26.12 5.60
CA LYS C 152 -20.28 -25.86 5.02
C LYS C 152 -21.01 -24.77 5.79
N GLU C 153 -20.93 -24.76 7.13
CA GLU C 153 -21.61 -23.71 7.88
C GLU C 153 -20.97 -22.34 7.64
N ILE C 154 -19.63 -22.29 7.50
CA ILE C 154 -19.00 -21.00 7.25
C ILE C 154 -19.35 -20.50 5.86
N CYS C 155 -19.39 -21.41 4.87
CA CYS C 155 -19.84 -21.04 3.53
C CYS C 155 -21.23 -20.44 3.60
N THR C 156 -22.13 -21.10 4.33
CA THR C 156 -23.47 -20.61 4.56
C THR C 156 -23.46 -19.17 5.08
N ILE C 157 -22.65 -18.90 6.10
CA ILE C 157 -22.55 -17.56 6.66
C ILE C 157 -22.03 -16.59 5.61
N ALA C 158 -21.04 -17.02 4.83
CA ALA C 158 -20.46 -16.15 3.81
C ALA C 158 -21.47 -15.77 2.75
N LYS C 159 -22.24 -16.75 2.25
CA LYS C 159 -23.26 -16.49 1.24
C LYS C 159 -24.33 -15.54 1.79
N GLU C 160 -24.67 -15.65 3.08
CA GLU C 160 -25.68 -14.78 3.67
C GLU C 160 -25.24 -13.31 3.71
N HIS C 161 -23.93 -13.03 3.59
CA HIS C 161 -23.41 -11.66 3.72
C HIS C 161 -22.66 -11.16 2.48
N GLY C 162 -22.74 -11.88 1.36
CA GLY C 162 -22.04 -11.45 0.16
C GLY C 162 -20.54 -11.61 0.22
N ILE C 163 -20.04 -12.51 1.07
CA ILE C 163 -18.62 -12.67 1.35
C ILE C 163 -18.06 -13.85 0.58
N ASN C 164 -16.86 -13.68 0.00
CA ASN C 164 -16.15 -14.76 -0.67
C ASN C 164 -15.49 -15.70 0.34
N VAL C 165 -15.24 -16.94 -0.09
CA VAL C 165 -14.53 -17.93 0.73
C VAL C 165 -13.29 -18.40 -0.03
N HIS C 166 -12.14 -18.39 0.65
CA HIS C 166 -10.92 -18.99 0.14
C HIS C 166 -10.49 -20.14 1.05
N ILE C 167 -10.13 -21.27 0.45
CA ILE C 167 -9.56 -22.38 1.21
C ILE C 167 -8.07 -22.40 0.94
N ASP C 168 -7.29 -22.15 1.98
CA ASP C 168 -5.86 -22.43 1.91
C ASP C 168 -5.75 -23.94 2.00
N GLY C 169 -5.65 -24.60 0.85
CA GLY C 169 -5.57 -26.06 0.81
C GLY C 169 -4.18 -26.52 0.48
N ALA C 170 -3.18 -25.78 0.97
CA ALA C 170 -1.78 -26.22 0.85
C ALA C 170 -1.65 -27.73 0.98
N ARG C 171 -2.22 -28.29 2.06
CA ARG C 171 -2.25 -29.73 2.27
C ARG C 171 -3.66 -30.28 2.16
N ILE C 172 -4.41 -29.84 1.15
CA ILE C 172 -5.81 -30.28 1.05
C ILE C 172 -5.89 -31.78 0.73
N PHE C 173 -4.92 -32.34 0.01
CA PHE C 173 -5.04 -33.75 -0.34
C PHE C 173 -4.78 -34.65 0.87
N ASN C 174 -3.91 -34.23 1.79
CA ASN C 174 -3.82 -34.88 3.08
C ASN C 174 -5.16 -34.89 3.81
N ALA C 175 -5.90 -33.77 3.74
CA ALA C 175 -7.20 -33.71 4.40
C ALA C 175 -8.18 -34.66 3.73
N SER C 176 -8.25 -34.63 2.40
CA SER C 176 -9.13 -35.56 1.68
C SER C 176 -8.81 -37.01 2.03
N ILE C 177 -7.52 -37.34 2.12
CA ILE C 177 -7.13 -38.72 2.39
C ILE C 177 -7.59 -39.14 3.79
N ALA C 178 -7.42 -38.26 4.78
CA ALA C 178 -7.75 -38.65 6.15
C ALA C 178 -9.24 -38.59 6.42
N SER C 179 -9.99 -37.75 5.69
CA SER C 179 -11.39 -37.53 5.94
C SER C 179 -12.31 -38.29 4.99
N GLY C 180 -11.83 -38.66 3.81
CA GLY C 180 -12.68 -39.29 2.84
C GLY C 180 -13.52 -38.33 2.04
N VAL C 181 -13.40 -37.04 2.30
CA VAL C 181 -14.10 -36.04 1.51
C VAL C 181 -13.30 -35.78 0.23
N PRO C 182 -13.88 -35.92 -0.95
CA PRO C 182 -13.17 -35.56 -2.18
C PRO C 182 -12.91 -34.06 -2.22
N VAL C 183 -11.74 -33.69 -2.77
CA VAL C 183 -11.37 -32.27 -2.81
C VAL C 183 -12.39 -31.46 -3.59
N LYS C 184 -13.03 -32.09 -4.58
CA LYS C 184 -14.08 -31.43 -5.35
C LYS C 184 -15.24 -31.01 -4.47
N GLU C 185 -15.51 -31.78 -3.40
CA GLU C 185 -16.60 -31.44 -2.50
C GLU C 185 -16.18 -30.38 -1.48
N TYR C 186 -14.95 -30.46 -0.97
CA TYR C 186 -14.38 -29.33 -0.24
C TYR C 186 -14.47 -28.07 -1.08
N ALA C 187 -14.02 -28.17 -2.34
CA ALA C 187 -13.96 -26.99 -3.20
C ALA C 187 -15.34 -26.42 -3.50
N GLY C 188 -16.40 -27.22 -3.38
CA GLY C 188 -17.73 -26.72 -3.65
C GLY C 188 -18.18 -25.65 -2.68
N TYR C 189 -17.58 -25.60 -1.49
CA TYR C 189 -17.93 -24.63 -0.47
C TYR C 189 -17.04 -23.39 -0.49
N ALA C 190 -16.21 -23.25 -1.50
CA ALA C 190 -15.29 -22.13 -1.57
C ALA C 190 -15.36 -21.47 -2.95
N ASP C 191 -15.13 -20.18 -2.97
CA ASP C 191 -14.98 -19.49 -4.24
C ASP C 191 -13.63 -19.81 -4.86
N SER C 192 -12.60 -19.96 -4.04
CA SER C 192 -11.29 -20.36 -4.56
C SER C 192 -10.59 -21.27 -3.57
N VAL C 193 -9.70 -22.11 -4.10
CA VAL C 193 -8.85 -22.98 -3.30
C VAL C 193 -7.43 -22.89 -3.85
N MET C 194 -6.46 -22.78 -2.95
CA MET C 194 -5.04 -22.92 -3.27
C MET C 194 -4.57 -24.27 -2.74
N PHE C 195 -3.80 -25.00 -3.53
CA PHE C 195 -3.19 -26.22 -3.03
C PHE C 195 -1.76 -26.34 -3.56
N CYS C 196 -0.88 -26.94 -2.75
CA CYS C 196 0.55 -27.01 -3.07
C CYS C 196 0.87 -28.29 -3.81
N LEU C 197 1.69 -28.17 -4.86
CA LEU C 197 2.30 -29.34 -5.50
C LEU C 197 3.60 -29.75 -4.81
N SER C 198 4.22 -28.83 -4.08
CA SER C 198 5.62 -28.96 -3.70
C SER C 198 5.86 -29.42 -2.28
N1 LLP C 199 -0.46 -22.50 3.70
C2 LLP C 199 -0.09 -23.57 4.39
C2' LLP C 199 -1.08 -24.26 5.37
C3 LLP C 199 1.22 -24.09 4.20
O3 LLP C 199 1.62 -25.21 4.92
C4 LLP C 199 2.11 -23.49 3.34
C4' LLP C 199 3.60 -24.12 3.18
C5 LLP C 199 1.72 -22.40 2.63
C6 LLP C 199 0.42 -21.89 2.81
C5' LLP C 199 2.67 -21.64 1.64
OP4 LLP C 199 3.17 -22.37 0.55
P LLP C 199 4.62 -22.01 0.12
OP1 LLP C 199 4.82 -20.48 -0.11
OP2 LLP C 199 4.96 -22.71 -1.13
OP3 LLP C 199 5.50 -22.43 1.23
N LLP C 199 4.79 -29.82 -1.59
CA LLP C 199 4.97 -30.42 -0.27
CB LLP C 199 3.98 -29.84 0.71
CG LLP C 199 4.21 -28.32 0.71
CD LLP C 199 3.48 -27.64 1.88
CE LLP C 199 3.71 -26.12 1.85
NZ LLP C 199 3.51 -25.57 3.19
C LLP C 199 4.83 -31.90 -0.45
O LLP C 199 5.69 -32.52 -1.07
N GLY C 200 3.76 -32.48 0.08
CA GLY C 200 3.57 -33.92 0.03
C GLY C 200 3.45 -34.59 -1.32
N LEU C 201 3.00 -33.85 -2.34
CA LEU C 201 2.90 -34.40 -3.69
C LEU C 201 4.23 -34.39 -4.46
N CYS C 202 5.30 -33.86 -3.85
CA CYS C 202 6.72 -34.09 -4.22
C CYS C 202 7.19 -33.33 -5.44
N ALA C 203 6.41 -32.43 -6.04
CA ALA C 203 6.96 -31.60 -7.10
C ALA C 203 8.01 -30.65 -6.50
N PRO C 204 8.93 -30.17 -7.32
CA PRO C 204 9.98 -29.28 -6.80
C PRO C 204 9.51 -27.86 -6.52
N VAL C 205 8.56 -27.36 -7.30
CA VAL C 205 8.18 -25.95 -7.24
C VAL C 205 6.68 -25.82 -7.49
N GLY C 206 5.99 -25.08 -6.64
CA GLY C 206 4.80 -24.42 -7.15
C GLY C 206 3.51 -24.96 -6.55
N SER C 207 2.46 -24.14 -6.71
CA SER C 207 1.11 -24.41 -6.24
C SER C 207 0.14 -24.02 -7.34
N VAL C 208 -1.15 -24.23 -7.10
CA VAL C 208 -2.17 -23.92 -8.08
C VAL C 208 -3.34 -23.29 -7.34
N VAL C 209 -3.98 -22.30 -7.96
CA VAL C 209 -5.21 -21.71 -7.47
C VAL C 209 -6.31 -22.07 -8.45
N VAL C 210 -7.48 -22.46 -7.94
CA VAL C 210 -8.62 -22.78 -8.78
C VAL C 210 -9.81 -21.93 -8.36
N GLY C 211 -10.60 -21.51 -9.35
CA GLY C 211 -11.81 -20.76 -9.07
C GLY C 211 -12.57 -20.51 -10.36
N ASP C 212 -13.52 -19.57 -10.26
CA ASP C 212 -14.24 -19.10 -11.43
C ASP C 212 -13.29 -18.43 -12.43
N ARG C 213 -13.78 -18.28 -13.66
CA ARG C 213 -12.96 -17.72 -14.73
C ARG C 213 -12.56 -16.28 -14.44
N ASP C 214 -13.52 -15.42 -14.09
CA ASP C 214 -13.19 -14.00 -13.86
C ASP C 214 -12.24 -13.82 -12.67
N PHE C 215 -12.46 -14.58 -11.60
CA PHE C 215 -11.54 -14.52 -10.47
C PHE C 215 -10.12 -14.89 -10.90
N ILE C 216 -9.97 -16.00 -11.61
CA ILE C 216 -8.65 -16.48 -12.01
C ILE C 216 -7.97 -15.47 -12.93
N GLU C 217 -8.75 -14.85 -13.83
CA GLU C 217 -8.22 -13.79 -14.68
C GLU C 217 -7.67 -12.63 -13.85
N ARG C 218 -8.42 -12.21 -12.83
CA ARG C 218 -7.91 -11.19 -11.92
C ARG C 218 -6.68 -11.67 -11.19
N ALA C 219 -6.67 -12.94 -10.76
CA ALA C 219 -5.50 -13.43 -10.04
C ALA C 219 -4.30 -13.59 -10.97
N ARG C 220 -4.53 -13.81 -12.27
CA ARG C 220 -3.41 -13.86 -13.21
C ARG C 220 -2.78 -12.48 -13.38
N LYS C 221 -3.58 -11.41 -13.31
CA LYS C 221 -2.99 -10.08 -13.37
C LYS C 221 -2.23 -9.76 -12.10
N ALA C 222 -2.79 -10.13 -10.94
CA ALA C 222 -2.04 -10.03 -9.68
C ALA C 222 -0.72 -10.81 -9.76
N ARG C 223 -0.77 -12.04 -10.29
CA ARG C 223 0.47 -12.82 -10.47
C ARG C 223 1.49 -12.04 -11.29
N LYS C 224 1.07 -11.42 -12.40
CA LYS C 224 2.00 -10.63 -13.20
C LYS C 224 2.62 -9.52 -12.36
N MET C 225 1.78 -8.81 -11.58
CA MET C 225 2.24 -7.73 -10.75
C MET C 225 3.24 -8.20 -9.70
N LEU C 226 2.92 -9.30 -9.01
CA LEU C 226 3.81 -9.82 -7.97
C LEU C 226 5.10 -10.44 -8.53
N GLY C 227 5.19 -10.75 -9.82
CA GLY C 227 6.40 -11.32 -10.39
C GLY C 227 6.37 -12.82 -10.66
N GLY C 228 5.19 -13.46 -10.61
CA GLY C 228 5.02 -14.87 -10.86
C GLY C 228 4.69 -15.22 -12.30
N GLY C 229 4.67 -14.23 -13.20
CA GLY C 229 4.50 -14.52 -14.61
C GLY C 229 5.78 -15.01 -15.27
N MET C 230 5.96 -16.34 -15.33
CA MET C 230 7.16 -16.98 -15.82
C MET C 230 7.04 -17.29 -17.31
N ARG C 231 8.15 -17.76 -17.90
CA ARG C 231 8.14 -18.07 -19.33
C ARG C 231 7.84 -19.55 -19.59
N GLN C 232 8.86 -20.36 -19.89
CA GLN C 232 8.67 -21.78 -20.23
C GLN C 232 8.53 -22.59 -18.94
N ALA C 233 7.47 -22.26 -18.18
CA ALA C 233 7.19 -22.88 -16.90
C ALA C 233 6.67 -24.31 -17.04
N GLY C 234 6.49 -24.82 -18.26
CA GLY C 234 6.09 -26.20 -18.47
C GLY C 234 7.07 -27.21 -17.91
N VAL C 235 8.34 -26.83 -17.77
CA VAL C 235 9.29 -27.69 -17.08
C VAL C 235 8.80 -28.00 -15.67
N LEU C 236 8.37 -26.96 -14.95
CA LEU C 236 7.83 -27.17 -13.61
C LEU C 236 6.49 -27.89 -13.68
N ALA C 237 5.67 -27.57 -14.66
CA ALA C 237 4.33 -28.15 -14.69
C ALA C 237 4.34 -29.63 -15.04
N ALA C 238 5.41 -30.11 -15.69
CA ALA C 238 5.51 -31.53 -16.02
C ALA C 238 5.59 -32.37 -14.76
N ALA C 239 6.43 -31.96 -13.81
CA ALA C 239 6.45 -32.61 -12.51
C ALA C 239 5.15 -32.36 -11.75
N GLY C 240 4.54 -31.19 -11.91
CA GLY C 240 3.29 -30.90 -11.22
C GLY C 240 2.14 -31.80 -11.63
N ILE C 241 2.05 -32.13 -12.93
CA ILE C 241 1.03 -33.06 -13.41
C ILE C 241 1.22 -34.43 -12.77
N ILE C 242 2.47 -34.91 -12.72
CA ILE C 242 2.77 -36.17 -12.05
C ILE C 242 2.38 -36.07 -10.58
N ALA C 243 2.78 -34.98 -9.93
CA ALA C 243 2.43 -34.76 -8.53
C ALA C 243 0.93 -34.88 -8.29
N LEU C 244 0.16 -34.18 -9.11
CA LEU C 244 -1.29 -34.16 -8.94
C LEU C 244 -1.93 -35.49 -9.29
N THR C 245 -1.49 -36.14 -10.37
CA THR C 245 -2.20 -37.32 -10.88
C THR C 245 -1.70 -38.65 -10.33
N LYS C 246 -0.47 -38.73 -9.82
CA LYS C 246 0.10 -40.01 -9.43
C LYS C 246 0.66 -40.03 -8.02
N MET C 247 0.67 -38.91 -7.30
CA MET C 247 1.29 -38.87 -5.98
C MET C 247 0.29 -38.73 -4.85
N VAL C 248 -1.02 -38.68 -5.15
CA VAL C 248 -2.00 -38.40 -4.11
C VAL C 248 -2.24 -39.63 -3.23
N ASP C 249 -2.43 -40.80 -3.85
CA ASP C 249 -2.83 -41.98 -3.08
C ASP C 249 -1.78 -42.36 -2.04
N ARG C 250 -0.49 -42.30 -2.38
CA ARG C 250 0.53 -42.77 -1.45
C ARG C 250 0.69 -41.88 -0.23
N LEU C 251 0.04 -40.71 -0.18
CA LEU C 251 0.01 -39.91 1.05
C LEU C 251 -0.46 -40.73 2.24
N LYS C 252 -1.22 -41.82 1.98
CA LYS C 252 -1.57 -42.74 3.05
C LYS C 252 -0.34 -43.27 3.77
N GLU C 253 0.76 -43.43 3.07
CA GLU C 253 1.96 -43.96 3.71
C GLU C 253 2.52 -42.94 4.70
N ASP C 254 2.54 -41.65 4.32
CA ASP C 254 3.01 -40.63 5.24
C ASP C 254 2.12 -40.57 6.48
N HIS C 255 0.80 -40.73 6.30
CA HIS C 255 -0.07 -40.78 7.47
C HIS C 255 0.22 -42.00 8.33
N GLU C 256 0.43 -43.17 7.70
CA GLU C 256 0.76 -44.36 8.47
C GLU C 256 2.08 -44.16 9.21
N ASN C 257 3.11 -43.74 8.48
CA ASN C 257 4.39 -43.48 9.11
C ASN C 257 4.25 -42.50 10.29
N ALA C 258 3.37 -41.50 10.15
CA ALA C 258 3.24 -40.51 11.22
C ALA C 258 2.58 -41.11 12.44
N ARG C 259 1.52 -41.90 12.24
CA ARG C 259 0.86 -42.56 13.36
C ARG C 259 1.81 -43.55 14.02
N PHE C 260 2.52 -44.36 13.22
CA PHE C 260 3.49 -45.30 13.77
C PHE C 260 4.58 -44.56 14.57
N LEU C 261 5.15 -43.51 13.98
CA LEU C 261 6.12 -42.69 14.68
C LEU C 261 5.58 -42.24 16.03
N ALA C 262 4.36 -41.69 16.04
CA ALA C 262 3.81 -41.11 17.26
C ALA C 262 3.50 -42.18 18.30
N LEU C 263 2.81 -43.25 17.90
CA LEU C 263 2.55 -44.35 18.82
C LEU C 263 3.84 -44.81 19.51
N LYS C 264 4.89 -45.08 18.72
CA LYS C 264 6.12 -45.60 19.32
C LYS C 264 6.81 -44.55 20.18
N LEU C 265 6.77 -43.27 19.80
CA LEU C 265 7.33 -42.23 20.65
C LEU C 265 6.64 -42.18 22.01
N LYS C 266 5.33 -42.46 22.07
CA LYS C 266 4.65 -42.47 23.37
C LYS C 266 5.08 -43.65 24.21
N GLU C 267 5.18 -44.83 23.60
CA GLU C 267 5.71 -46.01 24.29
C GLU C 267 7.07 -45.72 24.91
N ILE C 268 7.92 -44.98 24.19
CA ILE C 268 9.24 -44.59 24.71
C ILE C 268 9.09 -43.69 25.92
N GLY C 269 8.02 -42.91 25.98
CA GLY C 269 7.76 -42.04 27.11
C GLY C 269 7.68 -40.56 26.78
N TYR C 270 7.83 -40.15 25.51
CA TYR C 270 7.69 -38.76 25.16
C TYR C 270 6.24 -38.31 25.30
N SER C 271 6.06 -36.99 25.41
CA SER C 271 4.74 -36.40 25.57
C SER C 271 4.12 -36.14 24.20
N VAL C 272 3.58 -37.22 23.61
CA VAL C 272 2.86 -37.18 22.34
C VAL C 272 1.48 -37.79 22.55
N ASN C 273 0.50 -37.28 21.82
CA ASN C 273 -0.86 -37.83 21.80
C ASN C 273 -1.06 -38.51 20.47
N PRO C 274 -0.91 -39.84 20.37
CA PRO C 274 -1.08 -40.47 19.06
C PRO C 274 -2.46 -40.26 18.47
N GLU C 275 -3.49 -40.15 19.32
CA GLU C 275 -4.85 -39.95 18.82
C GLU C 275 -4.98 -38.66 18.02
N ASP C 276 -4.12 -37.66 18.31
CA ASP C 276 -4.19 -36.39 17.58
C ASP C 276 -3.56 -36.47 16.20
N VAL C 277 -2.81 -37.52 15.88
CA VAL C 277 -2.09 -37.62 14.61
C VAL C 277 -3.06 -38.03 13.51
N LYS C 278 -3.62 -37.04 12.83
CA LYS C 278 -4.66 -37.26 11.82
C LYS C 278 -4.13 -37.29 10.40
N THR C 279 -3.00 -36.62 10.13
CA THR C 279 -2.35 -36.73 8.82
C THR C 279 -0.87 -37.03 8.99
N ASN C 280 0.03 -36.16 8.52
CA ASN C 280 1.45 -36.46 8.43
C ASN C 280 2.29 -35.66 9.42
N MET C 281 1.70 -35.25 10.54
CA MET C 281 2.39 -34.39 11.50
C MET C 281 2.23 -34.93 12.91
N VAL C 282 3.31 -34.90 13.68
CA VAL C 282 3.30 -35.29 15.08
C VAL C 282 3.84 -34.15 15.91
N ILE C 283 3.07 -33.72 16.90
CA ILE C 283 3.49 -32.68 17.82
C ILE C 283 3.97 -33.33 19.10
N LEU C 284 5.13 -32.89 19.60
CA LEU C 284 5.77 -33.47 20.76
C LEU C 284 6.03 -32.36 21.78
N ARG C 285 5.62 -32.59 23.02
CA ARG C 285 5.76 -31.59 24.07
C ARG C 285 7.05 -31.84 24.84
N THR C 286 7.66 -30.75 25.32
CA THR C 286 8.89 -30.84 26.11
C THR C 286 8.62 -30.72 27.61
N ASP C 287 7.38 -31.00 28.03
CA ASP C 287 6.99 -30.72 29.41
C ASP C 287 7.71 -31.65 30.38
N ASN C 288 7.83 -32.93 30.03
CA ASN C 288 8.52 -33.89 30.88
C ASN C 288 10.02 -34.02 30.55
N LEU C 289 10.65 -32.96 30.05
CA LEU C 289 12.03 -33.04 29.59
C LEU C 289 12.86 -31.91 30.18
N LYS C 290 14.14 -32.21 30.48
CA LYS C 290 15.09 -31.20 30.96
C LYS C 290 15.02 -29.93 30.12
N VAL C 291 14.90 -30.11 28.82
CA VAL C 291 15.17 -29.06 27.87
C VAL C 291 13.85 -28.49 27.36
N ASN C 292 13.93 -27.32 26.75
CA ASN C 292 12.80 -26.76 26.03
C ASN C 292 12.81 -27.31 24.60
N ALA C 293 11.93 -26.79 23.75
CA ALA C 293 11.89 -27.25 22.37
C ALA C 293 13.21 -26.98 21.67
N HIS C 294 13.72 -25.76 21.79
CA HIS C 294 14.95 -25.38 21.08
C HIS C 294 16.12 -26.24 21.54
N GLY C 295 16.19 -26.56 22.83
CA GLY C 295 17.21 -27.48 23.28
C GLY C 295 17.06 -28.85 22.64
N PHE C 296 15.84 -29.38 22.63
CA PHE C 296 15.62 -30.72 22.11
C PHE C 296 15.94 -30.79 20.62
N ILE C 297 15.63 -29.72 19.88
CA ILE C 297 15.95 -29.68 18.45
C ILE C 297 17.45 -29.86 18.25
N GLU C 298 18.25 -29.07 18.98
CA GLU C 298 19.70 -29.15 18.86
C GLU C 298 20.22 -30.54 19.22
N ALA C 299 19.68 -31.13 20.29
CA ALA C 299 20.13 -32.46 20.69
C ALA C 299 19.74 -33.50 19.63
N LEU C 300 18.55 -33.35 19.04
CA LEU C 300 18.15 -34.26 17.96
C LEU C 300 19.05 -34.09 16.76
N ARG C 301 19.49 -32.84 16.48
CA ARG C 301 20.34 -32.54 15.34
C ARG C 301 21.69 -33.22 15.47
N ASN C 302 22.37 -33.01 16.60
CA ASN C 302 23.62 -33.70 16.87
C ASN C 302 23.47 -35.20 16.80
N SER C 303 22.24 -35.71 16.88
CA SER C 303 22.00 -37.14 16.82
C SER C 303 21.56 -37.62 15.44
N GLY C 304 21.31 -36.72 14.50
CA GLY C 304 20.96 -37.09 13.15
C GLY C 304 19.50 -37.00 12.78
N VAL C 305 18.68 -36.27 13.54
CA VAL C 305 17.28 -36.06 13.21
C VAL C 305 17.02 -34.56 13.14
N LEU C 306 16.51 -34.11 11.99
CA LEU C 306 16.11 -32.72 11.82
C LEU C 306 14.65 -32.55 12.18
N ALA C 307 14.36 -31.59 13.05
CA ALA C 307 12.99 -31.24 13.39
C ALA C 307 12.91 -29.74 13.60
N GLU C 308 11.70 -29.26 13.84
CA GLU C 308 11.46 -27.83 13.98
C GLU C 308 10.67 -27.55 15.24
N ALA C 309 11.01 -26.45 15.91
CA ALA C 309 10.19 -25.97 17.00
C ALA C 309 9.00 -25.23 16.42
N VAL C 310 7.81 -25.53 16.93
CA VAL C 310 6.64 -24.70 16.61
C VAL C 310 6.29 -23.79 17.77
N SER C 311 6.85 -24.02 18.96
CA SER C 311 6.72 -23.14 20.11
C SER C 311 7.89 -23.45 21.03
N ASP C 312 7.86 -22.90 22.24
CA ASP C 312 8.96 -23.10 23.16
C ASP C 312 8.85 -24.41 23.95
N THR C 313 7.67 -25.03 23.96
CA THR C 313 7.50 -26.38 24.53
C THR C 313 7.08 -27.41 23.50
N GLU C 314 6.87 -27.04 22.24
CA GLU C 314 6.33 -27.94 21.24
C GLU C 314 7.28 -28.06 20.04
N ILE C 315 7.42 -29.28 19.54
CA ILE C 315 8.23 -29.60 18.37
CA ILE C 315 8.20 -29.54 18.34
C ILE C 315 7.33 -30.33 17.38
N ARG C 316 7.67 -30.24 16.10
CA ARG C 316 6.85 -30.82 15.04
C ARG C 316 7.71 -31.74 14.19
N LEU C 317 7.24 -32.96 14.01
CA LEU C 317 7.81 -33.93 13.08
C LEU C 317 6.84 -34.15 11.94
N VAL C 318 7.34 -34.16 10.73
CA VAL C 318 6.52 -34.26 9.53
C VAL C 318 7.06 -35.39 8.67
N THR C 319 6.18 -36.32 8.30
CA THR C 319 6.54 -37.43 7.42
C THR C 319 6.21 -37.05 5.98
N HIS C 320 6.98 -37.63 5.06
CA HIS C 320 6.86 -37.31 3.64
C HIS C 320 7.45 -38.47 2.85
N LYS C 321 7.37 -38.36 1.53
CA LYS C 321 7.81 -39.46 0.65
C LYS C 321 9.24 -39.90 0.95
N ASP C 322 10.13 -38.94 1.23
CA ASP C 322 11.54 -39.27 1.41
C ASP C 322 11.85 -39.75 2.82
N VAL C 323 10.85 -40.13 3.60
CA VAL C 323 11.05 -40.79 4.88
C VAL C 323 10.40 -42.16 4.77
N SER C 324 11.22 -43.21 4.70
CA SER C 324 10.70 -44.57 4.63
C SER C 324 10.38 -45.08 6.04
N ARG C 325 9.68 -46.22 6.09
CA ARG C 325 9.46 -46.89 7.36
C ARG C 325 10.78 -47.21 8.04
N ASN C 326 11.84 -47.47 7.25
CA ASN C 326 13.18 -47.64 7.82
C ASN C 326 13.67 -46.34 8.46
N ASP C 327 13.59 -45.24 7.71
CA ASP C 327 13.96 -43.95 8.27
C ASP C 327 13.26 -43.73 9.61
N ILE C 328 11.95 -44.04 9.67
CA ILE C 328 11.17 -43.86 10.89
C ILE C 328 11.80 -44.64 12.05
N GLU C 329 12.14 -45.90 11.82
CA GLU C 329 12.66 -46.74 12.89
C GLU C 329 14.07 -46.33 13.29
N GLU C 330 14.89 -45.89 12.34
CA GLU C 330 16.18 -45.31 12.69
C GLU C 330 16.00 -44.06 13.54
N ALA C 331 14.96 -43.26 13.24
CA ALA C 331 14.67 -42.09 14.05
C ALA C 331 14.16 -42.50 15.44
N LEU C 332 13.34 -43.55 15.51
CA LEU C 332 12.81 -44.00 16.81
C LEU C 332 13.93 -44.46 17.75
N ASN C 333 14.90 -45.21 17.23
CA ASN C 333 16.02 -45.63 18.07
C ASN C 333 16.88 -44.44 18.50
N ILE C 334 16.94 -43.38 17.68
CA ILE C 334 17.61 -42.15 18.11
C ILE C 334 16.80 -41.46 19.20
N PHE C 335 15.47 -41.44 19.04
CA PHE C 335 14.63 -40.87 20.10
C PHE C 335 14.73 -41.69 21.39
N GLU C 336 14.92 -43.01 21.27
CA GLU C 336 15.15 -43.86 22.44
C GLU C 336 16.37 -43.41 23.21
N LYS C 337 17.54 -43.41 22.55
CA LYS C 337 18.80 -43.09 23.24
C LYS C 337 18.73 -41.74 23.91
N LEU C 338 18.04 -40.78 23.29
CA LEU C 338 18.01 -39.44 23.84
C LEU C 338 17.10 -39.34 25.06
N PHE C 339 16.16 -40.28 25.25
CA PHE C 339 15.08 -40.05 26.20
C PHE C 339 15.59 -39.87 27.62
N SER C 340 16.37 -40.84 28.13
CA SER C 340 16.98 -40.69 29.44
C SER C 340 17.81 -39.41 29.51
N GLN C 341 18.48 -39.05 28.42
CA GLN C 341 19.32 -37.86 28.44
C GLN C 341 18.51 -36.56 28.48
N VAL C 342 17.18 -36.62 28.49
CA VAL C 342 16.38 -35.40 28.60
C VAL C 342 15.21 -35.57 29.55
N GLN C 343 14.94 -36.80 29.99
CA GLN C 343 13.79 -37.02 30.86
C GLN C 343 13.96 -36.36 32.23
N MET D 1 5.74 -21.19 -38.98
CA MET D 1 5.82 -20.11 -37.98
C MET D 1 7.27 -19.72 -37.70
N ILE D 2 7.55 -18.42 -37.83
CA ILE D 2 8.80 -17.83 -37.41
C ILE D 2 8.46 -16.78 -36.36
N ASP D 3 8.91 -17.00 -35.13
CA ASP D 3 8.48 -16.19 -33.97
C ASP D 3 9.54 -15.13 -33.69
N LEU D 4 9.25 -13.89 -34.13
CA LEU D 4 10.09 -12.72 -33.86
C LEU D 4 9.42 -11.76 -32.88
N ARG D 5 8.54 -12.28 -32.02
CA ARG D 5 7.84 -11.41 -31.09
C ARG D 5 8.75 -10.94 -29.97
N SER D 6 9.65 -11.80 -29.53
CA SER D 6 10.43 -11.52 -28.32
C SER D 6 11.53 -12.56 -28.22
N ASP D 7 12.60 -12.23 -27.50
CA ASP D 7 13.55 -13.28 -27.14
C ASP D 7 13.11 -14.10 -25.93
N THR D 8 11.95 -13.80 -25.32
CA THR D 8 11.47 -14.60 -24.20
C THR D 8 11.10 -16.00 -24.63
N VAL D 9 10.75 -16.16 -25.91
CA VAL D 9 10.20 -17.42 -26.43
C VAL D 9 11.28 -18.49 -26.58
N THR D 10 12.54 -18.15 -26.27
CA THR D 10 13.61 -19.12 -26.45
C THR D 10 13.34 -20.39 -25.66
N LYS D 11 13.65 -21.49 -26.27
CA LYS D 11 13.42 -22.80 -25.69
C LYS D 11 14.72 -23.39 -25.16
N PRO D 12 14.65 -24.23 -24.13
CA PRO D 12 15.87 -24.75 -23.52
C PRO D 12 16.67 -25.58 -24.51
N THR D 13 17.99 -25.53 -24.38
CA THR D 13 18.83 -26.40 -25.18
C THR D 13 18.80 -27.81 -24.59
N GLU D 14 19.32 -28.77 -25.36
CA GLU D 14 19.31 -30.15 -24.88
C GLU D 14 20.14 -30.29 -23.63
N GLU D 15 21.25 -29.55 -23.55
CA GLU D 15 22.10 -29.55 -22.38
C GLU D 15 21.38 -28.94 -21.17
N MET D 16 20.56 -27.90 -21.38
CA MET D 16 19.75 -27.39 -20.27
C MET D 16 18.75 -28.44 -19.81
N ARG D 17 18.14 -29.15 -20.75
CA ARG D 17 17.14 -30.14 -20.40
C ARG D 17 17.73 -31.26 -19.55
N LYS D 18 18.90 -31.76 -19.94
CA LYS D 18 19.58 -32.77 -19.12
C LYS D 18 19.88 -32.22 -17.73
N ALA D 19 20.51 -31.03 -17.67
CA ALA D 19 20.91 -30.47 -16.39
C ALA D 19 19.73 -30.28 -15.45
N MET D 20 18.61 -29.77 -15.97
CA MET D 20 17.41 -29.62 -15.14
C MET D 20 16.94 -30.97 -14.62
N ALA D 21 16.86 -31.98 -15.50
CA ALA D 21 16.35 -33.28 -15.09
C ALA D 21 17.16 -33.86 -13.95
N GLN D 22 18.48 -33.69 -13.98
CA GLN D 22 19.38 -34.28 -13.01
C GLN D 22 19.97 -33.24 -12.04
N ALA D 23 19.21 -32.18 -11.75
CA ALA D 23 19.73 -31.14 -10.88
C ALA D 23 19.82 -31.65 -9.43
N GLU D 24 20.89 -31.27 -8.75
CA GLU D 24 21.00 -31.44 -7.30
C GLU D 24 20.17 -30.35 -6.60
N VAL D 25 19.14 -30.76 -5.85
CA VAL D 25 18.18 -29.80 -5.30
C VAL D 25 18.14 -29.89 -3.79
N GLY D 26 17.54 -28.86 -3.20
CA GLY D 26 17.20 -28.83 -1.79
C GLY D 26 16.08 -27.84 -1.60
N ASP D 27 15.82 -27.49 -0.35
CA ASP D 27 14.72 -26.58 -0.05
C ASP D 27 15.28 -25.17 0.03
N ASP D 28 14.99 -24.36 -0.99
CA ASP D 28 15.59 -23.04 -1.04
C ASP D 28 15.10 -22.14 0.09
N VAL D 29 13.93 -22.42 0.67
CA VAL D 29 13.48 -21.62 1.82
C VAL D 29 14.44 -21.77 2.99
N TYR D 30 15.12 -22.90 3.09
CA TYR D 30 16.18 -23.08 4.07
C TYR D 30 17.57 -22.72 3.54
N GLY D 31 17.65 -22.13 2.35
CA GLY D 31 18.95 -21.86 1.76
C GLY D 31 19.73 -23.11 1.42
N GLU D 32 19.05 -24.24 1.22
CA GLU D 32 19.71 -25.52 1.12
C GLU D 32 19.71 -26.11 -0.29
N ASP D 33 19.19 -25.40 -1.29
CA ASP D 33 19.31 -25.94 -2.64
C ASP D 33 20.71 -25.63 -3.16
N PRO D 34 21.51 -26.66 -3.52
CA PRO D 34 22.91 -26.41 -3.88
C PRO D 34 23.06 -25.81 -5.26
N THR D 35 22.12 -26.08 -6.17
CA THR D 35 22.27 -25.52 -7.50
C THR D 35 21.80 -24.08 -7.54
N ILE D 36 20.78 -23.74 -6.76
CA ILE D 36 20.46 -22.34 -6.49
C ILE D 36 21.67 -21.64 -5.89
N ASN D 37 22.26 -22.23 -4.84
CA ASN D 37 23.34 -21.58 -4.12
C ASN D 37 24.54 -21.34 -5.02
N GLU D 38 24.76 -22.23 -6.01
CA GLU D 38 25.88 -22.07 -6.92
C GLU D 38 25.57 -21.08 -8.03
N LEU D 39 24.32 -21.07 -8.53
CA LEU D 39 23.93 -20.05 -9.49
C LEU D 39 24.11 -18.65 -8.90
N GLU D 40 23.71 -18.46 -7.64
CA GLU D 40 23.87 -17.16 -7.01
C GLU D 40 25.34 -16.82 -6.78
N ARG D 41 26.15 -17.80 -6.36
CA ARG D 41 27.59 -17.55 -6.25
C ARG D 41 28.19 -17.13 -7.60
N LEU D 42 27.87 -17.85 -8.67
CA LEU D 42 28.39 -17.51 -9.99
C LEU D 42 27.94 -16.13 -10.45
N ALA D 43 26.65 -15.85 -10.30
CA ALA D 43 26.10 -14.55 -10.69
C ALA D 43 26.78 -13.41 -9.92
N ALA D 44 26.93 -13.57 -8.60
CA ALA D 44 27.62 -12.55 -7.80
C ALA D 44 29.06 -12.38 -8.28
N GLU D 45 29.76 -13.50 -8.44
CA GLU D 45 31.10 -13.48 -9.00
C GLU D 45 31.16 -12.74 -10.34
N THR D 46 30.26 -13.10 -11.28
CA THR D 46 30.33 -12.54 -12.63
C THR D 46 30.10 -11.02 -12.64
N PHE D 47 29.27 -10.51 -11.74
CA PHE D 47 29.00 -9.08 -11.66
C PHE D 47 29.84 -8.35 -10.63
N GLY D 48 30.78 -9.05 -9.98
CA GLY D 48 31.64 -8.41 -9.00
C GLY D 48 30.91 -7.91 -7.78
N LYS D 49 29.88 -8.62 -7.33
CA LYS D 49 29.04 -8.24 -6.22
C LYS D 49 29.16 -9.24 -5.07
N GLU D 50 28.64 -8.83 -3.91
CA GLU D 50 28.74 -9.63 -2.69
C GLU D 50 27.77 -10.79 -2.68
N ALA D 51 26.56 -10.58 -3.20
CA ALA D 51 25.50 -11.56 -3.01
C ALA D 51 24.58 -11.51 -4.22
N ALA D 52 23.73 -12.53 -4.32
CA ALA D 52 22.84 -12.69 -5.46
C ALA D 52 21.59 -13.42 -5.00
N LEU D 53 20.50 -13.19 -5.73
CA LEU D 53 19.20 -13.73 -5.39
C LEU D 53 18.50 -14.15 -6.67
N PHE D 54 18.17 -15.43 -6.77
CA PHE D 54 17.36 -15.94 -7.87
C PHE D 54 15.88 -15.58 -7.71
N VAL D 55 15.26 -15.16 -8.80
CA VAL D 55 13.84 -14.82 -8.80
C VAL D 55 13.14 -15.46 -9.99
N PRO D 56 11.84 -15.77 -9.89
CA PRO D 56 11.13 -16.43 -10.99
C PRO D 56 10.87 -15.54 -12.19
N SER D 57 11.10 -14.22 -12.09
CA SER D 57 10.86 -13.34 -13.22
C SER D 57 11.74 -12.10 -13.09
N GLY D 58 11.96 -11.44 -14.23
CA GLY D 58 12.58 -10.12 -14.18
C GLY D 58 11.72 -9.09 -13.47
N THR D 59 10.40 -9.17 -13.64
CA THR D 59 9.51 -8.27 -12.92
C THR D 59 9.74 -8.37 -11.42
N MET D 60 9.82 -9.60 -10.90
CA MET D 60 10.02 -9.71 -9.45
C MET D 60 11.42 -9.24 -9.06
N GLY D 61 12.43 -9.61 -9.84
CA GLY D 61 13.76 -9.03 -9.63
C GLY D 61 13.72 -7.53 -9.44
N ASN D 62 13.11 -6.81 -10.38
CA ASN D 62 13.05 -5.35 -10.29
C ASN D 62 12.26 -4.88 -9.06
N GLN D 63 11.15 -5.57 -8.74
CA GLN D 63 10.30 -5.08 -7.65
C GLN D 63 10.85 -5.43 -6.28
N VAL D 64 11.59 -6.54 -6.13
CA VAL D 64 12.21 -6.78 -4.81
C VAL D 64 13.37 -5.82 -4.62
N SER D 65 14.00 -5.39 -5.72
CA SER D 65 15.05 -4.37 -5.63
C SER D 65 14.44 -3.03 -5.20
N ILE D 66 13.33 -2.62 -5.81
CA ILE D 66 12.69 -1.38 -5.38
C ILE D 66 12.32 -1.45 -3.91
N MET D 67 11.74 -2.57 -3.46
CA MET D 67 11.37 -2.69 -2.06
C MET D 67 12.59 -2.59 -1.14
N ALA D 68 13.65 -3.34 -1.44
CA ALA D 68 14.83 -3.33 -0.58
C ALA D 68 15.59 -2.00 -0.61
N HIS D 69 15.36 -1.16 -1.64
CA HIS D 69 16.00 0.13 -1.77
C HIS D 69 15.21 1.28 -1.17
N THR D 70 13.90 1.12 -0.93
CA THR D 70 13.04 2.26 -0.66
C THR D 70 12.26 2.05 0.62
N GLN D 71 11.74 3.14 1.15
CA GLN D 71 10.67 3.13 2.13
C GLN D 71 9.42 3.75 1.51
N ARG D 72 8.30 3.58 2.19
CA ARG D 72 7.01 4.02 1.65
C ARG D 72 7.05 5.52 1.42
N GLY D 73 6.53 5.96 0.28
CA GLY D 73 6.55 7.38 -0.04
C GLY D 73 7.80 7.90 -0.71
N ASP D 74 8.82 7.07 -0.91
CA ASP D 74 9.97 7.49 -1.70
C ASP D 74 9.56 7.74 -3.14
N GLU D 75 10.45 8.44 -3.86
CA GLU D 75 10.35 8.61 -5.30
C GLU D 75 11.51 7.89 -5.95
N VAL D 76 11.24 7.28 -7.11
CA VAL D 76 12.17 6.46 -7.87
C VAL D 76 12.32 7.11 -9.24
N ILE D 77 13.51 7.67 -9.51
CA ILE D 77 13.76 8.25 -10.82
C ILE D 77 13.98 7.14 -11.84
N LEU D 78 13.27 7.19 -12.95
CA LEU D 78 13.46 6.21 -14.01
CA LEU D 78 13.41 6.19 -14.00
C LEU D 78 13.14 6.84 -15.35
N GLU D 79 13.55 6.15 -16.41
CA GLU D 79 13.42 6.66 -17.77
C GLU D 79 11.97 6.55 -18.22
N ALA D 80 11.52 7.55 -18.97
CA ALA D 80 10.08 7.70 -19.19
C ALA D 80 9.48 6.54 -19.98
N ASP D 81 10.30 5.80 -20.73
CA ASP D 81 9.86 4.68 -21.55
C ASP D 81 10.42 3.35 -21.05
N SER D 82 10.74 3.29 -19.76
CA SER D 82 11.41 2.13 -19.20
C SER D 82 10.38 1.07 -18.79
N HIS D 83 10.86 -0.18 -18.66
CA HIS D 83 9.99 -1.31 -18.38
C HIS D 83 9.33 -1.20 -17.02
N ILE D 84 10.07 -0.77 -16.01
CA ILE D 84 9.53 -0.69 -14.67
C ILE D 84 8.30 0.21 -14.66
N PHE D 85 8.29 1.25 -15.48
CA PHE D 85 7.18 2.20 -15.49
C PHE D 85 6.05 1.79 -16.42
N TRP D 86 6.36 1.15 -17.54
CA TRP D 86 5.33 0.88 -18.54
CA TRP D 86 5.40 0.86 -18.60
C TRP D 86 4.74 -0.51 -18.45
N ALA D 87 5.54 -1.54 -18.12
CA ALA D 87 5.11 -2.93 -18.26
C ALA D 87 5.24 -3.75 -16.98
N GLU D 88 5.17 -3.14 -15.82
CA GLU D 88 5.22 -3.91 -14.58
C GLU D 88 4.00 -3.65 -13.69
N VAL D 89 2.85 -3.43 -14.33
CA VAL D 89 1.51 -3.52 -13.73
C VAL D 89 1.37 -2.52 -12.60
N GLY D 90 2.13 -1.42 -12.65
CA GLY D 90 2.07 -0.50 -11.54
C GLY D 90 2.56 -1.03 -10.22
N ALA D 91 3.35 -2.11 -10.25
CA ALA D 91 3.77 -2.80 -9.03
C ALA D 91 4.51 -1.88 -8.06
N MET D 92 5.40 -1.00 -8.56
CA MET D 92 6.16 -0.15 -7.64
C MET D 92 5.24 0.64 -6.72
N ALA D 93 4.08 1.08 -7.22
CA ALA D 93 3.15 1.85 -6.41
C ALA D 93 2.41 0.96 -5.41
N VAL D 94 1.84 -0.16 -5.88
CA VAL D 94 1.05 -1.02 -5.01
C VAL D 94 1.93 -1.69 -3.96
N LEU D 95 3.08 -2.26 -4.39
CA LEU D 95 3.92 -3.08 -3.51
CA LEU D 95 3.90 -3.08 -3.50
C LEU D 95 4.82 -2.22 -2.63
N SER D 96 5.48 -1.22 -3.22
CA SER D 96 6.43 -0.41 -2.45
C SER D 96 5.88 0.94 -2.01
N GLY D 97 4.70 1.33 -2.49
CA GLY D 97 4.20 2.65 -2.16
C GLY D 97 5.12 3.77 -2.57
N VAL D 98 5.78 3.63 -3.72
CA VAL D 98 6.71 4.65 -4.18
C VAL D 98 6.20 5.26 -5.47
N MET D 99 6.60 6.48 -5.70
CA MET D 99 6.25 7.24 -6.89
C MET D 99 7.32 7.12 -7.93
N PRO D 100 6.97 6.80 -9.17
CA PRO D 100 7.95 6.96 -10.24
C PRO D 100 8.08 8.44 -10.56
N HIS D 101 9.27 8.82 -11.00
CA HIS D 101 9.56 10.17 -11.46
C HIS D 101 10.15 10.03 -12.86
N PRO D 102 9.29 9.97 -13.88
CA PRO D 102 9.78 9.67 -15.23
C PRO D 102 10.60 10.80 -15.80
N VAL D 103 11.72 10.44 -16.40
CA VAL D 103 12.64 11.38 -17.02
C VAL D 103 12.82 10.93 -18.46
N PRO D 104 12.44 11.72 -19.44
CA PRO D 104 12.61 11.32 -20.84
C PRO D 104 14.08 11.16 -21.18
N GLY D 105 14.42 10.05 -21.83
CA GLY D 105 15.77 9.79 -22.23
C GLY D 105 15.90 9.82 -23.75
N LYS D 106 17.14 9.69 -24.20
CA LYS D 106 17.44 9.52 -25.62
C LYS D 106 17.94 8.10 -25.81
N ASN D 107 17.12 7.26 -26.44
CA ASN D 107 17.46 5.84 -26.62
C ASN D 107 17.94 5.22 -25.32
N GLY D 108 17.25 5.51 -24.23
CA GLY D 108 17.58 4.98 -22.93
C GLY D 108 18.44 5.88 -22.08
N ALA D 109 19.13 6.86 -22.67
CA ALA D 109 20.05 7.70 -21.93
C ALA D 109 19.28 8.93 -21.45
N MET D 110 18.94 8.92 -20.16
CA MET D 110 18.51 10.13 -19.49
C MET D 110 19.64 11.14 -19.45
N ASP D 111 19.34 12.40 -19.79
CA ASP D 111 20.30 13.49 -19.63
C ASP D 111 20.66 13.60 -18.15
N PRO D 112 21.94 13.51 -17.79
CA PRO D 112 22.28 13.53 -16.35
C PRO D 112 21.86 14.80 -15.66
N ASP D 113 21.88 15.94 -16.37
CA ASP D 113 21.39 17.17 -15.76
C ASP D 113 19.89 17.09 -15.46
N ASP D 114 19.13 16.36 -16.28
CA ASP D 114 17.71 16.15 -15.96
C ASP D 114 17.56 15.27 -14.72
N VAL D 115 18.39 14.23 -14.60
CA VAL D 115 18.34 13.41 -13.41
C VAL D 115 18.58 14.26 -12.17
N ARG D 116 19.69 15.01 -12.14
CA ARG D 116 19.96 15.94 -11.05
C ARG D 116 18.75 16.82 -10.76
N LYS D 117 18.20 17.45 -11.80
CA LYS D 117 17.01 18.29 -11.64
C LYS D 117 15.85 17.53 -11.02
N ALA D 118 15.71 16.23 -11.30
CA ALA D 118 14.54 15.52 -10.82
C ALA D 118 14.67 15.10 -9.36
N ILE D 119 15.86 15.21 -8.76
CA ILE D 119 16.05 14.82 -7.37
C ILE D 119 15.36 15.81 -6.45
N ARG D 120 14.67 15.30 -5.42
CA ARG D 120 13.86 16.15 -4.54
C ARG D 120 14.68 16.79 -3.44
N ASP D 121 14.46 18.09 -3.24
CA ASP D 121 14.92 18.77 -2.02
C ASP D 121 14.26 18.14 -0.81
N GLY D 122 14.92 18.24 0.32
CA GLY D 122 14.22 17.93 1.55
C GLY D 122 13.19 19.00 1.84
N ASN D 123 11.91 18.67 1.67
CA ASN D 123 10.82 19.59 1.97
C ASN D 123 9.63 18.72 2.31
N ILE D 124 8.81 19.20 3.26
CA ILE D 124 7.74 18.34 3.79
C ILE D 124 6.77 17.92 2.70
N HIS D 125 6.65 18.73 1.64
CA HIS D 125 5.75 18.46 0.51
C HIS D 125 6.24 17.32 -0.38
N PHE D 126 7.54 16.99 -0.32
CA PHE D 126 8.12 16.18 -1.39
C PHE D 126 8.42 14.76 -0.93
N PRO D 127 8.21 13.78 -1.79
CA PRO D 127 8.79 12.46 -1.54
C PRO D 127 10.31 12.52 -1.51
N ARG D 128 10.91 11.60 -0.75
CA ARG D 128 12.37 11.48 -0.71
C ARG D 128 12.84 10.67 -1.91
N THR D 129 13.69 11.26 -2.75
CA THR D 129 14.34 10.50 -3.80
C THR D 129 15.32 9.50 -3.15
N SER D 130 15.11 8.21 -3.39
CA SER D 130 16.00 7.18 -2.85
C SER D 130 16.52 6.21 -3.90
N LEU D 131 16.10 6.30 -5.14
CA LEU D 131 16.54 5.34 -6.15
C LEU D 131 16.48 5.97 -7.53
N ILE D 132 17.50 5.69 -8.32
CA ILE D 132 17.54 5.97 -9.75
C ILE D 132 17.68 4.64 -10.47
N ALA D 133 16.78 4.37 -11.41
CA ALA D 133 16.80 3.15 -12.20
C ALA D 133 17.23 3.44 -13.63
N ILE D 134 18.08 2.56 -14.18
CA ILE D 134 18.61 2.67 -15.52
C ILE D 134 18.44 1.32 -16.22
N GLU D 135 17.92 1.33 -17.44
CA GLU D 135 17.64 0.10 -18.17
C GLU D 135 18.67 -0.09 -19.28
N ASN D 136 19.32 -1.25 -19.32
CA ASN D 136 20.37 -1.47 -20.32
C ASN D 136 20.49 -2.96 -20.64
N THR D 137 20.19 -3.35 -21.87
CA THR D 137 19.71 -2.46 -22.93
C THR D 137 18.31 -1.91 -22.68
N HIS D 138 17.99 -0.80 -23.35
CA HIS D 138 16.69 -0.15 -23.25
C HIS D 138 15.75 -0.77 -24.28
N ASN D 139 14.74 -1.48 -23.80
CA ASN D 139 13.83 -2.27 -24.64
C ASN D 139 13.05 -1.38 -25.62
N ARG D 140 12.21 -0.45 -25.11
CA ARG D 140 11.25 0.27 -25.95
C ARG D 140 11.89 1.10 -27.05
N SER D 141 13.15 1.53 -26.91
CA SER D 141 13.77 2.27 -28.00
C SER D 141 14.37 1.36 -29.07
N GLY D 142 14.18 0.05 -28.97
CA GLY D 142 14.72 -0.89 -29.95
C GLY D 142 15.99 -1.59 -29.54
N GLY D 143 16.09 -1.96 -28.26
CA GLY D 143 17.28 -2.64 -27.76
C GLY D 143 18.52 -1.78 -27.85
N ARG D 144 18.41 -0.51 -27.51
CA ARG D 144 19.53 0.41 -27.59
C ARG D 144 20.46 0.27 -26.39
N VAL D 145 21.71 0.63 -26.60
CA VAL D 145 22.78 0.46 -25.63
C VAL D 145 23.00 1.79 -24.92
N VAL D 146 22.78 1.83 -23.61
CA VAL D 146 23.04 3.05 -22.83
C VAL D 146 24.55 3.24 -22.69
N PRO D 147 25.09 4.42 -23.05
CA PRO D 147 26.55 4.63 -22.93
C PRO D 147 27.06 4.43 -21.51
N LEU D 148 28.23 3.79 -21.40
CA LEU D 148 28.84 3.60 -20.10
C LEU D 148 29.06 4.94 -19.40
N GLU D 149 29.43 5.96 -20.17
CA GLU D 149 29.69 7.28 -19.61
C GLU D 149 28.42 7.90 -19.05
N ASN D 150 27.27 7.57 -19.65
CA ASN D 150 26.00 8.03 -19.10
C ASN D 150 25.73 7.40 -17.73
N ILE D 151 25.94 6.09 -17.63
CA ILE D 151 25.72 5.39 -16.36
C ILE D 151 26.69 5.90 -15.30
N LYS D 152 27.96 6.07 -15.69
CA LYS D 152 28.98 6.57 -14.79
C LYS D 152 28.57 7.92 -14.18
N GLU D 153 28.15 8.86 -15.02
CA GLU D 153 27.78 10.17 -14.52
C GLU D 153 26.58 10.09 -13.59
N ILE D 154 25.59 9.27 -13.95
CA ILE D 154 24.40 9.15 -13.13
C ILE D 154 24.75 8.50 -11.79
N CYS D 155 25.69 7.55 -11.81
CA CYS D 155 26.16 6.97 -10.54
C CYS D 155 26.75 8.05 -9.65
N THR D 156 27.63 8.87 -10.23
CA THR D 156 28.22 9.98 -9.50
C THR D 156 27.16 10.91 -8.92
N ILE D 157 26.20 11.33 -9.75
CA ILE D 157 25.11 12.17 -9.26
C ILE D 157 24.41 11.48 -8.08
N ALA D 158 24.23 10.16 -8.16
CA ALA D 158 23.52 9.48 -7.08
C ALA D 158 24.33 9.46 -5.80
N LYS D 159 25.62 9.15 -5.90
CA LYS D 159 26.48 9.12 -4.72
C LYS D 159 26.60 10.50 -4.08
N GLU D 160 26.57 11.58 -4.87
CA GLU D 160 26.62 12.94 -4.32
C GLU D 160 25.39 13.29 -3.50
N HIS D 161 24.29 12.53 -3.64
CA HIS D 161 23.06 12.80 -2.91
C HIS D 161 22.61 11.64 -2.02
N GLY D 162 23.45 10.61 -1.82
CA GLY D 162 23.04 9.49 -0.99
C GLY D 162 21.89 8.67 -1.54
N ILE D 163 21.80 8.54 -2.87
CA ILE D 163 20.74 7.82 -3.56
C ILE D 163 21.31 6.52 -4.14
N ASN D 164 20.51 5.46 -4.08
CA ASN D 164 20.90 4.16 -4.63
C ASN D 164 20.68 4.10 -6.14
N VAL D 165 21.43 3.21 -6.81
CA VAL D 165 21.32 3.02 -8.26
C VAL D 165 20.99 1.57 -8.58
N HIS D 166 19.93 1.36 -9.35
CA HIS D 166 19.56 0.03 -9.84
C HIS D 166 19.64 -0.02 -11.36
N ILE D 167 20.35 -1.01 -11.89
CA ILE D 167 20.39 -1.24 -13.33
C ILE D 167 19.36 -2.30 -13.66
N ASP D 168 18.38 -1.96 -14.50
CA ASP D 168 17.52 -2.99 -15.08
C ASP D 168 18.31 -3.57 -16.23
N GLY D 169 18.99 -4.67 -15.97
CA GLY D 169 19.82 -5.30 -16.97
C GLY D 169 19.19 -6.56 -17.49
N ALA D 170 17.88 -6.51 -17.70
CA ALA D 170 17.19 -7.65 -18.30
C ALA D 170 18.00 -8.19 -19.48
N ARG D 171 18.50 -7.30 -20.33
CA ARG D 171 19.34 -7.69 -21.46
C ARG D 171 20.75 -7.08 -21.36
N ILE D 172 21.37 -7.19 -20.19
CA ILE D 172 22.65 -6.50 -19.97
C ILE D 172 23.78 -7.21 -20.70
N PHE D 173 23.67 -8.52 -20.95
CA PHE D 173 24.72 -9.20 -21.67
C PHE D 173 24.68 -8.84 -23.14
N ASN D 174 23.48 -8.68 -23.70
CA ASN D 174 23.36 -8.09 -25.02
C ASN D 174 24.10 -6.76 -25.08
N ALA D 175 23.86 -5.89 -24.08
CA ALA D 175 24.53 -4.59 -24.04
C ALA D 175 26.04 -4.78 -23.99
N SER D 176 26.50 -5.68 -23.12
CA SER D 176 27.92 -6.02 -23.02
C SER D 176 28.49 -6.54 -24.36
N ILE D 177 27.76 -7.43 -25.03
CA ILE D 177 28.24 -7.95 -26.32
C ILE D 177 28.38 -6.82 -27.33
N ALA D 178 27.47 -5.86 -27.30
CA ALA D 178 27.48 -4.78 -28.29
C ALA D 178 28.52 -3.70 -27.98
N SER D 179 28.82 -3.48 -26.71
CA SER D 179 29.68 -2.38 -26.30
C SER D 179 31.11 -2.81 -25.95
N GLY D 180 31.34 -4.08 -25.65
CA GLY D 180 32.61 -4.53 -25.15
C GLY D 180 32.81 -4.29 -23.67
N VAL D 181 31.97 -3.46 -23.06
CA VAL D 181 32.00 -3.20 -21.62
C VAL D 181 31.60 -4.46 -20.86
N PRO D 182 32.48 -5.00 -20.02
CA PRO D 182 32.11 -6.17 -19.21
C PRO D 182 30.99 -5.84 -18.22
N VAL D 183 30.18 -6.85 -17.89
CA VAL D 183 29.07 -6.57 -16.98
C VAL D 183 29.57 -6.24 -15.58
N LYS D 184 30.80 -6.65 -15.21
CA LYS D 184 31.37 -6.21 -13.94
C LYS D 184 31.50 -4.71 -13.90
N GLU D 185 31.91 -4.11 -15.01
CA GLU D 185 32.17 -2.68 -15.04
C GLU D 185 30.88 -1.87 -15.11
N TYR D 186 29.87 -2.38 -15.83
CA TYR D 186 28.52 -1.81 -15.69
C TYR D 186 28.10 -1.82 -14.23
N ALA D 187 28.20 -2.99 -13.59
CA ALA D 187 27.68 -3.20 -12.25
C ALA D 187 28.41 -2.39 -11.20
N GLY D 188 29.70 -2.08 -11.45
CA GLY D 188 30.43 -1.25 -10.51
C GLY D 188 29.83 0.13 -10.31
N TYR D 189 28.98 0.58 -11.25
CA TYR D 189 28.31 1.87 -11.12
C TYR D 189 26.87 1.74 -10.63
N ALA D 190 26.53 0.63 -10.00
CA ALA D 190 25.17 0.48 -9.52
C ALA D 190 25.23 -0.22 -8.18
N ASP D 191 24.22 0.05 -7.35
CA ASP D 191 24.13 -0.73 -6.13
C ASP D 191 23.55 -2.11 -6.40
N SER D 192 22.67 -2.24 -7.40
CA SER D 192 22.06 -3.52 -7.69
C SER D 192 21.82 -3.66 -9.18
N VAL D 193 21.81 -4.89 -9.65
CA VAL D 193 21.57 -5.20 -11.05
C VAL D 193 20.67 -6.43 -11.14
N MET D 194 19.58 -6.30 -11.87
CA MET D 194 18.77 -7.45 -12.25
C MET D 194 19.08 -7.80 -13.70
N PHE D 195 19.26 -9.10 -13.97
CA PHE D 195 19.43 -9.59 -15.33
C PHE D 195 18.60 -10.84 -15.53
N CYS D 196 18.08 -11.01 -16.76
CA CYS D 196 17.21 -12.14 -17.08
C CYS D 196 18.03 -13.32 -17.59
N LEU D 197 17.67 -14.52 -17.12
CA LEU D 197 18.16 -15.75 -17.73
C LEU D 197 17.23 -16.26 -18.82
N SER D 198 15.97 -15.80 -18.85
CA SER D 198 14.95 -16.42 -19.69
C SER D 198 14.70 -15.71 -21.03
N1 LLP D 199 12.91 -5.24 -17.79
C2 LLP D 199 13.18 -5.34 -19.10
C2' LLP D 199 14.06 -4.25 -19.81
C3 LLP D 199 12.70 -6.46 -19.81
O3 LLP D 199 13.01 -6.57 -21.17
C4 LLP D 199 11.93 -7.42 -19.18
C4' LLP D 199 11.38 -8.68 -20.05
C5 LLP D 199 11.66 -7.30 -17.85
C6 LLP D 199 12.15 -6.19 -17.13
C5' LLP D 199 10.76 -8.30 -17.04
OP4 LLP D 199 11.23 -9.64 -17.00
P LLP D 199 10.14 -10.72 -16.95
OP1 LLP D 199 9.16 -10.45 -15.80
OP2 LLP D 199 10.86 -12.00 -16.76
OP3 LLP D 199 9.40 -10.78 -18.26
N LLP D 199 15.54 -14.76 -21.37
CA LLP D 199 15.46 -14.14 -22.70
CB LLP D 199 15.51 -12.62 -22.53
CG LLP D 199 14.35 -12.22 -21.60
CD LLP D 199 14.00 -10.72 -21.70
CE LLP D 199 12.65 -10.46 -21.01
NZ LLP D 199 12.30 -9.03 -21.11
C LLP D 199 16.54 -14.72 -23.57
O LLP D 199 16.58 -15.93 -23.79
N GLY D 200 17.44 -13.89 -24.06
CA GLY D 200 18.46 -14.35 -24.99
C GLY D 200 19.37 -15.50 -24.53
N LEU D 201 19.52 -15.65 -23.22
CA LEU D 201 20.39 -16.69 -22.68
C LEU D 201 19.71 -18.05 -22.60
N CYS D 202 18.41 -18.09 -22.89
CA CYS D 202 17.62 -19.29 -23.18
C CYS D 202 17.23 -20.14 -21.99
N ALA D 203 17.42 -19.72 -20.72
CA ALA D 203 16.84 -20.52 -19.64
C ALA D 203 15.32 -20.46 -19.72
N PRO D 204 14.64 -21.48 -19.21
CA PRO D 204 13.16 -21.47 -19.29
C PRO D 204 12.51 -20.47 -18.36
N VAL D 205 13.12 -20.18 -17.22
CA VAL D 205 12.45 -19.42 -16.14
C VAL D 205 13.49 -18.61 -15.39
N GLY D 206 13.23 -17.32 -15.22
CA GLY D 206 13.78 -16.57 -14.09
C GLY D 206 14.92 -15.62 -14.44
N SER D 207 15.38 -14.97 -13.37
CA SER D 207 16.33 -13.86 -13.42
C SER D 207 17.12 -13.87 -12.11
N VAL D 208 18.13 -13.01 -12.02
CA VAL D 208 18.92 -12.86 -10.80
C VAL D 208 19.08 -11.38 -10.49
N VAL D 209 19.09 -11.05 -9.20
CA VAL D 209 19.47 -9.74 -8.68
C VAL D 209 20.82 -9.89 -7.97
N VAL D 210 21.76 -8.99 -8.27
CA VAL D 210 23.06 -8.95 -7.60
C VAL D 210 23.17 -7.64 -6.83
N GLY D 211 23.89 -7.69 -5.71
CA GLY D 211 24.17 -6.47 -4.95
C GLY D 211 24.86 -6.78 -3.63
N ASP D 212 24.77 -5.85 -2.68
CA ASP D 212 25.40 -6.05 -1.37
C ASP D 212 24.67 -7.08 -0.54
N ARG D 213 25.41 -7.72 0.37
CA ARG D 213 24.83 -8.74 1.24
C ARG D 213 23.65 -8.16 2.03
N ASP D 214 23.76 -6.90 2.43
CA ASP D 214 22.72 -6.18 3.14
C ASP D 214 21.45 -6.06 2.28
N PHE D 215 21.60 -5.55 1.06
CA PHE D 215 20.48 -5.36 0.16
C PHE D 215 19.85 -6.71 -0.22
N ILE D 216 20.68 -7.69 -0.58
CA ILE D 216 20.17 -8.99 -1.01
C ILE D 216 19.35 -9.64 0.10
N GLU D 217 19.80 -9.52 1.34
CA GLU D 217 19.00 -9.97 2.47
C GLU D 217 17.62 -9.30 2.49
N ARG D 218 17.57 -7.98 2.41
CA ARG D 218 16.28 -7.31 2.33
C ARG D 218 15.50 -7.77 1.10
N ALA D 219 16.18 -7.94 -0.05
CA ALA D 219 15.45 -8.40 -1.24
C ALA D 219 14.97 -9.85 -1.11
N ARG D 220 15.71 -10.70 -0.40
CA ARG D 220 15.23 -12.07 -0.18
C ARG D 220 13.95 -12.10 0.64
N LYS D 221 13.83 -11.20 1.63
CA LYS D 221 12.61 -11.17 2.43
C LYS D 221 11.45 -10.56 1.65
N ALA D 222 11.72 -9.56 0.80
CA ALA D 222 10.72 -9.07 -0.13
C ALA D 222 10.24 -10.18 -1.08
N ARG D 223 11.16 -11.03 -1.53
CA ARG D 223 10.81 -12.17 -2.39
C ARG D 223 9.86 -13.14 -1.70
N LYS D 224 10.14 -13.48 -0.44
CA LYS D 224 9.21 -14.32 0.34
C LYS D 224 7.82 -13.69 0.37
N MET D 225 7.73 -12.39 0.63
CA MET D 225 6.46 -11.69 0.71
C MET D 225 5.72 -11.73 -0.63
N LEU D 226 6.43 -11.46 -1.73
CA LEU D 226 5.80 -11.43 -3.05
C LEU D 226 5.47 -12.83 -3.59
N GLY D 227 6.00 -13.88 -2.97
CA GLY D 227 5.66 -15.24 -3.35
C GLY D 227 6.68 -15.93 -4.23
N GLY D 228 7.91 -15.41 -4.33
CA GLY D 228 9.03 -16.01 -5.04
C GLY D 228 9.91 -16.93 -4.22
N GLY D 229 9.54 -17.21 -2.96
CA GLY D 229 10.24 -18.21 -2.17
C GLY D 229 9.86 -19.63 -2.54
N MET D 230 10.63 -20.24 -3.43
CA MET D 230 10.34 -21.56 -3.97
C MET D 230 11.08 -22.64 -3.16
N ARG D 231 10.81 -23.90 -3.50
CA ARG D 231 11.41 -25.02 -2.78
C ARG D 231 12.63 -25.53 -3.56
N GLN D 232 12.50 -26.66 -4.24
CA GLN D 232 13.62 -27.25 -4.96
C GLN D 232 13.83 -26.53 -6.29
N ALA D 233 14.08 -25.22 -6.20
CA ALA D 233 14.27 -24.39 -7.38
C ALA D 233 15.56 -24.71 -8.12
N GLY D 234 16.41 -25.58 -7.59
CA GLY D 234 17.63 -25.90 -8.31
C GLY D 234 17.38 -26.49 -9.68
N VAL D 235 16.18 -27.02 -9.90
CA VAL D 235 15.77 -27.52 -11.22
C VAL D 235 15.81 -26.40 -12.24
N LEU D 236 15.44 -25.19 -11.84
CA LEU D 236 15.54 -24.02 -12.71
C LEU D 236 16.96 -23.47 -12.70
N ALA D 237 17.63 -23.51 -11.55
CA ALA D 237 18.93 -22.89 -11.46
C ALA D 237 19.97 -23.66 -12.28
N ALA D 238 19.77 -24.97 -12.45
CA ALA D 238 20.65 -25.74 -13.33
C ALA D 238 20.69 -25.14 -14.73
N ALA D 239 19.52 -24.89 -15.32
CA ALA D 239 19.47 -24.22 -16.61
C ALA D 239 20.12 -22.84 -16.54
N GLY D 240 19.94 -22.14 -15.42
CA GLY D 240 20.48 -20.80 -15.31
C GLY D 240 21.99 -20.78 -15.30
N ILE D 241 22.61 -21.78 -14.69
CA ILE D 241 24.08 -21.85 -14.73
C ILE D 241 24.55 -21.99 -16.16
N ILE D 242 23.88 -22.85 -16.94
CA ILE D 242 24.24 -23.04 -18.34
C ILE D 242 24.00 -21.75 -19.13
N ALA D 243 22.81 -21.16 -18.96
CA ALA D 243 22.49 -19.89 -19.61
C ALA D 243 23.54 -18.83 -19.30
N LEU D 244 23.97 -18.75 -18.04
CA LEU D 244 24.92 -17.71 -17.65
C LEU D 244 26.32 -18.01 -18.17
N THR D 245 26.75 -19.28 -18.15
CA THR D 245 28.14 -19.63 -18.43
C THR D 245 28.40 -20.05 -19.89
N LYS D 246 27.38 -20.50 -20.62
CA LYS D 246 27.58 -21.00 -21.98
C LYS D 246 26.82 -20.26 -23.07
N MET D 247 25.92 -19.33 -22.76
CA MET D 247 25.04 -18.78 -23.78
C MET D 247 25.31 -17.30 -24.06
N VAL D 248 26.33 -16.71 -23.46
CA VAL D 248 26.59 -15.29 -23.64
C VAL D 248 27.24 -15.02 -24.99
N ASP D 249 28.35 -15.71 -25.27
CA ASP D 249 29.11 -15.44 -26.49
C ASP D 249 28.21 -15.43 -27.73
N ARG D 250 27.34 -16.42 -27.86
CA ARG D 250 26.54 -16.55 -29.08
C ARG D 250 25.47 -15.45 -29.24
N LEU D 251 25.28 -14.55 -28.27
CA LEU D 251 24.34 -13.45 -28.49
C LEU D 251 24.74 -12.64 -29.70
N LYS D 252 26.04 -12.63 -30.03
CA LYS D 252 26.54 -12.03 -31.26
C LYS D 252 25.80 -12.55 -32.50
N GLU D 253 25.41 -13.82 -32.50
CA GLU D 253 24.64 -14.33 -33.64
C GLU D 253 23.30 -13.64 -33.73
N ASP D 254 22.64 -13.45 -32.58
CA ASP D 254 21.39 -12.72 -32.58
C ASP D 254 21.60 -11.30 -33.11
N HIS D 255 22.68 -10.63 -32.68
CA HIS D 255 22.93 -9.27 -33.16
C HIS D 255 23.17 -9.25 -34.66
N GLU D 256 23.93 -10.22 -35.19
CA GLU D 256 24.18 -10.24 -36.63
C GLU D 256 22.92 -10.59 -37.40
N ASN D 257 22.13 -11.53 -36.89
CA ASN D 257 20.85 -11.82 -37.54
C ASN D 257 19.95 -10.59 -37.55
N ALA D 258 19.88 -9.87 -36.43
CA ALA D 258 19.03 -8.69 -36.37
C ALA D 258 19.52 -7.63 -37.34
N ARG D 259 20.85 -7.46 -37.43
CA ARG D 259 21.42 -6.48 -38.37
C ARG D 259 21.17 -6.87 -39.81
N PHE D 260 21.34 -8.15 -40.15
CA PHE D 260 21.05 -8.62 -41.50
C PHE D 260 19.58 -8.45 -41.83
N LEU D 261 18.70 -8.75 -40.88
CA LEU D 261 17.27 -8.66 -41.10
C LEU D 261 16.85 -7.22 -41.41
N ALA D 262 17.38 -6.26 -40.65
CA ALA D 262 17.05 -4.86 -40.89
C ALA D 262 17.61 -4.40 -42.23
N LEU D 263 18.88 -4.69 -42.49
CA LEU D 263 19.53 -4.30 -43.74
C LEU D 263 18.70 -4.73 -44.96
N LYS D 264 18.25 -5.97 -44.95
CA LYS D 264 17.47 -6.48 -46.07
C LYS D 264 16.05 -5.90 -46.11
N LEU D 265 15.46 -5.63 -44.94
CA LEU D 265 14.11 -5.06 -44.91
C LEU D 265 14.10 -3.68 -45.53
N LYS D 266 15.14 -2.88 -45.27
CA LYS D 266 15.23 -1.57 -45.90
C LYS D 266 15.39 -1.69 -47.42
N GLU D 267 16.15 -2.69 -47.86
CA GLU D 267 16.35 -2.89 -49.30
C GLU D 267 15.04 -3.22 -49.98
N ILE D 268 14.20 -4.01 -49.32
CA ILE D 268 12.86 -4.30 -49.87
C ILE D 268 12.07 -3.01 -50.03
N GLY D 269 12.23 -2.08 -49.09
CA GLY D 269 11.52 -0.82 -49.12
C GLY D 269 10.76 -0.49 -47.85
N TYR D 270 10.96 -1.28 -46.79
CA TYR D 270 10.33 -1.01 -45.52
C TYR D 270 11.04 0.12 -44.78
N SER D 271 10.27 0.83 -43.97
CA SER D 271 10.83 1.92 -43.16
C SER D 271 11.51 1.31 -41.95
N VAL D 272 12.79 0.98 -42.12
CA VAL D 272 13.67 0.58 -41.03
C VAL D 272 14.96 1.38 -41.17
N ASN D 273 15.66 1.51 -40.04
CA ASN D 273 16.94 2.18 -39.94
C ASN D 273 17.96 1.15 -39.50
N PRO D 274 18.69 0.52 -40.44
CA PRO D 274 19.65 -0.53 -40.02
C PRO D 274 20.76 0.01 -39.12
N GLU D 275 21.06 1.31 -39.21
CA GLU D 275 22.02 1.95 -38.31
C GLU D 275 21.53 1.99 -36.86
N ASP D 276 20.21 1.95 -36.62
CA ASP D 276 19.68 1.90 -35.25
C ASP D 276 19.77 0.51 -34.61
N VAL D 277 20.06 -0.53 -35.39
CA VAL D 277 20.00 -1.90 -34.87
C VAL D 277 21.30 -2.23 -34.16
N LYS D 278 21.30 -2.07 -32.84
CA LYS D 278 22.50 -2.21 -32.04
C LYS D 278 22.62 -3.58 -31.41
N THR D 279 21.50 -4.21 -31.07
CA THR D 279 21.51 -5.55 -30.49
C THR D 279 20.58 -6.48 -31.28
N ASN D 280 19.59 -7.07 -30.61
CA ASN D 280 18.80 -8.14 -31.23
C ASN D 280 17.40 -7.67 -31.60
N MET D 281 17.21 -6.36 -31.78
CA MET D 281 15.90 -5.80 -32.03
C MET D 281 15.89 -4.88 -33.25
N VAL D 282 14.84 -4.99 -34.05
CA VAL D 282 14.60 -4.14 -35.20
C VAL D 282 13.24 -3.47 -35.01
N ILE D 283 13.18 -2.18 -35.30
CA ILE D 283 11.92 -1.44 -35.30
C ILE D 283 11.57 -1.13 -36.75
N LEU D 284 10.35 -1.48 -37.14
CA LEU D 284 9.87 -1.24 -38.48
C LEU D 284 8.68 -0.30 -38.40
N ARG D 285 8.72 0.81 -39.15
CA ARG D 285 7.65 1.79 -39.22
C ARG D 285 6.67 1.43 -40.34
N THR D 286 5.38 1.68 -40.13
CA THR D 286 4.34 1.42 -41.13
C THR D 286 3.90 2.68 -41.87
N ASP D 287 4.74 3.72 -41.88
CA ASP D 287 4.33 5.04 -42.37
C ASP D 287 4.27 5.11 -43.88
N ASN D 288 5.05 4.28 -44.59
CA ASN D 288 4.94 4.13 -46.03
C ASN D 288 4.12 2.91 -46.41
N LEU D 289 3.32 2.40 -45.48
CA LEU D 289 2.39 1.33 -45.75
C LEU D 289 0.96 1.87 -45.68
N LYS D 290 0.05 1.18 -46.37
CA LYS D 290 -1.37 1.51 -46.28
C LYS D 290 -2.03 0.90 -45.06
N VAL D 291 -1.27 0.20 -44.22
CA VAL D 291 -1.79 -0.33 -42.97
C VAL D 291 -1.06 0.34 -41.81
N ASN D 292 -1.62 0.15 -40.61
CA ASN D 292 -0.96 0.54 -39.38
C ASN D 292 -0.24 -0.68 -38.78
N ALA D 293 0.34 -0.49 -37.60
CA ALA D 293 1.13 -1.54 -36.98
C ALA D 293 0.30 -2.78 -36.72
N HIS D 294 -0.95 -2.61 -36.28
CA HIS D 294 -1.78 -3.76 -35.92
C HIS D 294 -2.24 -4.53 -37.16
N GLY D 295 -2.64 -3.81 -38.22
CA GLY D 295 -3.01 -4.49 -39.45
C GLY D 295 -1.84 -5.22 -40.08
N PHE D 296 -0.64 -4.63 -40.00
CA PHE D 296 0.54 -5.32 -40.52
C PHE D 296 0.87 -6.57 -39.70
N ILE D 297 0.67 -6.51 -38.38
CA ILE D 297 0.87 -7.70 -37.55
C ILE D 297 -0.02 -8.84 -38.02
N GLU D 298 -1.27 -8.53 -38.40
CA GLU D 298 -2.18 -9.57 -38.84
C GLU D 298 -1.78 -10.13 -40.19
N ALA D 299 -1.39 -9.27 -41.12
CA ALA D 299 -0.91 -9.76 -42.40
C ALA D 299 0.32 -10.66 -42.21
N LEU D 300 1.24 -10.25 -41.33
CA LEU D 300 2.42 -11.06 -41.05
C LEU D 300 2.05 -12.37 -40.38
N ARG D 301 1.20 -12.31 -39.35
CA ARG D 301 0.74 -13.53 -38.71
C ARG D 301 0.14 -14.49 -39.73
N ASN D 302 -0.70 -13.97 -40.62
CA ASN D 302 -1.34 -14.82 -41.62
C ASN D 302 -0.32 -15.41 -42.58
N SER D 303 0.82 -14.74 -42.76
CA SER D 303 1.85 -15.25 -43.66
C SER D 303 2.92 -16.07 -42.95
N GLY D 304 2.77 -16.32 -41.65
CA GLY D 304 3.71 -17.13 -40.91
C GLY D 304 4.77 -16.41 -40.10
N VAL D 305 4.65 -15.09 -39.91
CA VAL D 305 5.66 -14.32 -39.17
C VAL D 305 4.97 -13.65 -37.99
N LEU D 306 5.49 -13.93 -36.79
CA LEU D 306 4.95 -13.36 -35.55
C LEU D 306 5.82 -12.18 -35.13
N ALA D 307 5.19 -11.03 -34.93
CA ALA D 307 5.83 -9.85 -34.37
C ALA D 307 4.84 -9.18 -33.45
N GLU D 308 5.26 -8.11 -32.80
CA GLU D 308 4.27 -7.35 -32.04
C GLU D 308 4.45 -5.88 -32.31
N ALA D 309 3.32 -5.17 -32.31
CA ALA D 309 3.34 -3.73 -32.43
C ALA D 309 3.70 -3.13 -31.10
N VAL D 310 4.43 -2.02 -31.15
CA VAL D 310 4.84 -1.29 -29.95
C VAL D 310 4.20 0.07 -29.90
N SER D 311 3.52 0.50 -30.96
CA SER D 311 2.67 1.68 -31.00
C SER D 311 1.74 1.49 -32.18
N ASP D 312 0.98 2.53 -32.54
CA ASP D 312 0.11 2.41 -33.70
C ASP D 312 0.88 2.36 -35.03
N THR D 313 2.14 2.80 -35.07
CA THR D 313 2.85 2.85 -36.34
C THR D 313 4.20 2.13 -36.30
N GLU D 314 4.50 1.41 -35.22
CA GLU D 314 5.79 0.75 -35.07
C GLU D 314 5.62 -0.69 -34.64
N ILE D 315 6.47 -1.54 -35.20
CA ILE D 315 6.53 -2.96 -34.88
CA ILE D 315 6.52 -2.95 -34.83
C ILE D 315 7.94 -3.29 -34.44
N ARG D 316 8.07 -4.22 -33.50
CA ARG D 316 9.37 -4.65 -32.98
C ARG D 316 9.60 -6.10 -33.41
N LEU D 317 10.76 -6.34 -34.04
CA LEU D 317 11.22 -7.67 -34.43
C LEU D 317 12.42 -8.04 -33.58
N VAL D 318 12.40 -9.23 -33.00
CA VAL D 318 13.43 -9.65 -32.05
C VAL D 318 13.97 -11.00 -32.47
N THR D 319 15.29 -11.08 -32.60
CA THR D 319 16.04 -12.29 -32.93
C THR D 319 16.55 -12.93 -31.65
N HIS D 320 16.78 -14.24 -31.73
CA HIS D 320 17.09 -15.07 -30.57
C HIS D 320 17.59 -16.42 -31.07
N LYS D 321 17.94 -17.30 -30.13
CA LYS D 321 18.59 -18.56 -30.47
C LYS D 321 17.71 -19.43 -31.37
N ASP D 322 16.39 -19.33 -31.26
CA ASP D 322 15.52 -20.21 -32.05
C ASP D 322 15.19 -19.63 -33.42
N VAL D 323 15.91 -18.62 -33.87
CA VAL D 323 15.72 -18.05 -35.19
C VAL D 323 17.08 -18.10 -35.89
N SER D 324 17.26 -19.08 -36.79
CA SER D 324 18.51 -19.26 -37.53
C SER D 324 18.61 -18.25 -38.68
N ARG D 325 19.81 -18.15 -39.25
CA ARG D 325 19.97 -17.33 -40.45
C ARG D 325 19.00 -17.79 -41.54
N ASN D 326 18.82 -19.11 -41.71
CA ASN D 326 17.85 -19.62 -42.67
C ASN D 326 16.45 -19.13 -42.36
N ASP D 327 16.08 -19.11 -41.07
CA ASP D 327 14.82 -18.52 -40.64
C ASP D 327 14.72 -17.05 -41.01
N ILE D 328 15.77 -16.27 -40.73
CA ILE D 328 15.76 -14.85 -41.11
C ILE D 328 15.52 -14.71 -42.61
N GLU D 329 16.21 -15.53 -43.42
CA GLU D 329 16.07 -15.44 -44.86
C GLU D 329 14.67 -15.84 -45.31
N GLU D 330 14.12 -16.91 -44.75
CA GLU D 330 12.75 -17.28 -45.12
C GLU D 330 11.77 -16.19 -44.68
N ALA D 331 12.03 -15.54 -43.55
CA ALA D 331 11.20 -14.43 -43.12
C ALA D 331 11.34 -13.24 -44.07
N LEU D 332 12.56 -12.98 -44.56
CA LEU D 332 12.75 -11.88 -45.49
C LEU D 332 11.97 -12.11 -46.78
N ASN D 333 11.92 -13.36 -47.26
CA ASN D 333 11.17 -13.66 -48.47
C ASN D 333 9.68 -13.44 -48.27
N ILE D 334 9.17 -13.75 -47.07
CA ILE D 334 7.80 -13.41 -46.73
C ILE D 334 7.59 -11.89 -46.70
N PHE D 335 8.49 -11.18 -46.00
CA PHE D 335 8.39 -9.71 -45.96
C PHE D 335 8.41 -9.12 -47.37
N GLU D 336 9.28 -9.65 -48.23
CA GLU D 336 9.38 -9.16 -49.61
C GLU D 336 8.08 -9.37 -50.37
N LYS D 337 7.47 -10.56 -50.23
CA LYS D 337 6.24 -10.85 -50.92
C LYS D 337 5.15 -9.88 -50.52
N LEU D 338 4.94 -9.72 -49.21
CA LEU D 338 3.88 -8.85 -48.72
C LEU D 338 4.12 -7.38 -49.03
N PHE D 339 5.37 -6.98 -49.32
CA PHE D 339 5.68 -5.56 -49.37
C PHE D 339 4.82 -4.84 -50.41
N SER D 340 4.79 -5.34 -51.65
CA SER D 340 3.91 -4.73 -52.63
C SER D 340 2.45 -4.76 -52.19
N GLN D 341 2.05 -5.78 -51.43
CA GLN D 341 0.69 -5.89 -50.93
C GLN D 341 0.37 -4.94 -49.78
N VAL D 342 1.35 -4.27 -49.20
CA VAL D 342 1.14 -3.45 -48.01
C VAL D 342 1.56 -1.99 -48.17
N GLN D 343 2.20 -1.61 -49.28
CA GLN D 343 2.72 -0.26 -49.38
C GLN D 343 1.61 0.74 -49.77
N HIS D 344 1.91 2.02 -49.57
CA HIS D 344 0.96 3.13 -49.78
C HIS D 344 1.00 3.64 -51.22
CA CA E . -16.43 18.10 20.94
CA CA F . -5.74 31.32 4.75
CA CA G . 9.16 -30.52 -2.69
C1 PEG H . 7.78 25.16 -0.28
O1 PEG H . 6.75 24.46 -0.96
C2 PEG H . 7.39 25.56 1.13
O2 PEG H . 7.13 24.40 1.92
C3 PEG H . 7.06 24.67 3.31
C4 PEG H . 8.43 24.62 3.89
O4 PEG H . 8.41 24.69 5.30
CA CA I . 13.11 -18.45 -22.59
#